data_2CQT
#
_entry.id   2CQT
#
_cell.length_a   85.275
_cell.length_b   98.800
_cell.length_c   105.102
_cell.angle_alpha   90.00
_cell.angle_beta   102.53
_cell.angle_gamma   90.00
#
_symmetry.space_group_name_H-M   'P 1 21 1'
#
loop_
_entity.id
_entity.type
_entity.pdbx_description
1 polymer 'Cellobiose Phosphorylase'
2 non-polymer beta-D-glucopyranose
3 non-polymer 'PHOSPHATE ION'
4 non-polymer GLYCEROL
5 water water
#
_entity_poly.entity_id   1
_entity_poly.type   'polypeptide(L)'
_entity_poly.pdbx_seq_one_letter_code
;MGSSHHHHHHSSGLVPRGSHMRYGHFDDAAREYVITTPHTPYPWINYLGSEQFFSLLSHQAGGYSFYRDAKMRRLTRYRY
NNIPADAGGRYLYVNDGGDVWTPSWLPVKADLDHFEARHGLGYSRITGERNGLKVETLFFVPLGENAEVQKVTVTNTSDA
PKTATLFSFVEFCLWNAQDDQTNYQRNLSIGEVEVEQDGPHGSAIYHKTEYRERRDHYAVFGVNTRADGFDTDRDTFVGA
YNSLGEASVPRAGKSADSVASGWYPIGSHSVAVTLQPGESRDLVYVLGYLENPDEEKWADDAHQVVNKAPAHALLGRFAT
SEQVDAALEALNSYWTNLLSTYSVSSTDEKLDRMVNIWNQYQCMVTFNMSRSASFFETGIGRGMGFRDSNQDLLGFVHLI
PERARERIIDIASTQFADGSAYHQYQPLTKRGNNDIGSGFNDDPLWLIAGVAAYIKESGDWGILDEPVPFDNEPGSEVPL
FEHLTRSFQFTVQNRGPHGLPLIGRADWNDCLNLNCFSTTPGESFQTTENQAGGVAESVFIAAQFVLYGAEYATLAERRG
LADVATEARKYVDEVRAAVLEHGWDGQWFLRAYDYYGNPVGTDAKPEGKIWIEPQGFAVMAGIGVGEGPDDADAPAVKAL
DSVNEMLGTPHGLVLQYPAYTTYQIELGEVSTYPPGYKENGGIFCHNNPWVIIAETVVGRGAQAFDYYKRITPAYREDIS
DTHKLEPYVYAQMIAGKEAVRAGEAKNSWLTGTAAWNFVAVSQYLLGVRPDYDGLVVDPQIGPDVPSYTVTRVARGATYE
ITVTNSGAPGARASLTVDGAPVDGRTVPYAPAGSTVRVEVTV
;
_entity_poly.pdbx_strand_id   A,B
#
loop_
_chem_comp.id
_chem_comp.type
_chem_comp.name
_chem_comp.formula
BGC D-saccharide, beta linking beta-D-glucopyranose 'C6 H12 O6'
GOL non-polymer GLYCEROL 'C3 H8 O3'
PO4 non-polymer 'PHOSPHATE ION' 'O4 P -3'
#
# COMPACT_ATOMS: atom_id res chain seq x y z
N MET A 21 -10.14 -12.85 33.55
CA MET A 21 -10.38 -13.40 32.19
C MET A 21 -9.05 -13.59 31.46
N ARG A 22 -8.66 -14.85 31.28
CA ARG A 22 -7.40 -15.18 30.63
C ARG A 22 -7.58 -16.21 29.51
N TYR A 23 -6.65 -16.21 28.57
CA TYR A 23 -6.68 -17.11 27.42
C TYR A 23 -5.43 -17.98 27.40
N GLY A 24 -4.72 -17.98 28.53
CA GLY A 24 -3.50 -18.76 28.65
C GLY A 24 -2.82 -18.48 29.96
N HIS A 25 -1.51 -18.75 30.03
CA HIS A 25 -0.77 -18.53 31.25
C HIS A 25 0.73 -18.57 31.01
N PHE A 26 1.50 -18.02 31.94
CA PHE A 26 2.94 -18.00 31.87
C PHE A 26 3.51 -19.31 32.39
N ASP A 27 4.54 -19.81 31.72
CA ASP A 27 5.24 -21.02 32.14
C ASP A 27 6.67 -20.51 32.34
N ASP A 28 6.96 -20.03 33.55
CA ASP A 28 8.28 -19.48 33.83
C ASP A 28 9.45 -20.45 33.62
N ALA A 29 9.31 -21.68 34.10
CA ALA A 29 10.36 -22.67 33.96
C ALA A 29 10.74 -22.90 32.50
N ALA A 30 9.76 -22.87 31.62
CA ALA A 30 10.01 -23.09 30.20
C ALA A 30 10.26 -21.79 29.45
N ARG A 31 10.10 -20.66 30.14
CA ARG A 31 10.26 -19.34 29.54
C ARG A 31 9.34 -19.23 28.32
N GLU A 32 8.05 -19.54 28.52
CA GLU A 32 7.08 -19.47 27.44
C GLU A 32 5.76 -18.92 27.93
N TYR A 33 4.93 -18.47 27.00
CA TYR A 33 3.59 -18.04 27.35
C TYR A 33 2.73 -19.08 26.65
N VAL A 34 1.87 -19.74 27.42
CA VAL A 34 1.02 -20.79 26.88
C VAL A 34 -0.38 -20.29 26.59
N ILE A 35 -0.77 -20.35 25.31
CA ILE A 35 -2.10 -19.93 24.89
C ILE A 35 -2.93 -21.21 24.76
N THR A 36 -3.98 -21.30 25.57
CA THR A 36 -4.80 -22.50 25.60
C THR A 36 -6.04 -22.54 24.73
N THR A 37 -6.21 -21.53 23.89
CA THR A 37 -7.36 -21.48 23.00
C THR A 37 -7.07 -20.68 21.74
N PRO A 38 -7.68 -21.05 20.62
CA PRO A 38 -7.39 -20.26 19.42
C PRO A 38 -8.25 -18.99 19.45
N HIS A 39 -9.26 -18.98 20.32
CA HIS A 39 -10.18 -17.85 20.43
C HIS A 39 -9.72 -16.71 21.34
N THR A 40 -8.62 -16.08 20.97
CA THR A 40 -8.08 -14.96 21.73
C THR A 40 -8.79 -13.68 21.28
N PRO A 41 -8.66 -12.59 22.05
CA PRO A 41 -9.31 -11.32 21.71
C PRO A 41 -8.72 -10.71 20.43
N TYR A 42 -7.48 -11.08 20.13
CA TYR A 42 -6.81 -10.55 18.94
C TYR A 42 -5.64 -11.48 18.67
N PRO A 43 -5.14 -11.50 17.42
CA PRO A 43 -4.01 -12.39 17.15
C PRO A 43 -2.82 -12.03 18.04
N TRP A 44 -2.26 -13.04 18.70
CA TRP A 44 -1.12 -12.83 19.58
C TRP A 44 0.12 -13.42 18.93
N ILE A 45 1.11 -12.58 18.67
CA ILE A 45 2.32 -13.03 17.98
C ILE A 45 3.61 -13.15 18.77
N ASN A 46 4.57 -13.78 18.11
CA ASN A 46 5.91 -13.96 18.65
C ASN A 46 6.81 -13.61 17.46
N TYR A 47 8.03 -13.21 17.76
CA TYR A 47 9.00 -12.86 16.73
C TYR A 47 10.05 -13.94 16.75
N LEU A 48 10.41 -14.44 15.57
CA LEU A 48 11.44 -15.47 15.47
C LEU A 48 12.66 -14.80 14.85
N GLY A 49 13.84 -15.20 15.31
CA GLY A 49 15.07 -14.62 14.80
C GLY A 49 15.56 -13.47 15.67
N SER A 50 16.87 -13.28 15.72
CA SER A 50 17.45 -12.20 16.52
C SER A 50 18.68 -11.61 15.82
N GLU A 51 18.92 -12.05 14.58
CA GLU A 51 20.08 -11.56 13.86
C GLU A 51 19.74 -10.77 12.61
N GLN A 52 19.60 -11.44 11.46
CA GLN A 52 19.28 -10.76 10.22
C GLN A 52 17.98 -11.21 9.57
N PHE A 53 17.51 -12.40 9.94
CA PHE A 53 16.29 -12.97 9.38
C PHE A 53 15.21 -13.01 10.46
N PHE A 54 14.02 -12.51 10.14
CA PHE A 54 12.93 -12.45 11.11
C PHE A 54 11.58 -12.97 10.63
N SER A 55 10.80 -13.52 11.56
CA SER A 55 9.48 -14.05 11.27
C SER A 55 8.47 -13.54 12.29
N LEU A 56 7.31 -13.10 11.79
CA LEU A 56 6.23 -12.67 12.67
C LEU A 56 5.33 -13.90 12.68
N LEU A 57 5.17 -14.52 13.84
CA LEU A 57 4.35 -15.72 13.97
C LEU A 57 3.23 -15.57 14.99
N SER A 58 1.98 -15.67 14.55
CA SER A 58 0.85 -15.54 15.48
C SER A 58 0.53 -16.92 16.05
N HIS A 59 -0.32 -16.96 17.07
CA HIS A 59 -0.70 -18.22 17.70
C HIS A 59 -1.55 -19.09 16.78
N GLN A 60 -1.79 -18.59 15.56
CA GLN A 60 -2.56 -19.33 14.57
C GLN A 60 -1.69 -19.50 13.32
N ALA A 61 -0.38 -19.45 13.51
CA ALA A 61 0.59 -19.61 12.43
C ALA A 61 0.54 -18.50 11.39
N GLY A 62 -0.09 -17.39 11.73
CA GLY A 62 -0.20 -16.29 10.79
C GLY A 62 1.03 -15.38 10.76
N GLY A 63 1.16 -14.58 9.71
CA GLY A 63 2.29 -13.68 9.62
C GLY A 63 3.14 -13.83 8.37
N TYR A 64 4.40 -13.42 8.46
CA TYR A 64 5.32 -13.48 7.33
C TYR A 64 6.77 -13.42 7.77
N SER A 65 7.69 -13.56 6.81
CA SER A 65 9.11 -13.53 7.10
C SER A 65 9.85 -12.60 6.15
N PHE A 66 10.97 -12.05 6.60
CA PHE A 66 11.76 -11.15 5.77
C PHE A 66 13.23 -11.17 6.17
N TYR A 67 14.07 -10.76 5.24
CA TYR A 67 15.50 -10.72 5.45
C TYR A 67 15.97 -9.28 5.63
N ARG A 68 16.36 -8.93 6.85
CA ARG A 68 16.87 -7.59 7.19
C ARG A 68 15.93 -6.40 7.03
N ASP A 69 15.12 -6.41 5.99
CA ASP A 69 14.22 -5.31 5.69
C ASP A 69 12.83 -5.83 5.30
N ALA A 70 11.84 -5.50 6.11
CA ALA A 70 10.46 -5.94 5.90
C ALA A 70 9.83 -5.34 4.65
N LYS A 71 10.37 -4.23 4.18
CA LYS A 71 9.84 -3.59 2.99
C LYS A 71 10.53 -4.01 1.70
N MET A 72 11.84 -4.29 1.78
CA MET A 72 12.59 -4.62 0.58
C MET A 72 12.93 -6.09 0.31
N ARG A 73 12.92 -6.91 1.35
CA ARG A 73 13.25 -8.33 1.21
C ARG A 73 12.25 -9.21 1.97
N ARG A 74 10.96 -8.99 1.74
CA ARG A 74 9.92 -9.78 2.41
C ARG A 74 9.70 -11.06 1.61
N LEU A 75 9.99 -12.21 2.23
CA LEU A 75 9.85 -13.50 1.55
C LEU A 75 8.41 -13.93 1.29
N THR A 76 7.54 -13.77 2.30
CA THR A 76 6.15 -14.21 2.20
C THR A 76 5.11 -13.11 2.40
N ARG A 77 3.95 -13.29 1.77
CA ARG A 77 2.86 -12.32 1.83
C ARG A 77 1.94 -12.43 3.03
N TYR A 78 1.58 -11.29 3.59
CA TYR A 78 0.66 -11.23 4.72
C TYR A 78 -0.32 -10.07 4.51
N ARG A 79 -1.59 -10.31 4.74
CA ARG A 79 -2.61 -9.28 4.56
C ARG A 79 -3.05 -8.63 5.86
N TYR A 80 -2.80 -7.33 5.97
CA TYR A 80 -3.21 -6.58 7.15
C TYR A 80 -4.69 -6.27 6.95
N ASN A 81 -5.43 -6.12 8.04
CA ASN A 81 -6.87 -5.83 8.00
C ASN A 81 -7.61 -6.77 7.03
N ASN A 82 -7.39 -8.06 7.22
CA ASN A 82 -8.05 -9.08 6.40
C ASN A 82 -9.33 -9.45 7.13
N ILE A 83 -10.24 -10.16 6.46
CA ILE A 83 -11.48 -10.58 7.09
C ILE A 83 -11.65 -12.08 6.93
N PRO A 84 -11.45 -12.85 8.01
CA PRO A 84 -11.10 -12.39 9.36
C PRO A 84 -9.62 -12.07 9.50
N ALA A 85 -9.27 -11.43 10.61
CA ALA A 85 -7.89 -11.07 10.86
C ALA A 85 -7.00 -12.32 10.89
N ASP A 86 -5.78 -12.15 10.42
CA ASP A 86 -4.79 -13.21 10.44
C ASP A 86 -5.15 -14.50 9.71
N ALA A 87 -5.83 -14.39 8.57
CA ALA A 87 -6.17 -15.57 7.79
C ALA A 87 -5.10 -15.68 6.70
N GLY A 88 -4.00 -16.35 7.03
CA GLY A 88 -2.90 -16.52 6.10
C GLY A 88 -1.59 -16.65 6.85
N GLY A 89 -0.84 -17.70 6.54
CA GLY A 89 0.43 -17.92 7.20
C GLY A 89 0.98 -19.28 6.80
N ARG A 90 1.70 -19.93 7.71
CA ARG A 90 2.27 -21.25 7.43
C ARG A 90 1.24 -22.28 7.81
N TYR A 91 0.58 -22.86 6.82
CA TYR A 91 -0.44 -23.84 7.09
C TYR A 91 -0.07 -25.27 6.72
N LEU A 92 -0.71 -26.20 7.40
CA LEU A 92 -0.52 -27.62 7.16
C LEU A 92 -1.91 -28.24 7.13
N TYR A 93 -2.44 -28.42 5.93
CA TYR A 93 -3.76 -29.02 5.78
C TYR A 93 -3.63 -30.52 5.98
N VAL A 94 -4.51 -31.07 6.82
CA VAL A 94 -4.51 -32.50 7.07
C VAL A 94 -5.75 -33.11 6.44
N ASN A 95 -5.56 -34.06 5.53
CA ASN A 95 -6.70 -34.74 4.93
C ASN A 95 -6.71 -36.15 5.49
N ASP A 96 -7.66 -36.41 6.37
CA ASP A 96 -7.79 -37.72 7.02
C ASP A 96 -9.07 -38.35 6.51
N GLY A 97 -8.94 -39.19 5.48
CA GLY A 97 -10.10 -39.85 4.91
C GLY A 97 -11.15 -38.88 4.37
N GLY A 98 -10.70 -37.78 3.77
CA GLY A 98 -11.65 -36.83 3.23
C GLY A 98 -11.96 -35.66 4.15
N ASP A 99 -11.68 -35.81 5.43
CA ASP A 99 -11.93 -34.72 6.39
C ASP A 99 -10.67 -33.83 6.39
N VAL A 100 -10.86 -32.54 6.11
CA VAL A 100 -9.75 -31.61 6.07
C VAL A 100 -9.78 -30.62 7.23
N TRP A 101 -8.65 -30.48 7.90
CA TRP A 101 -8.51 -29.58 9.03
C TRP A 101 -7.08 -29.06 9.14
N THR A 102 -6.88 -27.99 9.90
CA THR A 102 -5.55 -27.43 10.11
C THR A 102 -5.31 -27.33 11.61
N PRO A 103 -4.14 -27.80 12.09
CA PRO A 103 -3.78 -27.76 13.52
C PRO A 103 -3.74 -26.38 14.14
N SER A 104 -3.59 -25.36 13.31
CA SER A 104 -3.53 -23.99 13.78
C SER A 104 -4.95 -23.41 13.86
N TRP A 105 -5.93 -24.29 13.65
CA TRP A 105 -7.37 -23.95 13.65
C TRP A 105 -7.69 -23.17 12.39
N LEU A 106 -7.34 -21.88 12.36
CA LEU A 106 -7.56 -21.13 11.13
C LEU A 106 -6.64 -21.84 10.13
N PRO A 107 -6.95 -21.79 8.82
CA PRO A 107 -8.09 -21.10 8.19
C PRO A 107 -9.33 -21.98 8.05
N VAL A 108 -9.19 -23.28 8.23
CA VAL A 108 -10.32 -24.18 8.10
C VAL A 108 -11.32 -24.10 9.25
N LYS A 109 -10.83 -23.87 10.46
CA LYS A 109 -11.71 -23.76 11.63
C LYS A 109 -12.50 -25.03 11.94
N ALA A 110 -11.88 -26.19 11.73
CA ALA A 110 -12.54 -27.44 12.05
C ALA A 110 -12.41 -27.63 13.56
N ASP A 111 -13.40 -28.26 14.18
CA ASP A 111 -13.37 -28.50 15.62
C ASP A 111 -12.18 -29.35 16.03
N LEU A 112 -11.40 -28.86 16.98
CA LEU A 112 -10.22 -29.58 17.45
C LEU A 112 -10.45 -30.15 18.85
N ASP A 113 -10.02 -31.39 19.06
CA ASP A 113 -10.16 -32.04 20.37
C ASP A 113 -9.20 -31.40 21.36
N HIS A 114 -8.05 -30.96 20.87
CA HIS A 114 -7.05 -30.30 21.70
C HIS A 114 -6.31 -29.25 20.88
N PHE A 115 -6.02 -28.11 21.51
CA PHE A 115 -5.27 -27.04 20.85
C PHE A 115 -4.39 -26.32 21.88
N GLU A 116 -3.21 -25.92 21.45
CA GLU A 116 -2.32 -25.20 22.33
C GLU A 116 -1.20 -24.56 21.52
N ALA A 117 -0.91 -23.31 21.83
CA ALA A 117 0.16 -22.58 21.16
C ALA A 117 1.08 -22.09 22.27
N ARG A 118 2.37 -22.37 22.12
CA ARG A 118 3.36 -21.95 23.09
C ARG A 118 4.37 -21.03 22.42
N HIS A 119 4.43 -19.79 22.87
CA HIS A 119 5.38 -18.83 22.34
C HIS A 119 6.57 -18.81 23.28
N GLY A 120 7.74 -19.18 22.76
CA GLY A 120 8.95 -19.20 23.55
C GLY A 120 9.93 -18.14 23.08
N LEU A 121 11.18 -18.24 23.51
CA LEU A 121 12.17 -17.26 23.11
C LEU A 121 12.86 -17.68 21.81
N GLY A 122 12.43 -17.10 20.70
CA GLY A 122 13.01 -17.42 19.41
C GLY A 122 12.36 -18.62 18.74
N TYR A 123 11.32 -19.17 19.37
CA TYR A 123 10.62 -20.32 18.82
C TYR A 123 9.19 -20.36 19.37
N SER A 124 8.32 -21.10 18.68
CA SER A 124 6.94 -21.26 19.11
C SER A 124 6.51 -22.67 18.71
N ARG A 125 5.55 -23.22 19.45
CA ARG A 125 5.01 -24.55 19.17
C ARG A 125 3.51 -24.41 19.10
N ILE A 126 2.91 -24.99 18.07
CA ILE A 126 1.48 -24.94 17.91
C ILE A 126 1.03 -26.38 17.71
N THR A 127 0.05 -26.81 18.51
CA THR A 127 -0.43 -28.17 18.43
C THR A 127 -1.94 -28.27 18.31
N GLY A 128 -2.40 -29.07 17.34
CA GLY A 128 -3.81 -29.27 17.14
C GLY A 128 -4.09 -30.75 16.92
N GLU A 129 -5.18 -31.25 17.50
CA GLU A 129 -5.55 -32.65 17.37
C GLU A 129 -7.02 -32.80 17.01
N ARG A 130 -7.30 -33.69 16.06
CA ARG A 130 -8.66 -33.94 15.63
C ARG A 130 -8.82 -35.36 15.12
N ASN A 131 -9.80 -36.07 15.68
CA ASN A 131 -10.13 -37.44 15.31
C ASN A 131 -8.98 -38.45 15.27
N GLY A 132 -8.24 -38.56 16.37
CA GLY A 132 -7.15 -39.53 16.46
C GLY A 132 -5.82 -39.14 15.83
N LEU A 133 -5.69 -37.88 15.41
CA LEU A 133 -4.45 -37.43 14.79
C LEU A 133 -3.98 -36.11 15.41
N LYS A 134 -2.81 -36.15 16.05
CA LYS A 134 -2.26 -34.96 16.67
C LYS A 134 -1.14 -34.42 15.80
N VAL A 135 -1.16 -33.12 15.56
CA VAL A 135 -0.11 -32.50 14.74
C VAL A 135 0.53 -31.34 15.49
N GLU A 136 1.80 -31.51 15.83
CA GLU A 136 2.57 -30.49 16.53
C GLU A 136 3.59 -29.88 15.58
N THR A 137 3.71 -28.56 15.62
CA THR A 137 4.67 -27.87 14.78
C THR A 137 5.54 -26.93 15.61
N LEU A 138 6.85 -27.09 15.44
CA LEU A 138 7.83 -26.24 16.11
C LEU A 138 8.30 -25.25 15.05
N PHE A 139 8.17 -23.96 15.34
CA PHE A 139 8.60 -22.91 14.42
C PHE A 139 9.78 -22.17 15.02
N PHE A 140 10.80 -21.88 14.23
CA PHE A 140 11.93 -21.11 14.73
C PHE A 140 12.96 -20.76 13.67
N VAL A 141 13.72 -19.71 13.93
CA VAL A 141 14.79 -19.28 13.05
C VAL A 141 16.07 -19.67 13.76
N PRO A 142 16.87 -20.57 13.16
CA PRO A 142 18.11 -21.03 13.75
C PRO A 142 19.18 -19.94 13.77
N LEU A 143 20.06 -20.00 14.76
CA LEU A 143 21.15 -19.04 14.87
C LEU A 143 22.06 -19.20 13.66
N GLY A 144 22.52 -18.06 13.13
CA GLY A 144 23.40 -18.10 11.98
C GLY A 144 22.74 -18.48 10.68
N GLU A 145 21.42 -18.68 10.67
CA GLU A 145 20.71 -19.05 9.45
C GLU A 145 19.65 -18.03 9.05
N ASN A 146 19.51 -17.82 7.75
CA ASN A 146 18.51 -16.90 7.22
C ASN A 146 17.35 -17.77 6.74
N ALA A 147 16.67 -18.37 7.70
CA ALA A 147 15.56 -19.24 7.37
C ALA A 147 14.65 -19.52 8.55
N GLU A 148 13.45 -20.01 8.24
CA GLU A 148 12.50 -20.37 9.25
C GLU A 148 12.30 -21.87 9.10
N VAL A 149 12.54 -22.61 10.17
CA VAL A 149 12.42 -24.06 10.14
C VAL A 149 11.17 -24.52 10.88
N GLN A 150 10.51 -25.54 10.34
CA GLN A 150 9.33 -26.09 10.98
C GLN A 150 9.54 -27.57 11.19
N LYS A 151 9.44 -28.01 12.42
CA LYS A 151 9.56 -29.42 12.72
C LYS A 151 8.14 -29.88 13.03
N VAL A 152 7.56 -30.66 12.13
CA VAL A 152 6.21 -31.15 12.31
C VAL A 152 6.20 -32.60 12.77
N THR A 153 5.48 -32.88 13.84
CA THR A 153 5.37 -34.23 14.38
C THR A 153 3.90 -34.67 14.33
N VAL A 154 3.61 -35.71 13.57
CA VAL A 154 2.26 -36.23 13.44
C VAL A 154 2.16 -37.52 14.25
N THR A 155 1.16 -37.60 15.12
CA THR A 155 0.98 -38.76 15.96
C THR A 155 -0.41 -39.37 15.87
N ASN A 156 -0.49 -40.69 15.77
CA ASN A 156 -1.77 -41.39 15.73
C ASN A 156 -2.15 -41.63 17.18
N THR A 157 -3.16 -40.92 17.65
CA THR A 157 -3.58 -41.09 19.04
C THR A 157 -4.79 -42.00 19.17
N SER A 158 -5.21 -42.61 18.07
CA SER A 158 -6.37 -43.51 18.08
C SER A 158 -5.95 -44.96 18.34
N ASP A 159 -6.93 -45.86 18.34
CA ASP A 159 -6.65 -47.27 18.59
C ASP A 159 -6.61 -48.10 17.30
N ALA A 160 -6.51 -47.42 16.16
CA ALA A 160 -6.46 -48.11 14.88
C ALA A 160 -5.53 -47.36 13.94
N PRO A 161 -5.00 -48.07 12.93
CA PRO A 161 -4.09 -47.46 11.96
C PRO A 161 -4.72 -46.25 11.27
N LYS A 162 -3.88 -45.28 10.89
CA LYS A 162 -4.39 -44.08 10.23
C LYS A 162 -3.58 -43.78 8.99
N THR A 163 -4.26 -43.22 7.99
CA THR A 163 -3.60 -42.81 6.76
C THR A 163 -4.09 -41.39 6.45
N ALA A 164 -3.16 -40.46 6.29
CA ALA A 164 -3.53 -39.08 6.00
C ALA A 164 -2.52 -38.42 5.09
N THR A 165 -2.94 -37.37 4.40
CA THR A 165 -2.05 -36.64 3.53
C THR A 165 -1.94 -35.22 4.07
N LEU A 166 -0.69 -34.78 4.26
CA LEU A 166 -0.39 -33.45 4.78
C LEU A 166 0.04 -32.53 3.65
N PHE A 167 -0.62 -31.37 3.55
CA PHE A 167 -0.31 -30.39 2.52
C PHE A 167 0.26 -29.14 3.18
N SER A 168 1.52 -28.83 2.90
CA SER A 168 2.16 -27.63 3.46
C SER A 168 1.71 -26.47 2.58
N PHE A 169 1.84 -25.24 3.08
CA PHE A 169 1.42 -24.08 2.30
C PHE A 169 1.97 -22.76 2.83
N VAL A 170 2.47 -21.94 1.92
CA VAL A 170 2.97 -20.62 2.25
C VAL A 170 2.82 -19.80 0.98
N GLU A 171 2.38 -18.56 1.13
CA GLU A 171 2.19 -17.67 -0.01
C GLU A 171 3.36 -16.70 -0.09
N PHE A 172 4.04 -16.68 -1.23
CA PHE A 172 5.19 -15.80 -1.42
C PHE A 172 4.79 -14.35 -1.70
N CYS A 173 5.69 -13.45 -1.31
CA CYS A 173 5.51 -12.02 -1.55
C CYS A 173 6.58 -11.71 -2.60
N LEU A 174 6.33 -10.74 -3.47
CA LEU A 174 7.30 -10.41 -4.52
C LEU A 174 8.43 -9.48 -4.05
N TRP A 175 9.06 -9.85 -2.93
CA TRP A 175 10.19 -9.13 -2.34
C TRP A 175 9.93 -7.71 -1.86
N ASN A 176 9.56 -6.82 -2.78
CA ASN A 176 9.26 -5.43 -2.41
C ASN A 176 7.80 -5.44 -1.98
N ALA A 177 7.57 -5.35 -0.68
CA ALA A 177 6.21 -5.39 -0.12
C ALA A 177 5.30 -4.30 -0.67
N GLN A 178 5.83 -3.09 -0.82
CA GLN A 178 5.05 -1.98 -1.35
C GLN A 178 4.64 -2.25 -2.80
N ASP A 179 5.55 -2.77 -3.61
CA ASP A 179 5.25 -3.07 -5.01
C ASP A 179 4.23 -4.21 -5.08
N ASP A 180 4.45 -5.21 -4.22
CA ASP A 180 3.58 -6.39 -4.14
C ASP A 180 2.11 -6.05 -3.94
N GLN A 181 1.85 -5.03 -3.15
CA GLN A 181 0.49 -4.62 -2.80
C GLN A 181 -0.11 -3.54 -3.68
N THR A 182 0.67 -2.98 -4.60
CA THR A 182 0.14 -1.88 -5.40
C THR A 182 0.43 -1.88 -6.90
N ASN A 183 1.44 -2.63 -7.33
CA ASN A 183 1.81 -2.60 -8.74
C ASN A 183 1.46 -3.84 -9.57
N TYR A 184 0.24 -4.32 -9.39
CA TYR A 184 -0.26 -5.48 -10.12
C TYR A 184 -0.20 -5.32 -11.64
N GLN A 185 -0.32 -4.09 -12.13
CA GLN A 185 -0.30 -3.86 -13.57
C GLN A 185 0.99 -4.42 -14.17
N ARG A 186 2.01 -4.54 -13.34
CA ARG A 186 3.29 -5.12 -13.78
C ARG A 186 3.52 -6.50 -13.16
N ASN A 187 3.52 -6.54 -11.83
CA ASN A 187 3.85 -7.77 -11.13
C ASN A 187 3.00 -9.02 -11.25
N LEU A 188 1.83 -8.94 -11.88
CA LEU A 188 1.02 -10.16 -12.03
C LEU A 188 1.61 -10.99 -13.19
N SER A 189 2.61 -10.42 -13.89
CA SER A 189 3.23 -11.12 -15.00
C SER A 189 4.68 -11.52 -14.76
N ILE A 190 5.19 -11.24 -13.56
CA ILE A 190 6.59 -11.55 -13.27
C ILE A 190 6.90 -12.70 -12.32
N GLY A 191 5.88 -13.22 -11.63
CA GLY A 191 6.10 -14.33 -10.71
C GLY A 191 6.75 -15.54 -11.38
N GLU A 192 7.86 -16.02 -10.83
CA GLU A 192 8.54 -17.17 -11.40
C GLU A 192 9.01 -18.18 -10.34
N VAL A 193 8.90 -19.45 -10.67
CA VAL A 193 9.30 -20.52 -9.74
C VAL A 193 10.06 -21.64 -10.45
N GLU A 194 10.68 -22.49 -9.65
CA GLU A 194 11.36 -23.68 -10.17
C GLU A 194 10.94 -24.77 -9.21
N VAL A 195 10.72 -25.97 -9.72
CA VAL A 195 10.30 -27.11 -8.90
C VAL A 195 11.35 -28.21 -8.92
N GLU A 196 11.72 -28.68 -7.74
CA GLU A 196 12.72 -29.73 -7.59
C GLU A 196 12.17 -30.84 -6.68
N GLN A 197 11.41 -31.76 -7.26
CA GLN A 197 10.81 -32.85 -6.50
C GLN A 197 11.84 -33.87 -6.01
N ASP A 198 12.90 -34.06 -6.78
CA ASP A 198 13.92 -35.03 -6.40
C ASP A 198 15.26 -34.38 -6.07
N GLY A 199 15.26 -33.61 -4.97
CA GLY A 199 16.47 -32.93 -4.55
C GLY A 199 17.34 -33.82 -3.71
N PRO A 200 18.54 -33.36 -3.31
CA PRO A 200 19.45 -34.17 -2.49
C PRO A 200 18.93 -34.63 -1.14
N HIS A 201 18.05 -33.85 -0.52
CA HIS A 201 17.53 -34.23 0.79
C HIS A 201 16.01 -34.35 0.82
N GLY A 202 15.39 -34.07 -0.32
CA GLY A 202 13.94 -34.12 -0.42
C GLY A 202 13.45 -33.22 -1.53
N SER A 203 12.20 -32.80 -1.45
CA SER A 203 11.62 -31.93 -2.47
C SER A 203 11.71 -30.46 -2.07
N ALA A 204 11.86 -29.60 -3.08
CA ALA A 204 11.95 -28.16 -2.84
C ALA A 204 11.32 -27.35 -3.96
N ILE A 205 10.86 -26.16 -3.59
CA ILE A 205 10.26 -25.22 -4.53
C ILE A 205 11.06 -23.93 -4.43
N TYR A 206 11.39 -23.36 -5.57
CA TYR A 206 12.17 -22.14 -5.61
C TYR A 206 11.35 -20.94 -6.08
N HIS A 207 11.29 -19.89 -5.27
CA HIS A 207 10.58 -18.68 -5.70
C HIS A 207 11.67 -17.74 -6.17
N LYS A 208 11.71 -17.48 -7.47
CA LYS A 208 12.76 -16.63 -8.03
C LYS A 208 12.32 -15.41 -8.81
N THR A 209 11.21 -14.79 -8.40
CA THR A 209 10.74 -13.60 -9.08
C THR A 209 11.84 -12.53 -9.14
N GLU A 210 12.06 -12.00 -10.34
CA GLU A 210 13.07 -10.98 -10.64
C GLU A 210 14.52 -11.41 -10.51
N TYR A 211 14.73 -12.70 -10.32
CA TYR A 211 16.10 -13.23 -10.22
C TYR A 211 16.69 -13.16 -11.63
N ARG A 212 15.83 -13.19 -12.65
CA ARG A 212 16.32 -13.13 -14.01
C ARG A 212 16.89 -11.75 -14.29
N GLU A 213 16.52 -10.77 -13.46
CA GLU A 213 17.03 -9.43 -13.63
C GLU A 213 17.99 -8.96 -12.54
N ARG A 214 17.61 -7.91 -11.79
CA ARG A 214 18.50 -7.36 -10.78
C ARG A 214 18.69 -8.06 -9.43
N ARG A 215 17.84 -9.03 -9.10
CA ARG A 215 17.97 -9.71 -7.82
C ARG A 215 18.97 -10.86 -7.84
N ASP A 216 19.82 -10.91 -6.82
CA ASP A 216 20.82 -11.98 -6.70
C ASP A 216 20.35 -12.96 -5.63
N HIS A 217 19.07 -12.87 -5.29
CA HIS A 217 18.51 -13.73 -4.25
C HIS A 217 17.20 -14.40 -4.64
N TYR A 218 16.94 -15.54 -4.01
CA TYR A 218 15.71 -16.29 -4.22
C TYR A 218 15.34 -16.96 -2.90
N ALA A 219 14.13 -17.49 -2.83
CA ALA A 219 13.70 -18.17 -1.61
C ALA A 219 13.50 -19.63 -1.94
N VAL A 220 13.64 -20.48 -0.93
CA VAL A 220 13.41 -21.90 -1.13
C VAL A 220 12.43 -22.35 -0.06
N PHE A 221 11.62 -23.34 -0.41
CA PHE A 221 10.66 -23.91 0.51
C PHE A 221 10.74 -25.41 0.26
N GLY A 222 11.36 -26.12 1.20
CA GLY A 222 11.51 -27.55 1.04
C GLY A 222 11.15 -28.39 2.25
N VAL A 223 11.13 -29.70 2.02
CA VAL A 223 10.83 -30.66 3.06
C VAL A 223 11.86 -31.79 2.98
N ASN A 224 12.22 -32.35 4.14
CA ASN A 224 13.24 -33.39 4.22
C ASN A 224 12.79 -34.79 3.78
N THR A 225 12.00 -34.85 2.71
CA THR A 225 11.53 -36.12 2.18
C THR A 225 11.08 -35.89 0.75
N ARG A 226 10.97 -36.96 -0.02
CA ARG A 226 10.55 -36.84 -1.41
C ARG A 226 9.02 -36.79 -1.37
N ALA A 227 8.47 -35.60 -1.62
CA ALA A 227 7.02 -35.39 -1.59
C ALA A 227 6.25 -36.12 -2.69
N ASP A 228 5.01 -36.47 -2.38
CA ASP A 228 4.14 -37.14 -3.33
C ASP A 228 3.78 -36.18 -4.45
N GLY A 229 3.56 -34.92 -4.08
CA GLY A 229 3.20 -33.92 -5.06
C GLY A 229 3.52 -32.52 -4.60
N PHE A 230 3.22 -31.53 -5.43
CA PHE A 230 3.50 -30.14 -5.10
C PHE A 230 2.51 -29.22 -5.77
N ASP A 231 2.63 -27.93 -5.45
CA ASP A 231 1.81 -26.87 -6.03
C ASP A 231 2.52 -25.53 -5.86
N THR A 232 2.57 -24.74 -6.93
CA THR A 232 3.24 -23.45 -6.89
C THR A 232 2.33 -22.30 -7.34
N ASP A 233 1.12 -22.62 -7.78
CA ASP A 233 0.14 -21.61 -8.21
C ASP A 233 -0.99 -21.54 -7.18
N ARG A 234 -1.15 -20.38 -6.53
CA ARG A 234 -2.18 -20.24 -5.50
C ARG A 234 -3.60 -20.56 -5.97
N ASP A 235 -4.00 -19.97 -7.08
CA ASP A 235 -5.36 -20.19 -7.59
C ASP A 235 -5.68 -21.66 -7.84
N THR A 236 -4.70 -22.42 -8.30
CA THR A 236 -4.93 -23.84 -8.56
C THR A 236 -5.07 -24.58 -7.23
N PHE A 237 -4.21 -24.24 -6.27
CA PHE A 237 -4.25 -24.87 -4.95
C PHE A 237 -5.53 -24.53 -4.19
N VAL A 238 -5.88 -23.25 -4.16
CA VAL A 238 -7.06 -22.80 -3.45
C VAL A 238 -8.36 -23.00 -4.24
N GLY A 239 -8.32 -22.70 -5.54
CA GLY A 239 -9.50 -22.87 -6.37
C GLY A 239 -10.31 -21.58 -6.46
N ALA A 240 -10.98 -21.39 -7.59
CA ALA A 240 -11.79 -20.20 -7.80
C ALA A 240 -12.89 -20.06 -6.76
N TYR A 241 -13.18 -18.81 -6.39
CA TYR A 241 -14.23 -18.47 -5.42
C TYR A 241 -14.00 -18.97 -4.00
N ASN A 242 -12.85 -19.62 -3.76
CA ASN A 242 -12.54 -20.15 -2.44
C ASN A 242 -11.57 -19.33 -1.59
N SER A 243 -11.75 -19.42 -0.28
CA SER A 243 -10.88 -18.75 0.68
C SER A 243 -9.88 -19.84 1.05
N LEU A 244 -8.84 -19.49 1.82
CA LEU A 244 -7.86 -20.48 2.22
C LEU A 244 -8.49 -21.59 3.06
N GLY A 245 -9.62 -21.26 3.71
CA GLY A 245 -10.29 -22.26 4.53
C GLY A 245 -10.99 -23.34 3.70
N GLU A 246 -11.23 -23.05 2.43
CA GLU A 246 -11.92 -23.97 1.52
C GLU A 246 -11.01 -24.48 0.39
N ALA A 247 -9.69 -24.40 0.57
CA ALA A 247 -8.73 -24.82 -0.46
C ALA A 247 -9.09 -26.15 -1.12
N SER A 248 -9.18 -26.14 -2.45
CA SER A 248 -9.56 -27.32 -3.22
C SER A 248 -8.60 -28.50 -3.22
N VAL A 249 -7.30 -28.21 -3.35
CA VAL A 249 -6.31 -29.29 -3.37
C VAL A 249 -6.42 -30.17 -2.12
N PRO A 250 -6.33 -29.58 -0.92
CA PRO A 250 -6.44 -30.40 0.29
C PRO A 250 -7.72 -31.23 0.30
N ARG A 251 -8.82 -30.62 -0.12
CA ARG A 251 -10.10 -31.30 -0.16
C ARG A 251 -10.11 -32.45 -1.16
N ALA A 252 -9.48 -32.23 -2.31
CA ALA A 252 -9.41 -33.29 -3.35
C ALA A 252 -8.54 -34.44 -2.84
N GLY A 253 -7.61 -34.13 -1.94
CA GLY A 253 -6.76 -35.19 -1.40
C GLY A 253 -5.45 -35.43 -2.12
N LYS A 254 -5.14 -34.61 -3.12
CA LYS A 254 -3.88 -34.76 -3.82
C LYS A 254 -3.49 -33.48 -4.52
N SER A 255 -2.18 -33.23 -4.58
CA SER A 255 -1.65 -32.03 -5.21
C SER A 255 -1.99 -32.00 -6.69
N ALA A 256 -2.05 -30.80 -7.25
CA ALA A 256 -2.35 -30.63 -8.67
C ALA A 256 -1.03 -30.46 -9.43
N ASP A 257 0.09 -30.49 -8.71
CA ASP A 257 1.42 -30.33 -9.31
C ASP A 257 1.46 -29.11 -10.24
N SER A 258 0.88 -28.01 -9.80
CA SER A 258 0.85 -26.78 -10.58
C SER A 258 2.19 -26.04 -10.65
N VAL A 259 2.48 -25.51 -11.84
CA VAL A 259 3.69 -24.74 -12.09
C VAL A 259 3.23 -23.33 -12.45
N ALA A 260 3.53 -22.38 -11.58
CA ALA A 260 3.10 -21.02 -11.80
C ALA A 260 3.78 -20.27 -12.93
N SER A 261 3.04 -19.31 -13.47
CA SER A 261 3.53 -18.42 -14.52
C SER A 261 2.79 -17.12 -14.26
N GLY A 262 3.40 -16.26 -13.46
CA GLY A 262 2.76 -15.00 -13.12
C GLY A 262 1.75 -15.25 -12.02
N TRP A 263 0.84 -14.31 -11.83
CA TRP A 263 -0.15 -14.37 -10.77
C TRP A 263 0.44 -14.58 -9.38
N TYR A 264 -0.06 -15.53 -8.61
CA TYR A 264 0.41 -15.73 -7.23
C TYR A 264 1.20 -17.00 -6.86
N PRO A 265 2.53 -16.92 -6.89
CA PRO A 265 3.35 -18.10 -6.54
C PRO A 265 3.17 -18.53 -5.10
N ILE A 266 3.17 -19.85 -4.85
CA ILE A 266 3.08 -20.37 -3.50
C ILE A 266 4.05 -21.55 -3.37
N GLY A 267 4.24 -21.99 -2.14
CA GLY A 267 5.10 -23.14 -1.89
C GLY A 267 4.23 -24.18 -1.22
N SER A 268 4.17 -25.38 -1.78
CA SER A 268 3.35 -26.43 -1.19
C SER A 268 3.80 -27.83 -1.61
N HIS A 269 3.86 -28.72 -0.63
CA HIS A 269 4.24 -30.12 -0.85
C HIS A 269 3.21 -31.01 -0.17
N SER A 270 2.97 -32.17 -0.74
CA SER A 270 2.02 -33.12 -0.16
C SER A 270 2.74 -34.40 0.22
N VAL A 271 2.52 -34.87 1.45
CA VAL A 271 3.14 -36.09 1.95
C VAL A 271 2.09 -36.99 2.59
N ALA A 272 1.97 -38.20 2.08
CA ALA A 272 1.02 -39.18 2.61
C ALA A 272 1.71 -39.97 3.71
N VAL A 273 1.03 -40.18 4.83
CA VAL A 273 1.62 -40.93 5.92
C VAL A 273 0.65 -41.99 6.43
N THR A 274 1.21 -43.10 6.90
CA THR A 274 0.44 -44.19 7.46
C THR A 274 1.04 -44.50 8.81
N LEU A 275 0.23 -44.40 9.87
CA LEU A 275 0.70 -44.62 11.23
C LEU A 275 -0.12 -45.64 12.02
N GLN A 276 0.57 -46.55 12.68
CA GLN A 276 -0.10 -47.55 13.52
C GLN A 276 -0.42 -46.82 14.80
N PRO A 277 -1.35 -47.36 15.62
CA PRO A 277 -1.71 -46.71 16.88
C PRO A 277 -0.49 -46.32 17.71
N GLY A 278 -0.47 -45.08 18.20
CA GLY A 278 0.63 -44.63 19.03
C GLY A 278 1.89 -44.24 18.26
N GLU A 279 1.91 -44.49 16.95
CA GLU A 279 3.07 -44.17 16.14
C GLU A 279 3.08 -42.70 15.70
N SER A 280 4.27 -42.15 15.54
CA SER A 280 4.40 -40.76 15.11
C SER A 280 5.45 -40.65 14.02
N ARG A 281 5.43 -39.54 13.31
CA ARG A 281 6.40 -39.28 12.25
C ARG A 281 6.80 -37.80 12.23
N ASP A 282 8.08 -37.54 11.95
CA ASP A 282 8.60 -36.19 11.88
C ASP A 282 8.83 -35.77 10.44
N LEU A 283 8.56 -34.50 10.16
CA LEU A 283 8.78 -33.90 8.85
C LEU A 283 9.41 -32.54 9.12
N VAL A 284 10.52 -32.24 8.44
CA VAL A 284 11.15 -30.95 8.66
C VAL A 284 11.04 -30.10 7.40
N TYR A 285 10.39 -28.94 7.53
CA TYR A 285 10.22 -28.02 6.43
C TYR A 285 11.14 -26.82 6.64
N VAL A 286 11.58 -26.22 5.54
CA VAL A 286 12.48 -25.08 5.60
C VAL A 286 12.11 -23.99 4.60
N LEU A 287 12.00 -22.76 5.08
CA LEU A 287 11.73 -21.59 4.24
C LEU A 287 13.03 -20.82 4.35
N GLY A 288 13.77 -20.72 3.26
CA GLY A 288 15.06 -20.03 3.31
C GLY A 288 15.31 -18.91 2.33
N TYR A 289 16.23 -18.03 2.71
CA TYR A 289 16.64 -16.89 1.90
C TYR A 289 18.06 -17.19 1.41
N LEU A 290 18.25 -17.23 0.09
CA LEU A 290 19.55 -17.52 -0.49
C LEU A 290 20.06 -16.42 -1.41
N GLU A 291 21.38 -16.24 -1.44
CA GLU A 291 22.03 -15.27 -2.31
C GLU A 291 23.16 -15.95 -3.06
N ASN A 292 23.47 -15.45 -4.25
CA ASN A 292 24.57 -15.98 -5.04
C ASN A 292 25.39 -14.84 -5.60
N PRO A 293 26.71 -15.04 -5.69
CA PRO A 293 27.53 -13.96 -6.25
C PRO A 293 27.07 -13.86 -7.71
N ASP A 294 27.14 -12.67 -8.30
CA ASP A 294 26.71 -12.46 -9.68
C ASP A 294 27.23 -13.51 -10.66
N GLU A 295 28.50 -13.85 -10.53
CA GLU A 295 29.14 -14.82 -11.40
C GLU A 295 28.74 -16.25 -11.10
N GLU A 296 28.03 -16.45 -9.99
CA GLU A 296 27.60 -17.78 -9.59
C GLU A 296 26.07 -17.91 -9.56
N LYS A 297 25.37 -16.95 -10.15
CA LYS A 297 23.91 -16.96 -10.15
C LYS A 297 23.23 -18.11 -10.88
N TRP A 298 23.78 -18.52 -12.02
CA TRP A 298 23.15 -19.57 -12.82
C TRP A 298 23.86 -20.91 -12.92
N ALA A 299 23.07 -21.97 -13.06
CA ALA A 299 23.60 -23.32 -13.19
C ALA A 299 23.97 -23.59 -14.65
N ASP A 300 23.35 -22.85 -15.56
CA ASP A 300 23.60 -23.04 -16.99
C ASP A 300 24.22 -21.83 -17.65
N ASP A 301 24.92 -22.08 -18.76
CA ASP A 301 25.56 -21.02 -19.54
C ASP A 301 24.51 -20.10 -20.15
N ALA A 302 23.32 -20.63 -20.37
CA ALA A 302 22.23 -19.86 -20.95
C ALA A 302 21.48 -18.98 -19.95
N HIS A 303 21.87 -19.07 -18.68
CA HIS A 303 21.25 -18.27 -17.61
C HIS A 303 19.73 -18.43 -17.52
N GLN A 304 19.27 -19.67 -17.38
CA GLN A 304 17.84 -19.95 -17.28
C GLN A 304 17.50 -20.72 -16.00
N VAL A 305 18.51 -21.39 -15.46
CA VAL A 305 18.33 -22.20 -14.27
C VAL A 305 19.15 -21.65 -13.11
N VAL A 306 18.50 -21.39 -11.99
CA VAL A 306 19.20 -20.85 -10.83
C VAL A 306 20.14 -21.87 -10.21
N ASN A 307 21.29 -21.38 -9.77
CA ASN A 307 22.28 -22.22 -9.10
C ASN A 307 21.72 -22.47 -7.70
N LYS A 308 21.42 -23.73 -7.40
CA LYS A 308 20.82 -24.10 -6.11
C LYS A 308 21.81 -24.57 -5.02
N ALA A 309 23.10 -24.39 -5.28
CA ALA A 309 24.12 -24.79 -4.32
C ALA A 309 23.83 -24.36 -2.87
N PRO A 310 23.62 -23.05 -2.64
CA PRO A 310 23.34 -22.59 -1.27
C PRO A 310 22.05 -23.16 -0.67
N ALA A 311 21.05 -23.39 -1.51
CA ALA A 311 19.77 -23.95 -1.05
C ALA A 311 19.94 -25.41 -0.67
N HIS A 312 20.70 -26.16 -1.47
CA HIS A 312 20.94 -27.57 -1.17
C HIS A 312 21.68 -27.72 0.14
N ALA A 313 22.64 -26.83 0.37
CA ALA A 313 23.43 -26.87 1.61
C ALA A 313 22.51 -26.56 2.80
N LEU A 314 21.68 -25.54 2.65
CA LEU A 314 20.76 -25.17 3.71
C LEU A 314 19.85 -26.35 4.08
N LEU A 315 19.22 -26.94 3.07
CA LEU A 315 18.33 -28.08 3.31
C LEU A 315 19.09 -29.26 3.94
N GLY A 316 20.39 -29.34 3.66
CA GLY A 316 21.20 -30.40 4.22
C GLY A 316 21.49 -30.20 5.69
N ARG A 317 21.48 -28.94 6.13
CA ARG A 317 21.75 -28.63 7.53
C ARG A 317 20.51 -28.88 8.40
N PHE A 318 19.38 -29.13 7.75
CA PHE A 318 18.14 -29.40 8.47
C PHE A 318 17.38 -30.55 7.82
N ALA A 319 18.12 -31.59 7.47
CA ALA A 319 17.54 -32.77 6.85
C ALA A 319 17.06 -33.79 7.88
N THR A 320 17.43 -33.58 9.14
CA THR A 320 17.04 -34.50 10.19
C THR A 320 16.51 -33.81 11.44
N SER A 321 15.70 -34.54 12.21
CA SER A 321 15.12 -34.03 13.44
C SER A 321 16.24 -33.76 14.44
N GLU A 322 17.29 -34.58 14.37
CA GLU A 322 18.43 -34.42 15.27
C GLU A 322 19.08 -33.05 15.03
N GLN A 323 19.20 -32.65 13.77
CA GLN A 323 19.78 -31.35 13.46
C GLN A 323 18.89 -30.24 13.99
N VAL A 324 17.58 -30.41 13.85
CA VAL A 324 16.65 -29.40 14.35
C VAL A 324 16.80 -29.27 15.87
N ASP A 325 16.79 -30.40 16.57
CA ASP A 325 16.90 -30.38 18.01
C ASP A 325 18.20 -29.74 18.50
N ALA A 326 19.30 -30.01 17.79
CA ALA A 326 20.59 -29.43 18.18
C ALA A 326 20.54 -27.90 18.05
N ALA A 327 19.92 -27.43 16.98
CA ALA A 327 19.81 -25.99 16.75
C ALA A 327 18.90 -25.33 17.78
N LEU A 328 17.85 -26.05 18.20
CA LEU A 328 16.93 -25.52 19.19
C LEU A 328 17.62 -25.43 20.55
N GLU A 329 18.43 -26.43 20.87
CA GLU A 329 19.15 -26.42 22.13
C GLU A 329 20.19 -25.29 22.12
N ALA A 330 20.75 -25.02 20.95
CA ALA A 330 21.74 -23.94 20.81
C ALA A 330 21.07 -22.61 21.09
N LEU A 331 19.85 -22.46 20.57
CA LEU A 331 19.06 -21.26 20.76
C LEU A 331 18.72 -21.08 22.24
N ASN A 332 18.43 -22.20 22.90
CA ASN A 332 18.11 -22.15 24.33
C ASN A 332 19.32 -21.68 25.14
N SER A 333 20.50 -22.18 24.79
CA SER A 333 21.72 -21.79 25.49
C SER A 333 22.04 -20.32 25.25
N TYR A 334 21.78 -19.89 24.02
CA TYR A 334 21.99 -18.50 23.61
C TYR A 334 21.16 -17.58 24.52
N TRP A 335 19.88 -17.92 24.71
CA TRP A 335 19.04 -17.08 25.56
C TRP A 335 19.39 -17.15 27.04
N THR A 336 19.80 -18.33 27.50
CA THR A 336 20.20 -18.49 28.89
C THR A 336 21.37 -17.55 29.16
N ASN A 337 22.30 -17.50 28.21
CA ASN A 337 23.47 -16.65 28.34
C ASN A 337 23.09 -15.16 28.32
N LEU A 338 22.21 -14.78 27.40
CA LEU A 338 21.78 -13.39 27.31
C LEU A 338 21.09 -12.92 28.58
N LEU A 339 20.28 -13.78 29.17
CA LEU A 339 19.54 -13.42 30.38
C LEU A 339 20.31 -13.57 31.68
N SER A 340 21.57 -13.97 31.59
CA SER A 340 22.39 -14.16 32.79
C SER A 340 23.04 -12.88 33.32
N THR A 341 22.95 -11.80 32.56
CA THR A 341 23.55 -10.53 32.96
C THR A 341 22.75 -9.79 34.04
N TYR A 342 21.43 -9.83 33.93
CA TYR A 342 20.60 -9.18 34.93
C TYR A 342 19.41 -10.08 35.25
N SER A 343 19.23 -10.36 36.53
CA SER A 343 18.11 -11.17 36.98
C SER A 343 17.84 -10.87 38.45
N VAL A 344 16.61 -11.13 38.87
CA VAL A 344 16.22 -10.87 40.25
C VAL A 344 15.39 -12.01 40.84
N SER A 345 15.43 -12.12 42.16
CA SER A 345 14.66 -13.14 42.87
C SER A 345 14.00 -12.44 44.03
N SER A 346 12.69 -12.26 43.94
CA SER A 346 11.93 -11.57 44.99
C SER A 346 10.72 -12.37 45.41
N THR A 347 9.83 -11.71 46.15
CA THR A 347 8.59 -12.33 46.63
C THR A 347 7.45 -12.09 45.63
N ASP A 348 7.74 -11.38 44.55
CA ASP A 348 6.74 -11.08 43.51
C ASP A 348 7.09 -11.79 42.20
N GLU A 349 6.35 -12.85 41.89
CA GLU A 349 6.61 -13.64 40.68
C GLU A 349 6.23 -12.94 39.37
N LYS A 350 5.36 -11.94 39.43
CA LYS A 350 4.97 -11.22 38.21
C LYS A 350 6.13 -10.28 37.87
N LEU A 351 6.67 -9.63 38.89
CA LEU A 351 7.81 -8.73 38.72
C LEU A 351 9.01 -9.54 38.18
N ASP A 352 9.34 -10.64 38.86
CA ASP A 352 10.46 -11.50 38.47
C ASP A 352 10.32 -11.96 37.02
N ARG A 353 9.12 -12.41 36.68
CA ARG A 353 8.77 -12.88 35.35
C ARG A 353 9.12 -11.82 34.29
N MET A 354 8.76 -10.57 34.58
CA MET A 354 9.01 -9.48 33.65
C MET A 354 10.50 -9.15 33.53
N VAL A 355 11.14 -8.99 34.68
CA VAL A 355 12.56 -8.64 34.73
C VAL A 355 13.51 -9.72 34.21
N ASN A 356 13.23 -10.98 34.54
CA ASN A 356 14.10 -12.06 34.13
C ASN A 356 13.90 -12.61 32.72
N ILE A 357 12.72 -12.40 32.16
CA ILE A 357 12.44 -12.96 30.84
C ILE A 357 11.84 -12.04 29.79
N TRP A 358 10.53 -11.79 29.93
CA TRP A 358 9.78 -11.00 28.97
C TRP A 358 10.18 -9.57 28.63
N ASN A 359 10.55 -8.75 29.62
CA ASN A 359 10.92 -7.37 29.28
C ASN A 359 12.24 -7.39 28.51
N GLN A 360 13.15 -8.29 28.89
CA GLN A 360 14.44 -8.39 28.21
C GLN A 360 14.27 -8.98 26.80
N TYR A 361 13.38 -9.96 26.67
CA TYR A 361 13.12 -10.59 25.37
C TYR A 361 12.60 -9.51 24.41
N GLN A 362 11.65 -8.72 24.89
CA GLN A 362 11.07 -7.66 24.08
C GLN A 362 12.09 -6.60 23.67
N CYS A 363 13.07 -6.32 24.53
CA CYS A 363 14.09 -5.33 24.22
C CYS A 363 15.00 -5.77 23.08
N MET A 364 15.18 -7.08 22.93
CA MET A 364 15.97 -7.62 21.83
C MET A 364 15.15 -7.37 20.56
N VAL A 365 13.86 -7.67 20.63
CA VAL A 365 12.98 -7.46 19.49
C VAL A 365 12.95 -6.00 19.05
N THR A 366 12.73 -5.07 19.99
CA THR A 366 12.70 -3.66 19.60
C THR A 366 14.06 -3.23 19.04
N PHE A 367 15.14 -3.76 19.59
CA PHE A 367 16.47 -3.42 19.09
C PHE A 367 16.55 -3.80 17.61
N ASN A 368 16.09 -5.01 17.28
CA ASN A 368 16.12 -5.49 15.90
C ASN A 368 15.08 -4.88 14.96
N MET A 369 13.85 -4.70 15.45
CA MET A 369 12.77 -4.17 14.63
C MET A 369 12.52 -2.66 14.65
N SER A 370 12.99 -1.99 15.71
CA SER A 370 12.71 -0.57 15.86
C SER A 370 11.17 -0.45 15.86
N ARG A 371 10.58 0.24 14.89
CA ARG A 371 9.12 0.36 14.83
C ARG A 371 8.62 0.03 13.43
N SER A 372 9.37 -0.78 12.69
CA SER A 372 9.01 -1.11 11.31
C SER A 372 7.90 -2.11 11.06
N ALA A 373 7.98 -3.29 11.66
CA ALA A 373 6.99 -4.32 11.38
C ALA A 373 6.46 -5.16 12.54
N SER A 374 5.13 -5.13 12.70
CA SER A 374 4.42 -5.87 13.72
C SER A 374 3.05 -6.18 13.09
N PHE A 375 2.03 -6.41 13.89
CA PHE A 375 0.70 -6.64 13.31
C PHE A 375 -0.06 -5.32 13.26
N PHE A 376 0.67 -4.24 13.54
CA PHE A 376 0.12 -2.89 13.50
C PHE A 376 1.00 -2.03 12.57
N GLU A 377 2.31 -2.06 12.77
CA GLU A 377 3.23 -1.31 11.90
C GLU A 377 3.34 -2.23 10.68
N THR A 378 3.15 -1.66 9.49
CA THR A 378 3.14 -2.45 8.26
C THR A 378 4.44 -2.85 7.55
N GLY A 379 5.58 -2.52 8.14
CA GLY A 379 6.85 -2.88 7.53
C GLY A 379 7.08 -2.30 6.15
N ILE A 380 6.60 -1.08 5.94
CA ILE A 380 6.79 -0.42 4.65
C ILE A 380 7.38 0.97 4.81
N GLY A 381 6.61 1.90 5.35
CA GLY A 381 7.10 3.26 5.53
C GLY A 381 8.17 3.50 6.59
N ARG A 382 8.18 2.70 7.65
CA ARG A 382 9.16 2.90 8.72
C ARG A 382 10.33 1.94 8.72
N GLY A 383 11.53 2.50 8.91
CA GLY A 383 12.74 1.70 8.95
C GLY A 383 13.28 1.70 10.37
N MET A 384 14.51 2.16 10.56
CA MET A 384 15.11 2.22 11.88
C MET A 384 15.09 3.67 12.37
N GLY A 385 14.26 3.96 13.36
CA GLY A 385 14.15 5.31 13.88
C GLY A 385 15.38 5.81 14.62
N PHE A 386 15.75 7.07 14.39
CA PHE A 386 16.91 7.67 15.05
C PHE A 386 16.65 7.76 16.55
N ARG A 387 15.51 8.35 16.90
CA ARG A 387 15.07 8.52 18.28
C ARG A 387 14.74 7.16 18.89
N ASP A 388 14.03 6.35 18.12
CA ASP A 388 13.60 5.02 18.54
C ASP A 388 14.73 4.04 18.84
N SER A 389 15.69 3.95 17.92
CA SER A 389 16.80 3.03 18.11
C SER A 389 17.76 3.50 19.19
N ASN A 390 17.91 4.82 19.33
CA ASN A 390 18.79 5.33 20.37
C ASN A 390 18.20 4.96 21.73
N GLN A 391 16.90 5.15 21.88
CA GLN A 391 16.25 4.82 23.14
C GLN A 391 16.23 3.31 23.42
N ASP A 392 15.99 2.51 22.38
CA ASP A 392 15.98 1.06 22.56
C ASP A 392 17.33 0.60 23.13
N LEU A 393 18.38 1.32 22.79
CA LEU A 393 19.72 0.99 23.27
C LEU A 393 19.75 0.97 24.80
N LEU A 394 18.94 1.84 25.42
CA LEU A 394 18.89 1.93 26.87
C LEU A 394 18.51 0.62 27.55
N GLY A 395 17.70 -0.19 26.88
CA GLY A 395 17.31 -1.46 27.46
C GLY A 395 17.99 -2.65 26.82
N PHE A 396 18.95 -2.38 25.94
CA PHE A 396 19.65 -3.44 25.23
C PHE A 396 21.17 -3.54 25.46
N VAL A 397 21.80 -2.45 25.87
CA VAL A 397 23.25 -2.46 26.08
C VAL A 397 23.81 -3.56 26.99
N HIS A 398 23.05 -3.97 27.99
CA HIS A 398 23.53 -5.03 28.89
C HIS A 398 23.41 -6.43 28.25
N LEU A 399 22.57 -6.56 27.23
CA LEU A 399 22.39 -7.85 26.55
C LEU A 399 23.55 -8.22 25.65
N ILE A 400 23.77 -7.41 24.60
CA ILE A 400 24.88 -7.64 23.69
C ILE A 400 25.56 -6.30 23.41
N PRO A 401 26.47 -5.88 24.30
CA PRO A 401 27.16 -4.59 24.12
C PRO A 401 27.85 -4.42 22.77
N GLU A 402 28.44 -5.49 22.23
CA GLU A 402 29.12 -5.42 20.94
C GLU A 402 28.17 -5.01 19.82
N ARG A 403 26.93 -5.49 19.88
CA ARG A 403 25.97 -5.14 18.84
C ARG A 403 25.41 -3.74 19.07
N ALA A 404 25.38 -3.32 20.33
CA ALA A 404 24.89 -1.98 20.63
C ALA A 404 25.93 -0.98 20.12
N ARG A 405 27.20 -1.34 20.22
CA ARG A 405 28.30 -0.48 19.76
C ARG A 405 28.13 -0.20 18.27
N GLU A 406 27.97 -1.26 17.47
CA GLU A 406 27.80 -1.09 16.04
C GLU A 406 26.57 -0.25 15.72
N ARG A 407 25.46 -0.52 16.41
CA ARG A 407 24.23 0.23 16.19
C ARG A 407 24.46 1.73 16.40
N ILE A 408 25.18 2.08 17.47
CA ILE A 408 25.48 3.48 17.75
C ILE A 408 26.18 4.09 16.53
N ILE A 409 27.15 3.35 16.00
CA ILE A 409 27.92 3.80 14.82
C ILE A 409 27.01 3.98 13.60
N ASP A 410 26.15 3.00 13.33
CA ASP A 410 25.24 3.09 12.18
C ASP A 410 24.32 4.28 12.32
N ILE A 411 23.80 4.51 13.52
CA ILE A 411 22.91 5.62 13.78
C ILE A 411 23.62 6.97 13.58
N ALA A 412 24.77 7.13 14.21
CA ALA A 412 25.53 8.37 14.13
C ALA A 412 25.93 8.72 12.70
N SER A 413 26.05 7.70 11.86
CA SER A 413 26.44 7.90 10.46
C SER A 413 25.35 8.56 9.63
N THR A 414 24.13 8.63 10.15
CA THR A 414 23.04 9.24 9.40
C THR A 414 22.79 10.66 9.91
N GLN A 415 23.69 11.12 10.78
CA GLN A 415 23.59 12.46 11.34
C GLN A 415 24.27 13.47 10.41
N PHE A 416 23.76 14.69 10.40
CA PHE A 416 24.29 15.76 9.57
C PHE A 416 25.34 16.58 10.35
N ALA A 417 26.23 17.22 9.61
CA ALA A 417 27.30 18.02 10.21
C ALA A 417 26.82 19.10 11.18
N ASP A 418 25.62 19.62 10.97
CA ASP A 418 25.13 20.68 11.86
C ASP A 418 24.52 20.12 13.15
N GLY A 419 24.53 18.80 13.29
CA GLY A 419 23.98 18.20 14.49
C GLY A 419 22.63 17.55 14.30
N SER A 420 21.85 18.05 13.35
CA SER A 420 20.54 17.48 13.09
C SER A 420 20.75 16.15 12.37
N ALA A 421 19.69 15.37 12.17
CA ALA A 421 19.87 14.08 11.52
C ALA A 421 18.61 13.51 10.88
N TYR A 422 18.82 12.57 9.96
CA TYR A 422 17.72 11.89 9.31
C TYR A 422 16.89 11.27 10.43
N HIS A 423 15.58 11.37 10.33
CA HIS A 423 14.70 10.84 11.37
C HIS A 423 14.70 9.31 11.43
N GLN A 424 15.14 8.67 10.36
CA GLN A 424 15.20 7.21 10.32
C GLN A 424 16.07 6.79 9.13
N TYR A 425 16.48 5.52 9.12
CA TYR A 425 17.26 5.02 7.99
C TYR A 425 16.72 3.67 7.53
N GLN A 426 16.93 3.38 6.24
CA GLN A 426 16.46 2.14 5.62
C GLN A 426 17.30 0.98 6.16
N PRO A 427 16.64 -0.02 6.78
CA PRO A 427 17.36 -1.17 7.34
C PRO A 427 18.32 -1.88 6.37
N LEU A 428 17.88 -2.11 5.14
CA LEU A 428 18.72 -2.82 4.18
C LEU A 428 20.01 -2.08 3.78
N THR A 429 19.90 -0.76 3.60
CA THR A 429 21.05 0.04 3.17
C THR A 429 21.71 0.90 4.25
N LYS A 430 21.06 1.01 5.41
CA LYS A 430 21.57 1.83 6.51
C LYS A 430 21.74 3.30 6.13
N ARG A 431 20.92 3.77 5.21
CA ARG A 431 20.97 5.17 4.77
C ARG A 431 19.68 5.88 5.17
N GLY A 432 19.81 7.08 5.74
CA GLY A 432 18.64 7.81 6.18
C GLY A 432 17.74 8.35 5.09
N ASN A 433 16.50 8.64 5.44
CA ASN A 433 15.53 9.20 4.50
C ASN A 433 14.53 10.08 5.27
N ASN A 434 13.76 10.88 4.53
CA ASN A 434 12.78 11.78 5.13
C ASN A 434 11.35 11.27 4.93
N ASP A 435 11.21 9.98 4.68
CA ASP A 435 9.89 9.40 4.43
C ASP A 435 8.84 9.67 5.52
N ILE A 436 9.27 9.80 6.78
CA ILE A 436 8.29 10.08 7.84
C ILE A 436 8.56 11.42 8.52
N GLY A 437 9.15 12.36 7.80
CA GLY A 437 9.39 13.66 8.40
C GLY A 437 10.84 14.07 8.54
N SER A 438 11.05 15.34 8.84
CA SER A 438 12.38 15.89 9.00
C SER A 438 12.36 17.02 10.02
N GLY A 439 13.54 17.36 10.55
CA GLY A 439 13.63 18.45 11.52
C GLY A 439 12.97 18.26 12.87
N PHE A 440 13.14 17.08 13.46
CA PHE A 440 12.60 16.79 14.78
C PHE A 440 13.74 17.18 15.72
N ASN A 441 13.58 18.31 16.41
CA ASN A 441 14.63 18.83 17.28
C ASN A 441 15.00 18.07 18.56
N ASP A 442 14.29 16.98 18.87
CA ASP A 442 14.64 16.22 20.06
C ASP A 442 15.60 15.11 19.65
N ASP A 443 15.59 14.77 18.36
CA ASP A 443 16.45 13.71 17.81
C ASP A 443 17.93 13.77 18.21
N PRO A 444 18.60 14.92 17.98
CA PRO A 444 20.01 15.06 18.31
C PRO A 444 20.45 14.64 19.72
N LEU A 445 19.71 15.07 20.73
CA LEU A 445 20.06 14.74 22.10
C LEU A 445 19.98 13.24 22.44
N TRP A 446 19.15 12.49 21.71
CA TRP A 446 19.02 11.06 21.99
C TRP A 446 20.30 10.30 21.68
N LEU A 447 21.13 10.84 20.78
CA LEU A 447 22.39 10.18 20.46
C LEU A 447 23.30 10.16 21.69
N ILE A 448 23.27 11.27 22.43
CA ILE A 448 24.09 11.39 23.64
C ILE A 448 23.55 10.42 24.70
N ALA A 449 22.23 10.28 24.74
CA ALA A 449 21.60 9.37 25.71
C ALA A 449 22.09 7.94 25.46
N GLY A 450 22.06 7.53 24.20
CA GLY A 450 22.48 6.18 23.85
C GLY A 450 23.95 5.91 24.14
N VAL A 451 24.82 6.84 23.76
CA VAL A 451 26.25 6.67 23.97
C VAL A 451 26.59 6.65 25.46
N ALA A 452 25.96 7.55 26.22
CA ALA A 452 26.20 7.60 27.66
C ALA A 452 25.85 6.27 28.29
N ALA A 453 24.66 5.76 27.97
CA ALA A 453 24.22 4.48 28.52
C ALA A 453 25.20 3.38 28.19
N TYR A 454 25.67 3.35 26.94
CA TYR A 454 26.61 2.34 26.49
C TYR A 454 27.96 2.39 27.21
N ILE A 455 28.47 3.60 27.43
CA ILE A 455 29.76 3.73 28.11
C ILE A 455 29.65 3.33 29.59
N LYS A 456 28.57 3.75 30.24
CA LYS A 456 28.38 3.40 31.64
C LYS A 456 28.32 1.88 31.78
N GLU A 457 27.64 1.23 30.83
CA GLU A 457 27.50 -0.21 30.83
C GLU A 457 28.77 -1.00 30.53
N SER A 458 29.46 -0.62 29.47
CA SER A 458 30.66 -1.34 29.04
C SER A 458 32.02 -0.78 29.44
N GLY A 459 32.08 0.52 29.71
CA GLY A 459 33.34 1.14 30.04
C GLY A 459 34.20 1.26 28.79
N ASP A 460 33.57 1.13 27.63
CA ASP A 460 34.28 1.23 26.36
C ASP A 460 34.41 2.69 25.93
N TRP A 461 35.30 3.42 26.57
CA TRP A 461 35.52 4.83 26.27
C TRP A 461 36.09 5.01 24.86
N GLY A 462 36.75 3.97 24.36
CA GLY A 462 37.33 4.05 23.04
C GLY A 462 36.32 4.38 21.95
N ILE A 463 35.07 3.97 22.12
CA ILE A 463 34.05 4.23 21.11
C ILE A 463 33.97 5.72 20.73
N LEU A 464 34.25 6.60 21.69
CA LEU A 464 34.21 8.03 21.41
C LEU A 464 35.28 8.43 20.39
N ASP A 465 36.25 7.55 20.16
CA ASP A 465 37.31 7.80 19.20
C ASP A 465 37.00 7.22 17.83
N GLU A 466 36.02 6.33 17.77
CA GLU A 466 35.63 5.70 16.52
C GLU A 466 35.32 6.72 15.42
N PRO A 467 35.94 6.56 14.24
CA PRO A 467 35.69 7.48 13.14
C PRO A 467 34.26 7.30 12.64
N VAL A 468 33.53 8.39 12.46
CA VAL A 468 32.14 8.31 12.01
C VAL A 468 31.79 9.42 11.04
N PRO A 469 31.31 9.04 9.85
CA PRO A 469 30.94 10.00 8.81
C PRO A 469 29.62 10.70 9.10
N PHE A 470 29.36 11.74 8.32
CA PHE A 470 28.13 12.48 8.41
C PHE A 470 27.38 12.06 7.16
N ASP A 471 26.13 11.63 7.33
CA ASP A 471 25.33 11.18 6.20
C ASP A 471 26.08 10.19 5.30
N ASN A 472 26.75 9.23 5.94
CA ASN A 472 27.51 8.17 5.26
C ASN A 472 28.52 8.63 4.20
N GLU A 473 28.87 9.92 4.19
CA GLU A 473 29.80 10.44 3.20
C GLU A 473 31.24 9.98 3.42
N PRO A 474 31.79 9.19 2.49
CA PRO A 474 33.18 8.71 2.63
C PRO A 474 34.13 9.91 2.64
N GLY A 475 35.05 9.93 3.59
CA GLY A 475 35.98 11.04 3.68
C GLY A 475 35.54 12.12 4.66
N SER A 476 34.31 12.01 5.16
CA SER A 476 33.79 13.00 6.11
C SER A 476 33.92 12.55 7.57
N GLU A 477 34.54 11.38 7.77
CA GLU A 477 34.71 10.82 9.10
C GLU A 477 35.21 11.81 10.14
N VAL A 478 34.68 11.67 11.35
CA VAL A 478 35.01 12.53 12.47
C VAL A 478 34.79 11.67 13.73
N PRO A 479 35.58 11.88 14.79
CA PRO A 479 35.40 11.08 16.00
C PRO A 479 33.96 11.10 16.50
N LEU A 480 33.48 9.95 16.97
CA LEU A 480 32.12 9.83 17.49
C LEU A 480 31.85 10.98 18.46
N PHE A 481 32.78 11.25 19.38
CA PHE A 481 32.59 12.33 20.33
C PHE A 481 32.22 13.64 19.64
N GLU A 482 32.85 13.92 18.51
CA GLU A 482 32.58 15.14 17.78
C GLU A 482 31.13 15.18 17.32
N HIS A 483 30.55 14.01 17.07
CA HIS A 483 29.14 13.94 16.67
C HIS A 483 28.30 14.39 17.85
N LEU A 484 28.71 14.00 19.05
CA LEU A 484 27.98 14.37 20.26
C LEU A 484 28.04 15.88 20.45
N THR A 485 29.19 16.47 20.15
CA THR A 485 29.32 17.92 20.28
C THR A 485 28.35 18.58 19.29
N ARG A 486 28.26 18.04 18.08
CA ARG A 486 27.33 18.62 17.10
C ARG A 486 25.90 18.60 17.64
N SER A 487 25.50 17.48 18.26
CA SER A 487 24.16 17.36 18.83
C SER A 487 23.96 18.41 19.92
N PHE A 488 24.92 18.47 20.85
CA PHE A 488 24.86 19.41 21.96
C PHE A 488 24.73 20.85 21.48
N GLN A 489 25.62 21.24 20.58
CA GLN A 489 25.62 22.60 20.04
C GLN A 489 24.35 22.93 19.26
N PHE A 490 23.73 21.92 18.66
CA PHE A 490 22.50 22.18 17.91
C PHE A 490 21.44 22.77 18.81
N THR A 491 21.28 22.19 20.00
CA THR A 491 20.28 22.69 20.94
C THR A 491 20.69 24.06 21.48
N VAL A 492 21.97 24.21 21.80
CA VAL A 492 22.49 25.45 22.33
C VAL A 492 22.21 26.61 21.36
N GLN A 493 22.52 26.38 20.09
CA GLN A 493 22.33 27.37 19.06
C GLN A 493 20.94 27.41 18.43
N ASN A 494 19.97 26.81 19.12
CA ASN A 494 18.59 26.80 18.64
C ASN A 494 17.59 26.92 19.79
N ARG A 495 17.70 28.02 20.51
CA ARG A 495 16.81 28.30 21.64
C ARG A 495 15.94 29.51 21.30
N GLY A 496 14.73 29.55 21.86
CA GLY A 496 13.83 30.65 21.58
C GLY A 496 13.96 31.85 22.51
N PRO A 497 12.98 32.76 22.50
CA PRO A 497 12.98 33.97 23.33
C PRO A 497 12.99 33.73 24.85
N HIS A 498 12.59 32.53 25.28
CA HIS A 498 12.58 32.22 26.71
C HIS A 498 13.82 31.46 27.14
N GLY A 499 14.71 31.19 26.19
CA GLY A 499 15.90 30.43 26.52
C GLY A 499 15.65 28.94 26.40
N LEU A 500 14.43 28.56 26.00
CA LEU A 500 14.07 27.15 25.84
C LEU A 500 14.36 26.72 24.40
N PRO A 501 14.64 25.42 24.17
CA PRO A 501 14.93 24.94 22.83
C PRO A 501 13.76 25.09 21.85
N LEU A 502 14.08 25.48 20.62
CA LEU A 502 13.06 25.61 19.57
C LEU A 502 12.58 24.19 19.27
N ILE A 503 11.27 24.01 19.14
CA ILE A 503 10.72 22.67 18.89
C ILE A 503 10.88 22.12 17.48
N GLY A 504 10.75 22.98 16.47
CA GLY A 504 10.88 22.51 15.10
C GLY A 504 9.66 21.71 14.65
N ARG A 505 9.90 20.65 13.88
CA ARG A 505 8.84 19.79 13.37
C ARG A 505 7.99 19.30 14.54
N ALA A 506 8.67 18.78 15.55
CA ALA A 506 8.02 18.28 16.76
C ALA A 506 9.12 17.76 17.67
N ASP A 507 8.81 17.52 18.94
CA ASP A 507 9.80 16.97 19.86
C ASP A 507 9.45 15.49 20.01
N TRP A 508 9.74 14.89 21.17
CA TRP A 508 9.42 13.48 21.37
C TRP A 508 8.01 13.16 20.87
N ASN A 509 7.07 14.05 21.17
CA ASN A 509 5.68 13.88 20.77
C ASN A 509 5.55 14.24 19.29
N ASP A 510 5.43 13.23 18.44
CA ASP A 510 5.30 13.43 16.98
C ASP A 510 4.09 14.25 16.58
N CYS A 511 3.11 14.39 17.47
CA CYS A 511 1.90 15.13 17.16
C CYS A 511 1.83 16.57 17.65
N LEU A 512 2.89 17.06 18.27
CA LEU A 512 2.91 18.44 18.72
C LEU A 512 3.65 19.19 17.62
N ASN A 513 2.91 19.58 16.60
CA ASN A 513 3.47 20.31 15.46
C ASN A 513 2.99 21.75 15.56
N LEU A 514 3.85 22.60 16.15
CA LEU A 514 3.53 24.01 16.35
C LEU A 514 3.90 24.93 15.18
N ASN A 515 4.55 24.36 14.17
CA ASN A 515 4.96 25.10 12.98
C ASN A 515 4.27 24.51 11.76
N CYS A 516 3.05 24.04 11.95
CA CYS A 516 2.31 23.40 10.88
C CYS A 516 1.16 24.19 10.27
N PHE A 517 0.12 24.43 11.07
CA PHE A 517 -1.05 25.17 10.62
C PHE A 517 -1.60 24.61 9.30
N SER A 518 -1.84 23.30 9.26
CA SER A 518 -2.36 22.67 8.06
C SER A 518 -3.88 22.67 8.00
N THR A 519 -4.40 22.94 6.81
CA THR A 519 -5.83 22.96 6.57
C THR A 519 -6.10 22.10 5.33
N THR A 520 -5.06 21.44 4.84
CA THR A 520 -5.18 20.57 3.68
C THR A 520 -5.34 19.14 4.16
N PRO A 521 -6.53 18.56 3.96
CA PRO A 521 -6.76 17.17 4.39
C PRO A 521 -5.93 16.15 3.64
N GLY A 522 -5.73 15.01 4.28
CA GLY A 522 -4.99 13.92 3.67
C GLY A 522 -3.48 13.98 3.67
N GLU A 523 -2.88 15.14 3.93
CA GLU A 523 -1.43 15.23 3.94
C GLU A 523 -0.89 15.06 5.35
N SER A 524 0.00 14.09 5.51
CA SER A 524 0.60 13.78 6.81
C SER A 524 1.23 14.99 7.50
N PHE A 525 0.91 15.17 8.78
CA PHE A 525 1.47 16.27 9.56
C PHE A 525 2.96 16.01 9.71
N GLN A 526 3.34 14.75 9.60
CA GLN A 526 4.73 14.35 9.75
C GLN A 526 5.62 14.78 8.58
N THR A 527 5.07 14.80 7.38
CA THR A 527 5.83 15.16 6.19
C THR A 527 5.49 16.51 5.58
N THR A 528 4.29 17.02 5.85
CA THR A 528 3.88 18.31 5.29
C THR A 528 4.91 19.37 5.72
N GLU A 529 5.49 20.08 4.75
CA GLU A 529 6.51 21.07 5.09
C GLU A 529 5.99 22.07 6.11
N ASN A 530 6.88 22.68 6.86
CA ASN A 530 6.49 23.62 7.89
C ASN A 530 6.82 25.08 7.59
N GLN A 531 6.17 25.96 8.33
CA GLN A 531 6.34 27.40 8.18
C GLN A 531 7.53 27.95 8.94
N ALA A 532 8.35 28.74 8.23
CA ALA A 532 9.52 29.36 8.83
C ALA A 532 9.01 30.47 9.77
N GLY A 533 9.86 30.90 10.69
CA GLY A 533 9.46 31.95 11.60
C GLY A 533 8.79 31.45 12.87
N GLY A 534 8.22 32.36 13.63
CA GLY A 534 7.56 32.00 14.87
C GLY A 534 8.56 31.80 15.99
N VAL A 535 8.06 31.55 17.19
CA VAL A 535 8.94 31.36 18.35
C VAL A 535 8.56 30.12 19.17
N ALA A 536 8.00 29.12 18.50
CA ALA A 536 7.59 27.88 19.18
C ALA A 536 8.75 27.21 19.95
N GLU A 537 8.53 27.01 21.24
CA GLU A 537 9.53 26.40 22.13
C GLU A 537 9.01 25.15 22.83
N SER A 538 9.91 24.25 23.18
CA SER A 538 9.53 23.00 23.84
C SER A 538 10.16 22.83 25.22
N VAL A 539 9.31 22.63 26.22
CA VAL A 539 9.79 22.42 27.58
C VAL A 539 10.38 21.02 27.69
N PHE A 540 9.83 20.08 26.91
CA PHE A 540 10.37 18.71 26.95
C PHE A 540 11.83 18.69 26.55
N ILE A 541 12.16 19.30 25.41
CA ILE A 541 13.54 19.33 24.94
C ILE A 541 14.42 20.06 25.94
N ALA A 542 13.85 21.02 26.66
CA ALA A 542 14.61 21.77 27.66
C ALA A 542 15.06 20.78 28.73
N ALA A 543 14.13 19.97 29.21
CA ALA A 543 14.45 18.99 30.25
C ALA A 543 15.45 17.99 29.68
N GLN A 544 15.17 17.50 28.47
CA GLN A 544 16.04 16.55 27.79
C GLN A 544 17.47 17.07 27.72
N PHE A 545 17.61 18.36 27.41
CA PHE A 545 18.91 18.99 27.28
C PHE A 545 19.64 19.04 28.62
N VAL A 546 18.91 19.41 29.68
CA VAL A 546 19.52 19.47 31.01
C VAL A 546 20.05 18.08 31.36
N LEU A 547 19.21 17.06 31.16
CA LEU A 547 19.58 15.69 31.47
C LEU A 547 20.77 15.15 30.68
N TYR A 548 20.68 15.18 29.35
CA TYR A 548 21.78 14.64 28.54
C TYR A 548 22.91 15.63 28.28
N GLY A 549 22.63 16.92 28.48
CA GLY A 549 23.68 17.90 28.29
C GLY A 549 24.70 17.69 29.40
N ALA A 550 24.17 17.35 30.57
CA ALA A 550 25.00 17.08 31.75
C ALA A 550 25.92 15.90 31.45
N GLU A 551 25.38 14.90 30.75
CA GLU A 551 26.18 13.72 30.41
C GLU A 551 27.27 14.12 29.42
N TYR A 552 26.92 14.96 28.45
CA TYR A 552 27.90 15.43 27.47
C TYR A 552 29.06 16.12 28.18
N ALA A 553 28.73 16.93 29.17
CA ALA A 553 29.74 17.66 29.94
C ALA A 553 30.71 16.67 30.57
N THR A 554 30.17 15.63 31.20
CA THR A 554 30.99 14.62 31.84
C THR A 554 31.92 13.95 30.84
N LEU A 555 31.39 13.57 29.68
CA LEU A 555 32.21 12.93 28.67
C LEU A 555 33.30 13.90 28.19
N ALA A 556 32.96 15.18 28.10
CA ALA A 556 33.93 16.18 27.67
C ALA A 556 35.05 16.30 28.72
N GLU A 557 34.67 16.33 29.99
CA GLU A 557 35.65 16.43 31.06
C GLU A 557 36.57 15.20 31.08
N ARG A 558 35.97 14.02 30.93
CA ARG A 558 36.75 12.78 30.91
C ARG A 558 37.69 12.75 29.70
N ARG A 559 37.31 13.43 28.63
CA ARG A 559 38.13 13.48 27.43
C ARG A 559 39.29 14.46 27.57
N GLY A 560 39.25 15.26 28.64
CA GLY A 560 40.31 16.23 28.87
C GLY A 560 39.94 17.61 28.34
N LEU A 561 38.68 17.76 27.91
CA LEU A 561 38.18 19.03 27.38
C LEU A 561 37.59 19.88 28.51
N ALA A 562 38.48 20.41 29.34
CA ALA A 562 38.09 21.23 30.49
C ALA A 562 37.22 22.43 30.15
N ASP A 563 37.63 23.19 29.14
CA ASP A 563 36.87 24.37 28.74
C ASP A 563 35.52 24.01 28.13
N VAL A 564 35.51 23.03 27.24
CA VAL A 564 34.28 22.59 26.61
C VAL A 564 33.30 22.15 27.69
N ALA A 565 33.81 21.44 28.68
CA ALA A 565 32.99 20.94 29.78
C ALA A 565 32.42 22.11 30.57
N THR A 566 33.27 23.07 30.91
CA THR A 566 32.83 24.23 31.68
C THR A 566 31.71 24.94 30.91
N GLU A 567 31.95 25.20 29.63
CA GLU A 567 30.96 25.85 28.79
C GLU A 567 29.66 25.05 28.77
N ALA A 568 29.77 23.75 28.54
CA ALA A 568 28.61 22.86 28.49
C ALA A 568 27.77 22.99 29.75
N ARG A 569 28.43 22.92 30.91
CA ARG A 569 27.73 23.03 32.19
C ARG A 569 27.02 24.37 32.33
N LYS A 570 27.62 25.42 31.77
CA LYS A 570 27.02 26.75 31.83
C LYS A 570 25.71 26.78 31.04
N TYR A 571 25.74 26.25 29.82
CA TYR A 571 24.55 26.22 28.99
C TYR A 571 23.46 25.40 29.67
N VAL A 572 23.86 24.29 30.26
CA VAL A 572 22.92 23.43 30.97
C VAL A 572 22.21 24.18 32.09
N ASP A 573 22.96 24.98 32.84
CA ASP A 573 22.39 25.75 33.94
C ASP A 573 21.41 26.81 33.47
N GLU A 574 21.67 27.39 32.29
CA GLU A 574 20.80 28.41 31.73
C GLU A 574 19.46 27.79 31.36
N VAL A 575 19.52 26.64 30.70
CA VAL A 575 18.30 25.97 30.27
C VAL A 575 17.44 25.54 31.46
N ARG A 576 18.07 25.05 32.52
CA ARG A 576 17.27 24.63 33.67
C ARG A 576 16.66 25.85 34.35
N ALA A 577 17.38 26.97 34.31
CA ALA A 577 16.89 28.21 34.91
C ALA A 577 15.65 28.68 34.15
N ALA A 578 15.70 28.55 32.83
CA ALA A 578 14.57 28.95 31.99
C ALA A 578 13.35 28.08 32.28
N VAL A 579 13.59 26.80 32.55
CA VAL A 579 12.49 25.89 32.86
C VAL A 579 11.73 26.35 34.10
N LEU A 580 12.46 26.62 35.18
CA LEU A 580 11.81 27.06 36.41
C LEU A 580 11.24 28.47 36.31
N GLU A 581 11.85 29.29 35.46
CA GLU A 581 11.40 30.67 35.28
C GLU A 581 10.33 30.88 34.20
N HIS A 582 10.45 30.15 33.09
CA HIS A 582 9.50 30.29 32.00
C HIS A 582 8.74 29.01 31.66
N GLY A 583 9.08 27.91 32.34
CA GLY A 583 8.41 26.65 32.07
C GLY A 583 7.57 26.11 33.19
N TRP A 584 7.25 26.94 34.18
CA TRP A 584 6.47 26.52 35.33
C TRP A 584 5.10 27.20 35.33
N ASP A 585 4.03 26.39 35.35
CA ASP A 585 2.66 26.92 35.31
C ASP A 585 2.03 27.18 36.69
N GLY A 586 2.70 26.76 37.77
CA GLY A 586 2.14 26.97 39.09
C GLY A 586 1.94 25.70 39.90
N GLN A 587 1.39 24.67 39.27
CA GLN A 587 1.17 23.38 39.94
C GLN A 587 1.76 22.25 39.11
N TRP A 588 2.34 22.61 37.97
CA TRP A 588 2.98 21.64 37.08
C TRP A 588 3.80 22.38 36.02
N PHE A 589 4.61 21.63 35.27
CA PHE A 589 5.45 22.21 34.22
C PHE A 589 4.65 22.50 32.96
N LEU A 590 5.05 23.58 32.28
CA LEU A 590 4.41 23.97 31.03
C LEU A 590 4.88 22.98 29.97
N ARG A 591 4.13 22.83 28.89
CA ARG A 591 4.51 21.91 27.84
C ARG A 591 5.34 22.55 26.73
N ALA A 592 5.04 23.80 26.41
CA ALA A 592 5.76 24.52 25.36
C ALA A 592 5.12 25.87 25.07
N TYR A 593 5.75 26.62 24.17
CA TYR A 593 5.22 27.92 23.73
C TYR A 593 4.93 27.73 22.25
N ASP A 594 3.74 28.12 21.82
CA ASP A 594 3.37 27.94 20.43
C ASP A 594 4.02 28.92 19.47
N TYR A 595 3.66 28.81 18.20
CA TYR A 595 4.22 29.66 17.17
C TYR A 595 4.06 31.14 17.50
N TYR A 596 2.99 31.49 18.21
CA TYR A 596 2.74 32.88 18.57
C TYR A 596 3.40 33.33 19.87
N GLY A 597 4.03 32.40 20.57
CA GLY A 597 4.68 32.75 21.82
C GLY A 597 3.74 32.56 23.00
N ASN A 598 2.61 31.90 22.77
CA ASN A 598 1.62 31.63 23.80
C ASN A 598 1.92 30.28 24.46
N PRO A 599 1.66 30.16 25.77
CA PRO A 599 1.90 28.93 26.52
C PRO A 599 1.01 27.75 26.16
N VAL A 600 1.62 26.56 26.11
CA VAL A 600 0.93 25.31 25.82
C VAL A 600 1.02 24.43 27.06
N GLY A 601 -0.11 23.89 27.50
CA GLY A 601 -0.14 23.04 28.67
C GLY A 601 -0.24 23.85 29.94
N THR A 602 -1.14 24.84 29.95
CA THR A 602 -1.34 25.71 31.11
C THR A 602 -2.77 25.60 31.63
N ASP A 603 -2.95 25.84 32.93
CA ASP A 603 -4.28 25.77 33.52
C ASP A 603 -5.16 26.89 32.99
N ALA A 604 -4.55 27.86 32.31
CA ALA A 604 -5.29 28.98 31.75
C ALA A 604 -6.16 28.56 30.56
N LYS A 605 -5.89 27.39 30.00
CA LYS A 605 -6.65 26.86 28.87
C LYS A 605 -7.67 25.85 29.35
N PRO A 606 -8.80 25.71 28.64
CA PRO A 606 -9.83 24.74 29.05
C PRO A 606 -9.46 23.29 28.76
N GLU A 607 -8.64 23.07 27.73
CA GLU A 607 -8.23 21.72 27.37
C GLU A 607 -6.71 21.63 27.22
N GLY A 608 -6.16 20.45 27.46
CA GLY A 608 -4.72 20.29 27.37
C GLY A 608 -4.05 21.08 28.47
N LYS A 609 -4.68 21.14 29.64
CA LYS A 609 -4.15 21.88 30.78
C LYS A 609 -2.78 21.38 31.24
N ILE A 610 -2.63 20.07 31.38
CA ILE A 610 -1.37 19.49 31.80
C ILE A 610 -0.93 18.33 30.91
N TRP A 611 0.33 18.38 30.48
CA TRP A 611 0.92 17.35 29.62
C TRP A 611 1.96 16.59 30.45
N ILE A 612 1.96 15.27 30.32
CA ILE A 612 2.84 14.40 31.09
C ILE A 612 4.34 14.40 30.80
N GLU A 613 4.73 14.57 29.53
CA GLU A 613 6.14 14.53 29.16
C GLU A 613 7.11 15.36 29.98
N PRO A 614 6.89 16.67 30.05
CA PRO A 614 7.78 17.55 30.83
C PRO A 614 7.77 17.25 32.32
N GLN A 615 6.64 16.77 32.82
CA GLN A 615 6.53 16.45 34.24
C GLN A 615 7.53 15.35 34.60
N GLY A 616 7.52 14.28 33.82
CA GLY A 616 8.42 13.18 34.08
C GLY A 616 9.86 13.48 33.74
N PHE A 617 10.09 14.10 32.60
CA PHE A 617 11.47 14.37 32.20
C PHE A 617 12.17 15.48 32.98
N ALA A 618 11.45 16.55 33.31
CA ALA A 618 12.06 17.64 34.08
C ALA A 618 12.51 17.15 35.46
N VAL A 619 11.68 16.33 36.09
CA VAL A 619 12.02 15.80 37.41
C VAL A 619 13.18 14.81 37.30
N MET A 620 13.19 14.00 36.24
CA MET A 620 14.28 13.05 36.02
C MET A 620 15.58 13.83 35.92
N ALA A 621 15.48 15.03 35.35
CA ALA A 621 16.64 15.90 35.19
C ALA A 621 16.95 16.61 36.51
N GLY A 622 16.13 16.33 37.53
CA GLY A 622 16.34 16.94 38.83
C GLY A 622 15.76 18.33 39.01
N ILE A 623 15.12 18.85 37.97
CA ILE A 623 14.54 20.20 38.02
C ILE A 623 13.38 20.30 39.01
N GLY A 624 13.50 21.22 39.96
CA GLY A 624 12.44 21.41 40.94
C GLY A 624 12.39 20.45 42.11
N VAL A 625 13.39 19.58 42.24
CA VAL A 625 13.44 18.60 43.33
C VAL A 625 13.80 19.27 44.65
N GLY A 626 13.00 19.00 45.69
CA GLY A 626 13.23 19.61 46.99
C GLY A 626 13.99 18.81 48.04
N GLU A 627 13.68 19.10 49.30
CA GLU A 627 14.32 18.43 50.44
C GLU A 627 13.92 16.97 50.59
N GLY A 628 12.75 16.61 50.10
CA GLY A 628 12.29 15.23 50.22
C GLY A 628 10.89 15.05 49.69
N PRO A 629 10.38 13.80 49.69
CA PRO A 629 9.02 13.50 49.19
C PRO A 629 7.92 14.17 50.01
N ASP A 630 8.27 14.62 51.22
CA ASP A 630 7.33 15.28 52.11
C ASP A 630 7.29 16.80 51.91
N ASP A 631 8.20 17.32 51.11
CA ASP A 631 8.27 18.75 50.82
C ASP A 631 7.22 19.16 49.79
N ALA A 632 6.01 19.44 50.26
CA ALA A 632 4.90 19.82 49.40
C ALA A 632 5.11 21.14 48.64
N ASP A 633 6.19 21.85 48.97
CA ASP A 633 6.48 23.11 48.31
C ASP A 633 7.42 22.97 47.11
N ALA A 634 8.06 21.80 47.00
CA ALA A 634 8.96 21.56 45.89
C ALA A 634 8.16 21.43 44.60
N PRO A 635 8.57 22.15 43.54
CA PRO A 635 7.81 22.04 42.30
C PRO A 635 7.70 20.61 41.78
N ALA A 636 8.76 19.83 41.90
CA ALA A 636 8.75 18.44 41.43
C ALA A 636 7.63 17.65 42.10
N VAL A 637 7.42 17.89 43.39
CA VAL A 637 6.37 17.19 44.12
C VAL A 637 4.99 17.66 43.66
N LYS A 638 4.85 18.96 43.44
CA LYS A 638 3.57 19.50 42.98
C LYS A 638 3.24 18.94 41.60
N ALA A 639 4.24 18.89 40.73
CA ALA A 639 4.06 18.37 39.38
C ALA A 639 3.58 16.91 39.40
N LEU A 640 4.30 16.06 40.12
CA LEU A 640 3.93 14.64 40.20
C LEU A 640 2.57 14.47 40.88
N ASP A 641 2.25 15.36 41.81
CA ASP A 641 0.97 15.30 42.49
C ASP A 641 -0.13 15.64 41.47
N SER A 642 0.15 16.60 40.60
CA SER A 642 -0.80 16.98 39.57
C SER A 642 -0.96 15.84 38.56
N VAL A 643 0.14 15.16 38.24
CA VAL A 643 0.09 14.05 37.31
C VAL A 643 -0.81 12.95 37.86
N ASN A 644 -0.60 12.59 39.12
CA ASN A 644 -1.39 11.54 39.76
C ASN A 644 -2.87 11.86 39.74
N GLU A 645 -3.20 13.11 40.10
CA GLU A 645 -4.57 13.59 40.17
C GLU A 645 -5.30 13.77 38.84
N MET A 646 -4.66 14.45 37.91
CA MET A 646 -5.27 14.75 36.62
C MET A 646 -5.06 13.74 35.49
N LEU A 647 -3.94 13.02 35.52
CA LEU A 647 -3.63 12.06 34.46
C LEU A 647 -3.82 10.59 34.84
N GLY A 648 -3.96 10.32 36.13
CA GLY A 648 -4.09 8.95 36.58
C GLY A 648 -5.38 8.19 36.28
N THR A 649 -5.22 6.94 35.87
CA THR A 649 -6.34 6.04 35.60
C THR A 649 -5.86 4.66 36.06
N PRO A 650 -6.78 3.72 36.25
CA PRO A 650 -6.35 2.38 36.68
C PRO A 650 -5.52 1.64 35.63
N HIS A 651 -5.50 2.15 34.41
CA HIS A 651 -4.73 1.50 33.33
C HIS A 651 -3.42 2.21 33.01
N GLY A 652 -3.11 3.27 33.75
CA GLY A 652 -1.88 4.00 33.50
C GLY A 652 -2.11 5.50 33.49
N LEU A 653 -1.11 6.26 33.04
CA LEU A 653 -1.20 7.71 32.99
C LEU A 653 -1.46 8.25 31.58
N VAL A 654 -2.54 9.02 31.41
CA VAL A 654 -2.86 9.59 30.09
C VAL A 654 -1.87 10.69 29.74
N LEU A 655 -1.71 10.96 28.44
CA LEU A 655 -0.74 11.95 27.98
C LEU A 655 -1.02 13.38 28.41
N GLN A 656 -2.27 13.82 28.30
CA GLN A 656 -2.64 15.17 28.75
C GLN A 656 -4.11 15.22 29.14
N TYR A 657 -4.50 16.27 29.85
CA TYR A 657 -5.87 16.42 30.32
C TYR A 657 -6.29 17.90 30.44
N PRO A 658 -7.50 18.23 29.95
CA PRO A 658 -8.43 17.32 29.29
C PRO A 658 -7.99 17.12 27.85
N ALA A 659 -8.51 16.09 27.19
CA ALA A 659 -8.17 15.86 25.80
C ALA A 659 -8.87 16.94 24.97
N TYR A 660 -8.30 17.27 23.81
CA TYR A 660 -8.86 18.28 22.93
C TYR A 660 -10.12 17.75 22.24
N THR A 661 -11.20 18.52 22.29
CA THR A 661 -12.47 18.09 21.68
C THR A 661 -12.73 18.67 20.29
N THR A 662 -11.91 19.62 19.87
CA THR A 662 -12.03 20.23 18.54
C THR A 662 -10.63 20.41 18.00
N TYR A 663 -10.52 20.57 16.68
CA TYR A 663 -9.23 20.74 16.02
C TYR A 663 -8.54 22.07 16.36
N GLN A 664 -7.36 21.98 16.96
CA GLN A 664 -6.56 23.15 17.34
C GLN A 664 -5.51 23.30 16.25
N ILE A 665 -5.81 24.13 15.24
CA ILE A 665 -4.90 24.31 14.12
C ILE A 665 -3.45 24.63 14.46
N GLU A 666 -3.20 25.32 15.57
CA GLU A 666 -1.83 25.66 15.89
C GLU A 666 -1.04 24.55 16.60
N LEU A 667 -1.69 23.45 16.93
CA LEU A 667 -1.00 22.36 17.61
C LEU A 667 -0.65 21.16 16.72
N GLY A 668 -1.18 21.14 15.51
CA GLY A 668 -0.84 20.05 14.61
C GLY A 668 -1.72 18.81 14.66
N GLU A 669 -1.08 17.65 14.58
CA GLU A 669 -1.82 16.39 14.58
C GLU A 669 -2.48 15.97 15.88
N VAL A 670 -1.91 16.39 17.01
CA VAL A 670 -2.44 15.99 18.31
C VAL A 670 -3.97 16.01 18.48
N SER A 671 -4.62 17.14 18.20
CA SER A 671 -6.07 17.22 18.38
C SER A 671 -6.89 16.54 17.28
N THR A 672 -6.23 15.88 16.33
CA THR A 672 -6.97 15.21 15.26
C THR A 672 -7.49 13.85 15.74
N TYR A 673 -6.90 13.32 16.82
CA TYR A 673 -7.34 12.04 17.36
C TYR A 673 -8.54 12.22 18.29
N PRO A 674 -9.52 11.31 18.23
CA PRO A 674 -10.67 11.46 19.13
C PRO A 674 -10.15 11.37 20.56
N PRO A 675 -10.79 12.06 21.51
CA PRO A 675 -10.34 12.02 22.90
C PRO A 675 -10.13 10.62 23.47
N GLY A 676 -8.98 10.40 24.10
CA GLY A 676 -8.70 9.12 24.71
C GLY A 676 -7.84 8.15 23.91
N TYR A 677 -7.46 8.52 22.69
CA TYR A 677 -6.63 7.63 21.87
C TYR A 677 -5.32 8.25 21.43
N LYS A 678 -4.28 7.43 21.37
CA LYS A 678 -2.96 7.89 20.96
C LYS A 678 -2.52 9.13 21.73
N GLU A 679 -1.94 10.10 21.04
CA GLU A 679 -1.45 11.31 21.68
C GLU A 679 -2.49 12.30 22.24
N ASN A 680 -3.77 12.06 21.99
CA ASN A 680 -4.80 12.95 22.52
C ASN A 680 -5.60 12.24 23.61
N GLY A 681 -5.04 12.20 24.82
CA GLY A 681 -5.74 11.57 25.93
C GLY A 681 -5.52 10.08 26.09
N GLY A 682 -4.74 9.48 25.20
CA GLY A 682 -4.49 8.06 25.32
C GLY A 682 -3.37 7.87 26.33
N ILE A 683 -3.18 6.64 26.78
CA ILE A 683 -2.10 6.35 27.71
C ILE A 683 -0.94 5.92 26.82
N PHE A 684 -0.01 6.83 26.55
CA PHE A 684 1.14 6.51 25.72
C PHE A 684 2.18 5.93 26.64
N CYS A 685 2.06 4.62 26.88
CA CYS A 685 2.94 3.89 27.80
C CYS A 685 4.41 4.29 27.86
N HIS A 686 4.97 4.71 26.73
CA HIS A 686 6.37 5.12 26.65
C HIS A 686 6.76 6.20 27.66
N ASN A 687 5.91 7.21 27.86
CA ASN A 687 6.24 8.28 28.81
C ASN A 687 5.89 7.98 30.28
N ASN A 688 5.25 6.84 30.54
CA ASN A 688 4.91 6.47 31.92
C ASN A 688 6.16 6.16 32.76
N PRO A 689 7.12 5.42 32.19
CA PRO A 689 8.35 5.10 32.94
C PRO A 689 9.14 6.34 33.35
N TRP A 690 8.91 7.46 32.66
CA TRP A 690 9.60 8.70 33.02
C TRP A 690 9.03 9.22 34.35
N VAL A 691 7.72 9.06 34.54
CA VAL A 691 7.07 9.48 35.78
C VAL A 691 7.47 8.49 36.88
N ILE A 692 7.61 7.22 36.50
CA ILE A 692 8.02 6.18 37.44
C ILE A 692 9.39 6.55 38.00
N ILE A 693 10.32 6.86 37.10
CA ILE A 693 11.66 7.23 37.49
C ILE A 693 11.64 8.54 38.29
N ALA A 694 10.84 9.50 37.84
CA ALA A 694 10.73 10.77 38.53
C ALA A 694 10.40 10.51 40.00
N GLU A 695 9.39 9.65 40.22
CA GLU A 695 8.95 9.31 41.56
C GLU A 695 10.06 8.72 42.42
N THR A 696 10.93 7.88 41.85
CA THR A 696 12.01 7.30 42.63
C THR A 696 13.02 8.39 42.96
N VAL A 697 13.05 9.43 42.14
CA VAL A 697 13.98 10.54 42.37
C VAL A 697 13.52 11.39 43.55
N VAL A 698 12.21 11.62 43.64
CA VAL A 698 11.67 12.41 44.74
C VAL A 698 11.51 11.56 46.00
N GLY A 699 11.78 10.26 45.88
CA GLY A 699 11.70 9.37 47.03
C GLY A 699 10.36 8.73 47.34
N ARG A 700 9.52 8.54 46.32
CA ARG A 700 8.22 7.92 46.54
C ARG A 700 8.14 6.60 45.79
N GLY A 701 8.95 5.64 46.24
CA GLY A 701 9.01 4.33 45.61
C GLY A 701 7.69 3.61 45.49
N ALA A 702 6.84 3.73 46.51
CA ALA A 702 5.54 3.07 46.50
C ALA A 702 4.69 3.52 45.33
N GLN A 703 4.65 4.82 45.09
CA GLN A 703 3.86 5.34 43.98
C GLN A 703 4.45 4.93 42.64
N ALA A 704 5.79 4.97 42.55
CA ALA A 704 6.49 4.59 41.34
C ALA A 704 6.19 3.13 40.98
N PHE A 705 6.29 2.24 41.96
CA PHE A 705 6.02 0.82 41.71
C PHE A 705 4.58 0.63 41.31
N ASP A 706 3.70 1.43 41.89
CA ASP A 706 2.28 1.37 41.58
C ASP A 706 2.09 1.65 40.09
N TYR A 707 2.70 2.72 39.58
CA TYR A 707 2.58 3.08 38.18
C TYR A 707 3.13 1.96 37.28
N TYR A 708 4.23 1.35 37.72
CA TYR A 708 4.86 0.25 36.97
C TYR A 708 3.85 -0.88 36.78
N LYS A 709 3.19 -1.26 37.88
CA LYS A 709 2.22 -2.34 37.82
C LYS A 709 1.02 -2.04 36.92
N ARG A 710 0.60 -0.78 36.86
CA ARG A 710 -0.56 -0.42 36.05
C ARG A 710 -0.45 -0.73 34.55
N ILE A 711 0.76 -0.62 34.01
CA ILE A 711 0.97 -0.85 32.59
C ILE A 711 1.77 -2.12 32.26
N THR A 712 2.26 -2.82 33.26
CA THR A 712 3.07 -4.01 33.01
C THR A 712 2.29 -5.28 32.68
N PRO A 713 2.69 -5.97 31.59
CA PRO A 713 2.08 -7.20 31.09
C PRO A 713 1.66 -8.24 32.12
N ALA A 714 2.62 -8.70 32.93
CA ALA A 714 2.36 -9.72 33.95
C ALA A 714 1.23 -9.35 34.91
N TYR A 715 1.04 -8.05 35.15
CA TYR A 715 0.00 -7.58 36.06
C TYR A 715 -1.34 -7.35 35.35
N ARG A 716 -1.30 -7.16 34.04
CA ARG A 716 -2.51 -6.95 33.27
C ARG A 716 -3.06 -8.23 32.64
N GLU A 717 -2.36 -9.34 32.83
CA GLU A 717 -2.80 -10.61 32.26
C GLU A 717 -4.19 -11.02 32.76
N ASP A 718 -4.48 -10.72 34.03
CA ASP A 718 -5.78 -11.09 34.59
C ASP A 718 -6.96 -10.34 33.97
N ILE A 719 -6.66 -9.35 33.14
CA ILE A 719 -7.71 -8.61 32.44
C ILE A 719 -7.42 -8.64 30.93
N SER A 720 -7.06 -9.83 30.42
CA SER A 720 -6.74 -10.00 29.01
C SER A 720 -7.89 -9.62 28.08
N ASP A 721 -9.12 -9.77 28.58
CA ASP A 721 -10.28 -9.44 27.79
C ASP A 721 -10.42 -7.93 27.58
N THR A 722 -9.77 -7.14 28.44
CA THR A 722 -9.85 -5.69 28.28
C THR A 722 -8.61 -5.16 27.54
N HIS A 723 -7.42 -5.65 27.90
CA HIS A 723 -6.18 -5.22 27.23
C HIS A 723 -6.25 -5.70 25.77
N LYS A 724 -6.80 -6.90 25.58
CA LYS A 724 -6.99 -7.53 24.28
C LYS A 724 -5.75 -8.01 23.53
N LEU A 725 -4.66 -7.25 23.61
CA LEU A 725 -3.44 -7.62 22.91
C LEU A 725 -2.58 -8.61 23.72
N GLU A 726 -1.38 -8.91 23.23
CA GLU A 726 -0.50 -9.85 23.91
C GLU A 726 -0.32 -9.51 25.38
N PRO A 727 -0.53 -10.49 26.27
CA PRO A 727 -0.38 -10.24 27.70
C PRO A 727 1.05 -10.40 28.21
N TYR A 728 1.99 -10.65 27.31
CA TYR A 728 3.39 -10.84 27.69
C TYR A 728 4.35 -9.75 27.21
N VAL A 729 3.82 -8.75 26.49
CA VAL A 729 4.66 -7.65 26.03
C VAL A 729 3.93 -6.31 26.15
N TYR A 730 4.71 -5.24 26.24
CA TYR A 730 4.18 -3.89 26.34
C TYR A 730 3.63 -3.44 25.00
N ALA A 731 2.66 -2.55 25.04
CA ALA A 731 2.05 -1.98 23.84
C ALA A 731 2.32 -0.48 23.83
N GLN A 732 2.22 0.15 22.66
CA GLN A 732 2.46 1.57 22.56
C GLN A 732 1.41 2.40 23.29
N MET A 733 0.13 2.06 23.12
CA MET A 733 -0.89 2.85 23.77
C MET A 733 -2.11 2.09 24.27
N ILE A 734 -2.59 2.49 25.43
CA ILE A 734 -3.76 1.91 26.06
C ILE A 734 -4.79 3.03 26.08
N ALA A 735 -5.99 2.75 25.58
CA ALA A 735 -7.04 3.75 25.53
C ALA A 735 -7.22 4.46 26.88
N GLY A 736 -7.27 5.79 26.84
CA GLY A 736 -7.41 6.57 28.05
C GLY A 736 -8.80 6.64 28.66
N LYS A 737 -8.92 7.40 29.74
CA LYS A 737 -10.18 7.54 30.44
C LYS A 737 -11.27 8.24 29.62
N GLU A 738 -10.88 9.08 28.68
CA GLU A 738 -11.87 9.78 27.86
C GLU A 738 -12.36 8.96 26.67
N ALA A 739 -11.81 7.75 26.50
CA ALA A 739 -12.20 6.88 25.39
C ALA A 739 -13.27 5.88 25.81
N VAL A 740 -14.21 5.58 24.92
CA VAL A 740 -15.23 4.61 25.27
C VAL A 740 -14.55 3.24 25.39
N ARG A 741 -13.40 3.09 24.72
CA ARG A 741 -12.65 1.83 24.76
C ARG A 741 -11.55 1.83 25.83
N ALA A 742 -11.70 2.69 26.84
CA ALA A 742 -10.72 2.80 27.92
C ALA A 742 -10.20 1.43 28.36
N GLY A 743 -8.87 1.30 28.46
CA GLY A 743 -8.26 0.05 28.88
C GLY A 743 -7.80 -0.86 27.75
N GLU A 744 -8.29 -0.59 26.53
CA GLU A 744 -7.93 -1.40 25.35
C GLU A 744 -6.67 -0.89 24.67
N ALA A 745 -5.73 -1.80 24.41
CA ALA A 745 -4.46 -1.46 23.79
C ALA A 745 -4.39 -1.62 22.28
N LYS A 746 -3.45 -0.89 21.68
CA LYS A 746 -3.18 -0.94 20.25
C LYS A 746 -1.65 -0.88 20.09
N ASN A 747 -1.15 -1.31 18.95
CA ASN A 747 0.28 -1.24 18.66
C ASN A 747 1.17 -1.96 19.68
N SER A 748 0.97 -3.26 19.83
CA SER A 748 1.77 -4.06 20.76
C SER A 748 3.15 -4.33 20.17
N TRP A 749 4.05 -4.82 21.02
CA TRP A 749 5.42 -5.19 20.65
C TRP A 749 6.44 -4.09 20.32
N LEU A 750 6.20 -3.32 19.28
CA LEU A 750 7.17 -2.30 18.90
C LEU A 750 6.92 -0.95 19.57
N THR A 751 7.63 -0.72 20.67
CA THR A 751 7.49 0.51 21.44
C THR A 751 8.69 0.76 22.35
N GLY A 752 9.03 2.03 22.55
CA GLY A 752 10.14 2.37 23.42
C GLY A 752 9.73 2.08 24.86
N THR A 753 8.47 1.73 25.05
CA THR A 753 7.94 1.41 26.37
C THR A 753 8.75 0.27 26.99
N ALA A 754 9.16 -0.69 26.15
CA ALA A 754 9.93 -1.83 26.63
C ALA A 754 11.27 -1.42 27.22
N ALA A 755 12.09 -0.74 26.43
CA ALA A 755 13.40 -0.30 26.89
C ALA A 755 13.29 0.61 28.11
N TRP A 756 12.39 1.59 28.05
CA TRP A 756 12.24 2.52 29.17
C TRP A 756 11.72 1.87 30.46
N ASN A 757 10.82 0.89 30.33
CA ASN A 757 10.32 0.22 31.53
C ASN A 757 11.38 -0.68 32.13
N PHE A 758 12.22 -1.27 31.27
CA PHE A 758 13.26 -2.12 31.81
C PHE A 758 14.25 -1.24 32.57
N VAL A 759 14.54 -0.06 32.02
CA VAL A 759 15.44 0.88 32.66
C VAL A 759 14.86 1.27 34.02
N ALA A 760 13.57 1.57 34.03
CA ALA A 760 12.88 1.97 35.25
C ALA A 760 12.92 0.91 36.35
N VAL A 761 12.48 -0.31 36.03
CA VAL A 761 12.46 -1.36 37.03
C VAL A 761 13.85 -1.92 37.38
N SER A 762 14.69 -2.15 36.38
CA SER A 762 16.02 -2.70 36.67
C SER A 762 16.98 -1.70 37.31
N GLN A 763 16.90 -0.43 36.87
CA GLN A 763 17.80 0.58 37.39
C GLN A 763 17.30 1.54 38.47
N TYR A 764 16.00 1.80 38.53
CA TYR A 764 15.47 2.73 39.52
C TYR A 764 14.57 2.16 40.60
N LEU A 765 13.72 1.19 40.25
CA LEU A 765 12.84 0.58 41.23
C LEU A 765 13.70 -0.42 42.02
N LEU A 766 14.28 -1.39 41.31
CA LEU A 766 15.15 -2.37 41.97
C LEU A 766 16.45 -1.65 42.33
N GLY A 767 16.70 -0.54 41.65
CA GLY A 767 17.86 0.30 41.94
C GLY A 767 19.27 -0.08 41.57
N VAL A 768 19.46 -1.03 40.67
CA VAL A 768 20.80 -1.43 40.26
C VAL A 768 21.14 -0.84 38.90
N ARG A 769 21.95 0.22 38.88
CA ARG A 769 22.29 0.87 37.62
C ARG A 769 23.76 1.19 37.44
N PRO A 770 24.28 0.93 36.23
CA PRO A 770 25.68 1.18 35.87
C PRO A 770 26.02 2.67 35.81
N ASP A 771 27.19 3.01 36.31
CA ASP A 771 27.67 4.40 36.27
C ASP A 771 29.05 4.31 35.62
N TYR A 772 29.69 5.45 35.40
CA TYR A 772 31.00 5.44 34.75
C TYR A 772 32.09 4.68 35.49
N ASP A 773 32.21 4.85 36.81
CA ASP A 773 33.26 4.18 37.57
C ASP A 773 32.80 3.16 38.60
N GLY A 774 31.48 3.02 38.77
CA GLY A 774 30.99 2.06 39.72
C GLY A 774 29.55 1.67 39.48
N LEU A 775 29.09 0.67 40.22
CA LEU A 775 27.72 0.19 40.10
C LEU A 775 26.88 0.82 41.21
N VAL A 776 25.85 1.57 40.83
CA VAL A 776 24.98 2.21 41.80
C VAL A 776 23.91 1.25 42.28
N VAL A 777 23.68 1.22 43.59
CA VAL A 777 22.66 0.36 44.18
C VAL A 777 21.79 1.29 45.02
N ASP A 778 20.69 1.73 44.42
CA ASP A 778 19.81 2.69 45.06
C ASP A 778 18.32 2.33 44.94
N PRO A 779 17.89 1.25 45.63
CA PRO A 779 16.50 0.78 45.64
C PRO A 779 15.49 1.85 46.05
N GLN A 780 14.33 1.86 45.38
CA GLN A 780 13.28 2.83 45.67
C GLN A 780 12.01 2.22 45.06
N ILE A 781 11.51 1.16 45.69
CA ILE A 781 10.35 0.45 45.16
C ILE A 781 9.17 0.31 46.12
N GLY A 782 9.33 0.79 47.35
CA GLY A 782 8.24 0.70 48.30
C GLY A 782 8.17 -0.61 49.07
N PRO A 783 7.18 -0.74 49.97
CA PRO A 783 6.95 -1.91 50.82
C PRO A 783 6.42 -3.20 50.19
N ASP A 784 5.92 -3.14 48.95
CA ASP A 784 5.40 -4.34 48.30
C ASP A 784 6.46 -5.37 47.96
N VAL A 785 7.73 -4.96 47.97
CA VAL A 785 8.83 -5.87 47.68
C VAL A 785 9.84 -5.67 48.82
N PRO A 786 9.56 -6.27 49.98
CA PRO A 786 10.38 -6.19 51.19
C PRO A 786 11.76 -6.82 51.11
N SER A 787 11.92 -7.86 50.29
CA SER A 787 13.20 -8.52 50.17
C SER A 787 13.39 -9.14 48.79
N TYR A 788 14.59 -8.97 48.24
CA TYR A 788 14.88 -9.52 46.93
C TYR A 788 16.39 -9.55 46.72
N THR A 789 16.82 -10.31 45.73
CA THR A 789 18.24 -10.41 45.40
C THR A 789 18.44 -10.22 43.90
N VAL A 790 19.38 -9.36 43.55
CA VAL A 790 19.71 -9.12 42.15
C VAL A 790 21.09 -9.67 41.87
N THR A 791 21.20 -10.39 40.76
CA THR A 791 22.47 -10.95 40.32
C THR A 791 22.77 -10.12 39.08
N ARG A 792 23.83 -9.32 39.14
CA ARG A 792 24.19 -8.43 38.05
C ARG A 792 25.64 -8.59 37.60
N VAL A 793 25.84 -8.91 36.33
CA VAL A 793 27.19 -9.05 35.79
C VAL A 793 27.54 -7.72 35.13
N ALA A 794 28.61 -7.08 35.59
CA ALA A 794 29.03 -5.79 35.05
C ALA A 794 30.55 -5.70 35.01
N ARG A 795 31.07 -5.23 33.88
CA ARG A 795 32.50 -5.08 33.69
C ARG A 795 33.24 -6.39 34.01
N GLY A 796 32.66 -7.50 33.57
CA GLY A 796 33.28 -8.81 33.78
C GLY A 796 33.23 -9.37 35.19
N ALA A 797 32.52 -8.72 36.09
CA ALA A 797 32.42 -9.21 37.46
C ALA A 797 30.97 -9.49 37.81
N THR A 798 30.74 -10.35 38.79
CA THR A 798 29.39 -10.68 39.21
C THR A 798 29.09 -10.04 40.56
N TYR A 799 27.94 -9.36 40.62
CA TYR A 799 27.51 -8.71 41.85
C TYR A 799 26.25 -9.38 42.38
N GLU A 800 26.34 -9.95 43.58
CA GLU A 800 25.19 -10.59 44.21
C GLU A 800 24.70 -9.53 45.19
N ILE A 801 23.56 -8.93 44.87
CA ILE A 801 23.00 -7.85 45.66
C ILE A 801 21.78 -8.27 46.46
N THR A 802 21.97 -8.44 47.76
CA THR A 802 20.89 -8.85 48.66
C THR A 802 20.27 -7.62 49.30
N VAL A 803 18.99 -7.43 49.05
CA VAL A 803 18.27 -6.26 49.56
C VAL A 803 17.20 -6.52 50.60
N THR A 804 17.30 -5.77 51.70
CA THR A 804 16.32 -5.82 52.78
C THR A 804 15.72 -4.42 52.68
N ASN A 805 14.49 -4.37 52.20
CA ASN A 805 13.81 -3.10 51.98
C ASN A 805 12.56 -2.85 52.81
N SER A 806 12.62 -1.82 53.65
CA SER A 806 11.49 -1.45 54.50
C SER A 806 10.44 -0.73 53.64
N GLY A 807 10.89 -0.07 52.58
CA GLY A 807 9.98 0.63 51.70
C GLY A 807 9.46 1.96 52.22
N ALA A 808 10.01 2.43 53.32
CA ALA A 808 9.58 3.71 53.90
C ALA A 808 9.93 4.87 52.96
N PRO A 809 8.95 5.75 52.68
CA PRO A 809 9.21 6.88 51.78
C PRO A 809 10.43 7.70 52.15
N GLY A 810 11.17 8.14 51.13
CA GLY A 810 12.35 8.93 51.35
C GLY A 810 13.55 8.12 51.79
N ALA A 811 13.30 6.93 52.33
CA ALA A 811 14.37 6.06 52.80
C ALA A 811 15.28 5.64 51.65
N ARG A 812 16.57 5.91 51.81
CA ARG A 812 17.57 5.56 50.81
C ARG A 812 18.45 4.47 51.42
N ALA A 813 19.09 3.67 50.58
CA ALA A 813 19.92 2.57 51.08
C ALA A 813 21.34 2.90 51.54
N SER A 814 21.85 2.03 52.40
CA SER A 814 23.22 2.11 52.90
C SER A 814 23.78 0.75 52.48
N LEU A 815 25.06 0.69 52.17
CA LEU A 815 25.63 -0.56 51.71
C LEU A 815 26.80 -1.12 52.50
N THR A 816 27.05 -2.40 52.30
CA THR A 816 28.16 -3.10 52.90
C THR A 816 28.66 -4.03 51.79
N VAL A 817 29.97 -4.02 51.55
CA VAL A 817 30.55 -4.85 50.51
C VAL A 817 31.55 -5.87 51.06
N ASP A 818 31.31 -7.13 50.73
CA ASP A 818 32.14 -8.25 51.16
C ASP A 818 32.56 -8.15 52.63
N GLY A 819 31.62 -7.75 53.47
CA GLY A 819 31.91 -7.66 54.89
C GLY A 819 32.27 -6.30 55.44
N ALA A 820 32.54 -5.32 54.59
CA ALA A 820 32.89 -3.99 55.07
C ALA A 820 31.90 -2.91 54.63
N PRO A 821 31.74 -1.85 55.44
CA PRO A 821 30.82 -0.76 55.10
C PRO A 821 31.45 0.14 54.04
N VAL A 822 30.61 0.75 53.22
CA VAL A 822 31.09 1.63 52.17
C VAL A 822 30.31 2.94 52.20
N ASP A 823 30.92 4.00 51.68
CA ASP A 823 30.28 5.30 51.64
C ASP A 823 29.33 5.38 50.45
N GLY A 824 28.22 6.10 50.61
CA GLY A 824 27.26 6.26 49.54
C GLY A 824 26.70 4.97 48.97
N ARG A 825 26.13 5.06 47.77
CA ARG A 825 25.51 3.91 47.12
C ARG A 825 26.19 3.49 45.83
N THR A 826 27.46 3.85 45.65
CA THR A 826 28.16 3.47 44.44
C THR A 826 29.33 2.55 44.77
N VAL A 827 29.26 1.34 44.23
CA VAL A 827 30.29 0.34 44.42
C VAL A 827 31.27 0.36 43.26
N PRO A 828 32.48 0.90 43.48
CA PRO A 828 33.47 0.95 42.39
C PRO A 828 33.60 -0.43 41.76
N TYR A 829 33.70 -0.48 40.44
CA TYR A 829 33.81 -1.74 39.73
C TYR A 829 34.99 -2.60 40.20
N ALA A 830 34.70 -3.85 40.50
CA ALA A 830 35.72 -4.79 40.95
C ALA A 830 36.37 -5.42 39.72
N PRO A 831 37.59 -5.97 39.88
CA PRO A 831 38.27 -6.59 38.73
C PRO A 831 37.43 -7.71 38.11
N ALA A 832 37.59 -7.91 36.81
CA ALA A 832 36.86 -8.95 36.09
C ALA A 832 37.14 -10.33 36.68
N GLY A 833 36.13 -11.18 36.72
CA GLY A 833 36.30 -12.52 37.25
C GLY A 833 35.94 -12.66 38.72
N SER A 834 35.73 -11.53 39.39
CA SER A 834 35.39 -11.61 40.81
C SER A 834 33.89 -11.61 41.07
N THR A 835 33.52 -12.04 42.28
CA THR A 835 32.14 -12.10 42.70
C THR A 835 32.06 -11.17 43.91
N VAL A 836 31.23 -10.14 43.81
CA VAL A 836 31.08 -9.17 44.88
C VAL A 836 29.73 -9.32 45.56
N ARG A 837 29.76 -9.43 46.89
CA ARG A 837 28.52 -9.57 47.64
C ARG A 837 28.15 -8.28 48.35
N VAL A 838 27.10 -7.65 47.85
CA VAL A 838 26.63 -6.38 48.39
C VAL A 838 25.37 -6.58 49.22
N GLU A 839 25.41 -6.16 50.48
CA GLU A 839 24.24 -6.27 51.33
C GLU A 839 23.63 -4.88 51.40
N VAL A 840 22.37 -4.77 51.01
CA VAL A 840 21.70 -3.48 50.98
C VAL A 840 20.63 -3.35 52.04
N THR A 841 20.60 -2.20 52.71
CA THR A 841 19.61 -1.94 53.75
C THR A 841 18.87 -0.63 53.46
N VAL A 842 17.55 -0.72 53.39
CA VAL A 842 16.73 0.46 53.14
C VAL A 842 15.70 0.59 54.25
N MET B 21 -15.70 -20.83 -24.78
CA MET B 21 -17.16 -20.73 -24.49
C MET B 21 -17.55 -19.32 -24.06
N ARG B 22 -18.76 -19.17 -23.52
CA ARG B 22 -19.27 -17.88 -23.08
C ARG B 22 -19.88 -17.95 -21.68
N TYR B 23 -19.93 -16.81 -21.01
CA TYR B 23 -20.49 -16.71 -19.67
C TYR B 23 -21.61 -15.67 -19.67
N GLY B 24 -22.02 -15.26 -20.86
CA GLY B 24 -23.07 -14.29 -20.99
C GLY B 24 -23.29 -13.97 -22.45
N HIS B 25 -23.91 -12.83 -22.73
CA HIS B 25 -24.16 -12.41 -24.10
C HIS B 25 -24.53 -10.93 -24.16
N PHE B 26 -24.30 -10.34 -25.33
CA PHE B 26 -24.62 -8.94 -25.55
C PHE B 26 -26.12 -8.79 -25.79
N ASP B 27 -26.69 -7.70 -25.28
CA ASP B 27 -28.09 -7.39 -25.50
C ASP B 27 -28.03 -6.01 -26.12
N ASP B 28 -27.95 -5.97 -27.44
CA ASP B 28 -27.82 -4.71 -28.17
C ASP B 28 -28.98 -3.72 -28.01
N ALA B 29 -30.21 -4.20 -28.07
CA ALA B 29 -31.35 -3.30 -27.93
C ALA B 29 -31.32 -2.58 -26.59
N ALA B 30 -30.87 -3.30 -25.56
CA ALA B 30 -30.80 -2.73 -24.21
C ALA B 30 -29.44 -2.09 -23.90
N ARG B 31 -28.48 -2.24 -24.79
CA ARG B 31 -27.13 -1.71 -24.61
C ARG B 31 -26.54 -2.23 -23.30
N GLU B 32 -26.56 -3.54 -23.14
CA GLU B 32 -26.03 -4.17 -21.94
C GLU B 32 -25.34 -5.48 -22.27
N TYR B 33 -24.51 -5.96 -21.35
CA TYR B 33 -23.88 -7.26 -21.52
C TYR B 33 -24.52 -8.04 -20.38
N VAL B 34 -25.09 -9.19 -20.72
CA VAL B 34 -25.78 -10.04 -19.76
C VAL B 34 -24.93 -11.21 -19.28
N ILE B 35 -24.52 -11.17 -18.02
CA ILE B 35 -23.71 -12.25 -17.46
C ILE B 35 -24.67 -13.24 -16.78
N THR B 36 -24.73 -14.44 -17.34
CA THR B 36 -25.66 -15.46 -16.86
C THR B 36 -25.18 -16.42 -15.77
N THR B 37 -24.05 -16.12 -15.14
CA THR B 37 -23.54 -16.99 -14.09
C THR B 37 -22.57 -16.23 -13.19
N PRO B 38 -22.54 -16.58 -11.89
CA PRO B 38 -21.60 -15.85 -11.05
C PRO B 38 -20.19 -16.42 -11.25
N HIS B 39 -20.11 -17.60 -11.88
CA HIS B 39 -18.84 -18.27 -12.11
C HIS B 39 -18.11 -17.86 -13.37
N THR B 40 -17.71 -16.58 -13.43
CA THR B 40 -16.97 -16.07 -14.57
C THR B 40 -15.49 -16.42 -14.37
N PRO B 41 -14.67 -16.37 -15.45
CA PRO B 41 -13.25 -16.69 -15.32
C PRO B 41 -12.53 -15.71 -14.40
N TYR B 42 -13.07 -14.50 -14.32
CA TYR B 42 -12.49 -13.45 -13.48
C TYR B 42 -13.58 -12.43 -13.20
N PRO B 43 -13.42 -11.63 -12.13
CA PRO B 43 -14.46 -10.62 -11.85
C PRO B 43 -14.61 -9.66 -13.01
N TRP B 44 -15.82 -9.50 -13.53
CA TRP B 44 -16.09 -8.60 -14.65
C TRP B 44 -16.83 -7.38 -14.11
N ILE B 45 -16.25 -6.20 -14.29
CA ILE B 45 -16.83 -4.98 -13.75
C ILE B 45 -17.39 -3.97 -14.75
N ASN B 46 -18.06 -2.98 -14.19
CA ASN B 46 -18.63 -1.87 -14.95
C ASN B 46 -18.24 -0.61 -14.17
N TYR B 47 -18.24 0.54 -14.83
CA TYR B 47 -17.93 1.80 -14.18
C TYR B 47 -19.22 2.62 -14.11
N LEU B 48 -19.58 3.08 -12.91
CA LEU B 48 -20.77 3.90 -12.77
C LEU B 48 -20.29 5.35 -12.64
N GLY B 49 -21.01 6.29 -13.24
CA GLY B 49 -20.62 7.68 -13.17
C GLY B 49 -19.83 8.14 -14.37
N SER B 50 -19.96 9.42 -14.73
CA SER B 50 -19.23 9.96 -15.87
C SER B 50 -18.85 11.41 -15.65
N GLU B 51 -19.03 11.90 -14.44
CA GLU B 51 -18.72 13.29 -14.12
C GLU B 51 -17.60 13.46 -13.11
N GLN B 52 -17.93 13.40 -11.82
CA GLN B 52 -16.91 13.55 -10.77
C GLN B 52 -16.92 12.45 -9.72
N PHE B 53 -18.00 11.67 -9.69
CA PHE B 53 -18.16 10.58 -8.73
C PHE B 53 -18.17 9.27 -9.51
N PHE B 54 -17.32 8.32 -9.12
CA PHE B 54 -17.24 7.06 -9.83
C PHE B 54 -17.31 5.83 -8.94
N SER B 55 -17.77 4.72 -9.51
CA SER B 55 -17.88 3.46 -8.80
C SER B 55 -17.43 2.29 -9.68
N LEU B 56 -16.62 1.40 -9.12
CA LEU B 56 -16.19 0.19 -9.82
C LEU B 56 -17.13 -0.87 -9.28
N LEU B 57 -17.88 -1.52 -10.16
CA LEU B 57 -18.84 -2.54 -9.75
C LEU B 57 -18.72 -3.84 -10.53
N SER B 58 -18.37 -4.93 -9.82
CA SER B 58 -18.24 -6.23 -10.44
C SER B 58 -19.62 -6.89 -10.53
N HIS B 59 -19.71 -7.98 -11.26
CA HIS B 59 -20.96 -8.70 -11.43
C HIS B 59 -21.35 -9.39 -10.12
N GLN B 60 -20.56 -9.17 -9.08
CA GLN B 60 -20.79 -9.74 -7.74
C GLN B 60 -20.85 -8.63 -6.70
N ALA B 61 -21.20 -7.43 -7.15
CA ALA B 61 -21.32 -6.25 -6.28
C ALA B 61 -20.00 -5.82 -5.65
N GLY B 62 -18.89 -6.34 -6.18
CA GLY B 62 -17.59 -5.98 -5.64
C GLY B 62 -17.06 -4.65 -6.15
N GLY B 63 -16.11 -4.06 -5.43
CA GLY B 63 -15.55 -2.80 -5.86
C GLY B 63 -15.61 -1.70 -4.82
N TYR B 64 -15.54 -0.45 -5.29
CA TYR B 64 -15.58 0.71 -4.41
C TYR B 64 -15.94 1.98 -5.16
N SER B 65 -16.14 3.06 -4.40
CA SER B 65 -16.51 4.35 -4.95
C SER B 65 -15.60 5.48 -4.48
N PHE B 66 -15.43 6.50 -5.31
CA PHE B 66 -14.58 7.63 -4.96
C PHE B 66 -15.05 8.90 -5.65
N TYR B 67 -14.68 10.03 -5.04
CA TYR B 67 -15.03 11.36 -5.57
C TYR B 67 -13.80 12.02 -6.18
N ARG B 68 -13.82 12.15 -7.51
CA ARG B 68 -12.74 12.79 -8.27
C ARG B 68 -11.36 12.13 -8.23
N ASP B 69 -10.94 11.69 -7.05
CA ASP B 69 -9.62 11.09 -6.90
C ASP B 69 -9.68 9.76 -6.12
N ALA B 70 -9.37 8.66 -6.79
CA ALA B 70 -9.42 7.34 -6.17
C ALA B 70 -8.42 7.16 -5.03
N LYS B 71 -7.42 8.03 -4.98
CA LYS B 71 -6.41 7.94 -3.93
C LYS B 71 -6.72 8.81 -2.72
N MET B 72 -7.15 10.04 -2.96
CA MET B 72 -7.41 10.97 -1.87
C MET B 72 -8.84 11.09 -1.35
N ARG B 73 -9.80 10.56 -2.10
CA ARG B 73 -11.20 10.63 -1.67
C ARG B 73 -11.97 9.34 -1.93
N ARG B 74 -11.45 8.22 -1.46
CA ARG B 74 -12.11 6.93 -1.65
C ARG B 74 -13.08 6.72 -0.48
N LEU B 75 -14.37 6.61 -0.79
CA LEU B 75 -15.39 6.43 0.24
C LEU B 75 -15.47 5.04 0.84
N THR B 76 -15.31 4.03 0.00
CA THR B 76 -15.42 2.65 0.45
C THR B 76 -14.18 1.81 0.21
N ARG B 77 -13.94 0.85 1.11
CA ARG B 77 -12.76 -0.01 1.04
C ARG B 77 -12.89 -1.21 0.12
N TYR B 78 -11.80 -1.55 -0.57
CA TYR B 78 -11.76 -2.69 -1.47
C TYR B 78 -10.38 -3.32 -1.41
N ARG B 79 -10.35 -4.65 -1.30
CA ARG B 79 -9.08 -5.34 -1.20
C ARG B 79 -8.65 -6.02 -2.50
N TYR B 80 -7.50 -5.60 -3.00
CA TYR B 80 -6.91 -6.17 -4.20
C TYR B 80 -6.21 -7.47 -3.76
N ASN B 81 -6.07 -8.41 -4.67
CA ASN B 81 -5.42 -9.69 -4.35
C ASN B 81 -5.98 -10.30 -3.06
N ASN B 82 -7.31 -10.38 -2.96
CA ASN B 82 -7.95 -10.96 -1.79
C ASN B 82 -8.18 -12.44 -2.08
N ILE B 83 -8.40 -13.23 -1.04
CA ILE B 83 -8.66 -14.65 -1.22
C ILE B 83 -10.02 -15.01 -0.64
N PRO B 84 -11.03 -15.25 -1.49
CA PRO B 84 -10.93 -15.19 -2.95
C PRO B 84 -10.99 -13.77 -3.48
N ALA B 85 -10.74 -13.63 -4.79
CA ALA B 85 -10.76 -12.34 -5.43
C ALA B 85 -12.14 -11.69 -5.35
N ASP B 86 -12.16 -10.38 -5.17
CA ASP B 86 -13.41 -9.64 -5.13
C ASP B 86 -14.41 -10.13 -4.08
N ALA B 87 -13.93 -10.38 -2.86
CA ALA B 87 -14.80 -10.86 -1.81
C ALA B 87 -15.25 -9.73 -0.88
N GLY B 88 -15.61 -8.59 -1.46
CA GLY B 88 -16.05 -7.44 -0.68
C GLY B 88 -16.70 -6.39 -1.56
N GLY B 89 -17.84 -5.86 -1.12
CA GLY B 89 -18.54 -4.83 -1.88
C GLY B 89 -19.86 -4.44 -1.24
N ARG B 90 -20.83 -4.06 -2.06
CA ARG B 90 -22.16 -3.67 -1.57
C ARG B 90 -23.01 -4.92 -1.42
N TYR B 91 -23.15 -5.41 -0.19
CA TYR B 91 -23.91 -6.62 0.03
C TYR B 91 -25.27 -6.46 0.71
N LEU B 92 -26.18 -7.37 0.39
CA LEU B 92 -27.51 -7.38 0.95
C LEU B 92 -27.77 -8.80 1.44
N TYR B 93 -27.62 -9.01 2.75
CA TYR B 93 -27.82 -10.32 3.35
C TYR B 93 -29.31 -10.58 3.60
N VAL B 94 -29.83 -11.64 3.00
CA VAL B 94 -31.23 -12.00 3.18
C VAL B 94 -31.33 -13.16 4.16
N ASN B 95 -32.09 -12.98 5.22
CA ASN B 95 -32.29 -14.04 6.20
C ASN B 95 -33.74 -14.44 6.08
N ASP B 96 -33.96 -15.65 5.56
CA ASP B 96 -35.30 -16.19 5.37
C ASP B 96 -35.43 -17.42 6.25
N GLY B 97 -36.10 -17.24 7.39
CA GLY B 97 -36.28 -18.35 8.32
C GLY B 97 -34.97 -18.95 8.82
N GLY B 98 -33.95 -18.11 8.98
CA GLY B 98 -32.67 -18.61 9.45
C GLY B 98 -31.67 -18.84 8.32
N ASP B 99 -32.16 -19.06 7.11
CA ASP B 99 -31.28 -19.27 5.96
C ASP B 99 -30.78 -17.90 5.51
N VAL B 100 -29.46 -17.76 5.38
CA VAL B 100 -28.88 -16.50 4.95
C VAL B 100 -28.18 -16.67 3.61
N TRP B 101 -28.51 -15.79 2.67
CA TRP B 101 -27.91 -15.81 1.35
C TRP B 101 -27.82 -14.39 0.80
N THR B 102 -27.00 -14.22 -0.21
CA THR B 102 -26.82 -12.91 -0.85
C THR B 102 -27.11 -13.07 -2.34
N PRO B 103 -27.92 -12.17 -2.91
CA PRO B 103 -28.25 -12.25 -4.34
C PRO B 103 -27.04 -12.12 -5.26
N SER B 104 -25.97 -11.51 -4.76
CA SER B 104 -24.75 -11.37 -5.56
C SER B 104 -23.89 -12.64 -5.45
N TRP B 105 -24.51 -13.70 -4.93
CA TRP B 105 -23.84 -14.99 -4.70
C TRP B 105 -22.77 -14.81 -3.64
N LEU B 106 -21.61 -14.25 -4.01
CA LEU B 106 -20.57 -14.00 -3.01
C LEU B 106 -21.21 -12.97 -2.07
N PRO B 107 -20.77 -12.90 -0.80
CA PRO B 107 -19.70 -13.70 -0.20
C PRO B 107 -20.21 -15.02 0.39
N VAL B 108 -21.53 -15.14 0.52
CA VAL B 108 -22.10 -16.35 1.12
C VAL B 108 -22.04 -17.58 0.23
N LYS B 109 -22.19 -17.39 -1.07
CA LYS B 109 -22.12 -18.51 -2.01
C LYS B 109 -23.21 -19.58 -1.79
N ALA B 110 -24.44 -19.14 -1.52
CA ALA B 110 -25.54 -20.06 -1.32
C ALA B 110 -26.01 -20.46 -2.71
N ASP B 111 -26.67 -21.60 -2.83
CA ASP B 111 -27.16 -22.01 -4.13
C ASP B 111 -28.36 -21.14 -4.48
N LEU B 112 -28.34 -20.56 -5.68
CA LEU B 112 -29.42 -19.70 -6.14
C LEU B 112 -30.24 -20.39 -7.22
N ASP B 113 -31.55 -20.21 -7.18
CA ASP B 113 -32.44 -20.78 -8.17
C ASP B 113 -32.23 -20.07 -9.49
N HIS B 114 -31.91 -18.78 -9.40
CA HIS B 114 -31.65 -17.97 -10.59
C HIS B 114 -30.64 -16.88 -10.23
N PHE B 115 -29.84 -16.48 -11.21
CA PHE B 115 -28.85 -15.42 -11.03
C PHE B 115 -28.55 -14.75 -12.37
N GLU B 116 -28.49 -13.43 -12.35
CA GLU B 116 -28.18 -12.69 -13.57
C GLU B 116 -27.61 -11.33 -13.21
N ALA B 117 -26.64 -10.91 -14.01
CA ALA B 117 -26.00 -9.61 -13.83
C ALA B 117 -25.97 -8.90 -15.16
N ARG B 118 -26.53 -7.70 -15.20
CA ARG B 118 -26.55 -6.92 -16.42
C ARG B 118 -25.74 -5.65 -16.24
N HIS B 119 -24.73 -5.47 -17.08
CA HIS B 119 -23.91 -4.27 -17.03
C HIS B 119 -24.38 -3.38 -18.17
N GLY B 120 -24.87 -2.21 -17.82
CA GLY B 120 -25.35 -1.27 -18.82
C GLY B 120 -24.50 -0.02 -18.84
N LEU B 121 -25.00 1.02 -19.51
CA LEU B 121 -24.26 2.28 -19.61
C LEU B 121 -24.51 3.18 -18.41
N GLY B 122 -23.60 3.13 -17.44
CA GLY B 122 -23.74 3.95 -16.25
C GLY B 122 -24.55 3.31 -15.15
N TYR B 123 -24.93 2.05 -15.33
CA TYR B 123 -25.73 1.35 -14.34
C TYR B 123 -25.61 -0.16 -14.54
N SER B 124 -25.94 -0.92 -13.50
CA SER B 124 -25.91 -2.37 -13.55
C SER B 124 -27.05 -2.94 -12.73
N ARG B 125 -27.49 -4.14 -13.10
CA ARG B 125 -28.55 -4.83 -12.37
C ARG B 125 -28.02 -6.20 -12.01
N ILE B 126 -28.17 -6.59 -10.76
CA ILE B 126 -27.73 -7.90 -10.31
C ILE B 126 -28.94 -8.54 -9.63
N THR B 127 -29.28 -9.74 -10.07
CA THR B 127 -30.45 -10.43 -9.51
C THR B 127 -30.14 -11.85 -9.06
N GLY B 128 -30.58 -12.17 -7.85
CA GLY B 128 -30.39 -13.50 -7.32
C GLY B 128 -31.70 -13.95 -6.69
N GLU B 129 -32.06 -15.22 -6.87
CA GLU B 129 -33.30 -15.74 -6.30
C GLU B 129 -33.05 -17.06 -5.57
N ARG B 130 -33.61 -17.17 -4.36
CA ARG B 130 -33.45 -18.39 -3.56
C ARG B 130 -34.68 -18.66 -2.67
N ASN B 131 -35.22 -19.86 -2.79
CA ASN B 131 -36.37 -20.31 -2.01
C ASN B 131 -37.57 -19.36 -1.92
N GLY B 132 -38.10 -18.97 -3.08
CA GLY B 132 -39.27 -18.10 -3.13
C GLY B 132 -39.08 -16.61 -2.95
N LEU B 133 -37.84 -16.16 -2.86
CA LEU B 133 -37.56 -14.75 -2.67
C LEU B 133 -36.55 -14.28 -3.72
N LYS B 134 -37.01 -13.41 -4.63
CA LYS B 134 -36.15 -12.87 -5.66
C LYS B 134 -35.70 -11.47 -5.27
N VAL B 135 -34.39 -11.20 -5.36
CA VAL B 135 -33.87 -9.90 -5.01
C VAL B 135 -33.04 -9.29 -6.14
N GLU B 136 -33.57 -8.23 -6.72
CA GLU B 136 -32.91 -7.53 -7.82
C GLU B 136 -32.42 -6.17 -7.35
N THR B 137 -31.20 -5.82 -7.71
CA THR B 137 -30.64 -4.53 -7.33
C THR B 137 -30.11 -3.73 -8.52
N LEU B 138 -30.58 -2.49 -8.62
CA LEU B 138 -30.18 -1.58 -9.66
C LEU B 138 -29.14 -0.64 -9.07
N PHE B 139 -27.93 -0.66 -9.65
CA PHE B 139 -26.81 0.17 -9.20
C PHE B 139 -26.53 1.27 -10.21
N PHE B 140 -26.36 2.50 -9.76
CA PHE B 140 -26.02 3.59 -10.66
C PHE B 140 -25.66 4.89 -9.95
N VAL B 141 -24.97 5.76 -10.68
CA VAL B 141 -24.58 7.07 -10.17
C VAL B 141 -25.40 8.07 -10.98
N PRO B 142 -26.38 8.74 -10.35
CA PRO B 142 -27.23 9.71 -11.03
C PRO B 142 -26.46 10.90 -11.59
N LEU B 143 -26.95 11.44 -12.71
CA LEU B 143 -26.32 12.60 -13.34
C LEU B 143 -26.42 13.76 -12.35
N GLY B 144 -25.34 14.52 -12.24
CA GLY B 144 -25.33 15.66 -11.32
C GLY B 144 -25.27 15.33 -9.84
N GLU B 145 -25.08 14.06 -9.51
CA GLU B 145 -25.02 13.63 -8.12
C GLU B 145 -23.72 12.93 -7.78
N ASN B 146 -23.20 13.20 -6.58
CA ASN B 146 -21.98 12.57 -6.09
C ASN B 146 -22.43 11.47 -5.15
N ALA B 147 -23.02 10.43 -5.71
CA ALA B 147 -23.51 9.32 -4.90
C ALA B 147 -23.82 8.11 -5.75
N GLU B 148 -23.87 6.95 -5.10
CA GLU B 148 -24.20 5.70 -5.78
C GLU B 148 -25.55 5.28 -5.20
N VAL B 149 -26.53 5.08 -6.09
CA VAL B 149 -27.86 4.69 -5.67
C VAL B 149 -28.17 3.25 -5.99
N GLN B 150 -28.79 2.56 -5.03
CA GLN B 150 -29.20 1.18 -5.20
C GLN B 150 -30.70 1.11 -5.04
N LYS B 151 -31.38 0.58 -6.04
CA LYS B 151 -32.82 0.41 -5.95
C LYS B 151 -33.02 -1.10 -5.83
N VAL B 152 -33.44 -1.54 -4.65
CA VAL B 152 -33.65 -2.96 -4.39
C VAL B 152 -35.11 -3.36 -4.53
N THR B 153 -35.38 -4.40 -5.31
CA THR B 153 -36.73 -4.91 -5.49
C THR B 153 -36.78 -6.36 -5.02
N VAL B 154 -37.45 -6.60 -3.89
CA VAL B 154 -37.58 -7.94 -3.34
C VAL B 154 -38.97 -8.47 -3.68
N THR B 155 -39.00 -9.63 -4.33
CA THR B 155 -40.26 -10.23 -4.76
C THR B 155 -40.50 -11.63 -4.23
N ASN B 156 -41.75 -11.89 -3.83
CA ASN B 156 -42.14 -13.20 -3.33
C ASN B 156 -42.62 -13.98 -4.54
N THR B 157 -41.84 -14.96 -4.97
CA THR B 157 -42.20 -15.76 -6.13
C THR B 157 -42.91 -17.07 -5.76
N SER B 158 -43.24 -17.24 -4.47
CA SER B 158 -43.92 -18.45 -4.02
C SER B 158 -45.43 -18.25 -3.99
N ASP B 159 -46.16 -19.31 -3.64
CA ASP B 159 -47.61 -19.21 -3.57
C ASP B 159 -48.10 -18.95 -2.15
N ALA B 160 -47.17 -18.68 -1.24
CA ALA B 160 -47.52 -18.42 0.15
C ALA B 160 -46.82 -17.17 0.67
N PRO B 161 -47.45 -16.44 1.60
CA PRO B 161 -46.83 -15.23 2.14
C PRO B 161 -45.49 -15.52 2.80
N LYS B 162 -44.54 -14.61 2.63
CA LYS B 162 -43.21 -14.78 3.21
C LYS B 162 -42.77 -13.55 3.98
N THR B 163 -41.79 -13.73 4.85
CA THR B 163 -41.23 -12.67 5.64
C THR B 163 -39.73 -12.91 5.65
N ALA B 164 -38.97 -11.84 5.81
CA ALA B 164 -37.52 -11.96 5.82
C ALA B 164 -36.93 -10.65 6.32
N THR B 165 -35.65 -10.68 6.67
CA THR B 165 -34.97 -9.47 7.13
C THR B 165 -33.77 -9.26 6.22
N LEU B 166 -33.64 -8.06 5.67
CA LEU B 166 -32.53 -7.74 4.77
C LEU B 166 -31.51 -6.86 5.49
N PHE B 167 -30.24 -7.28 5.45
CA PHE B 167 -29.16 -6.52 6.08
C PHE B 167 -28.23 -5.96 5.02
N SER B 168 -28.19 -4.63 4.88
CA SER B 168 -27.31 -4.00 3.90
C SER B 168 -25.90 -3.96 4.48
N PHE B 169 -24.90 -3.77 3.63
CA PHE B 169 -23.53 -3.74 4.10
C PHE B 169 -22.57 -3.05 3.15
N VAL B 170 -21.74 -2.18 3.71
CA VAL B 170 -20.72 -1.49 2.94
C VAL B 170 -19.63 -1.15 3.96
N GLU B 171 -18.38 -1.39 3.59
CA GLU B 171 -17.25 -1.11 4.46
C GLU B 171 -16.61 0.19 4.00
N PHE B 172 -16.49 1.15 4.92
CA PHE B 172 -15.91 2.43 4.57
C PHE B 172 -14.39 2.40 4.47
N CYS B 173 -13.85 3.35 3.72
CA CYS B 173 -12.41 3.51 3.56
C CYS B 173 -12.16 4.85 4.24
N LEU B 174 -10.96 5.04 4.79
CA LEU B 174 -10.67 6.28 5.48
C LEU B 174 -10.16 7.40 4.55
N TRP B 175 -10.88 7.58 3.44
CA TRP B 175 -10.58 8.61 2.44
C TRP B 175 -9.25 8.48 1.70
N ASN B 176 -8.15 8.52 2.43
CA ASN B 176 -6.82 8.39 1.85
C ASN B 176 -6.55 6.88 1.75
N ALA B 177 -6.80 6.31 0.57
CA ALA B 177 -6.62 4.87 0.36
C ALA B 177 -5.22 4.36 0.70
N GLN B 178 -4.20 5.15 0.42
CA GLN B 178 -2.84 4.75 0.72
C GLN B 178 -2.66 4.68 2.24
N ASP B 179 -3.10 5.71 2.94
CA ASP B 179 -3.00 5.75 4.41
C ASP B 179 -3.80 4.59 4.98
N ASP B 180 -4.99 4.38 4.41
CA ASP B 180 -5.93 3.34 4.84
C ASP B 180 -5.31 1.95 4.88
N GLN B 181 -4.48 1.65 3.89
CA GLN B 181 -3.84 0.35 3.73
C GLN B 181 -2.49 0.18 4.40
N THR B 182 -1.91 1.27 4.92
CA THR B 182 -0.58 1.14 5.51
C THR B 182 -0.33 1.81 6.87
N ASN B 183 -1.17 2.74 7.26
CA ASN B 183 -0.93 3.49 8.51
C ASN B 183 -1.84 3.19 9.70
N TYR B 184 -2.05 1.90 9.98
CA TYR B 184 -2.90 1.47 11.08
C TYR B 184 -2.43 1.97 12.44
N GLN B 185 -1.13 2.19 12.60
CA GLN B 185 -0.60 2.65 13.87
C GLN B 185 -1.33 3.93 14.28
N ARG B 186 -1.80 4.68 13.30
CA ARG B 186 -2.56 5.90 13.54
C ARG B 186 -4.05 5.72 13.28
N ASN B 187 -4.41 5.35 12.06
CA ASN B 187 -5.82 5.27 11.68
C ASN B 187 -6.76 4.28 12.36
N LEU B 188 -6.25 3.34 13.15
CA LEU B 188 -7.17 2.42 13.82
C LEU B 188 -7.86 3.14 14.99
N SER B 189 -7.40 4.34 15.32
CA SER B 189 -7.97 5.12 16.42
C SER B 189 -8.76 6.35 15.97
N ILE B 190 -8.87 6.57 14.66
CA ILE B 190 -9.56 7.75 14.18
C ILE B 190 -10.92 7.55 13.53
N GLY B 191 -11.32 6.29 13.32
CA GLY B 191 -12.61 6.02 12.71
C GLY B 191 -13.76 6.61 13.51
N GLU B 192 -14.59 7.42 12.87
CA GLU B 192 -15.73 8.06 13.53
C GLU B 192 -17.00 8.02 12.69
N VAL B 193 -18.13 7.81 13.35
CA VAL B 193 -19.41 7.73 12.66
C VAL B 193 -20.52 8.39 13.48
N GLU B 194 -21.68 8.56 12.85
CA GLU B 194 -22.87 9.11 13.52
C GLU B 194 -24.05 8.28 13.04
N VAL B 195 -24.97 8.00 13.95
CA VAL B 195 -26.15 7.20 13.61
C VAL B 195 -27.44 8.01 13.70
N GLU B 196 -28.24 7.93 12.64
CA GLU B 196 -29.52 8.65 12.54
C GLU B 196 -30.60 7.67 12.11
N GLN B 197 -31.14 6.91 13.06
CA GLN B 197 -32.17 5.94 12.75
C GLN B 197 -33.49 6.59 12.34
N ASP B 198 -33.75 7.79 12.85
CA ASP B 198 -34.99 8.48 12.53
C ASP B 198 -34.76 9.78 11.77
N GLY B 199 -34.37 9.64 10.50
CA GLY B 199 -34.14 10.81 9.66
C GLY B 199 -35.41 11.23 8.96
N PRO B 200 -35.38 12.32 8.17
CA PRO B 200 -36.55 12.81 7.46
C PRO B 200 -37.12 11.85 6.43
N HIS B 201 -36.27 11.03 5.82
CA HIS B 201 -36.73 10.10 4.80
C HIS B 201 -36.44 8.64 5.13
N GLY B 202 -35.84 8.42 6.29
CA GLY B 202 -35.51 7.07 6.71
C GLY B 202 -34.27 7.07 7.59
N SER B 203 -33.58 5.94 7.66
CA SER B 203 -32.40 5.83 8.49
C SER B 203 -31.12 6.13 7.71
N ALA B 204 -30.14 6.70 8.39
CA ALA B 204 -28.87 7.03 7.75
C ALA B 204 -27.70 6.91 8.71
N ILE B 205 -26.56 6.52 8.15
CA ILE B 205 -25.32 6.38 8.91
C ILE B 205 -24.33 7.35 8.27
N TYR B 206 -23.57 8.03 9.11
CA TYR B 206 -22.59 9.00 8.63
C TYR B 206 -21.17 8.57 8.94
N HIS B 207 -20.32 8.54 7.90
CA HIS B 207 -18.91 8.21 8.09
C HIS B 207 -18.21 9.55 8.04
N LYS B 208 -17.68 9.98 9.18
CA LYS B 208 -17.04 11.29 9.27
C LYS B 208 -15.60 11.31 9.76
N THR B 209 -14.85 10.26 9.46
CA THR B 209 -13.45 10.19 9.87
C THR B 209 -12.71 11.45 9.42
N GLU B 210 -12.00 12.06 10.36
CA GLU B 210 -11.22 13.28 10.14
C GLU B 210 -12.04 14.54 9.79
N TYR B 211 -13.37 14.46 9.92
CA TYR B 211 -14.23 15.62 9.66
C TYR B 211 -13.93 16.53 10.85
N ARG B 212 -13.58 15.90 11.96
CA ARG B 212 -13.21 16.58 13.20
C ARG B 212 -12.10 17.60 12.88
N GLU B 213 -11.20 17.21 11.99
CA GLU B 213 -10.09 18.06 11.62
C GLU B 213 -10.14 18.74 10.24
N ARG B 214 -9.19 18.43 9.36
CA ARG B 214 -9.11 19.09 8.06
C ARG B 214 -10.11 18.76 6.95
N ARG B 215 -10.94 17.75 7.13
CA ARG B 215 -11.89 17.39 6.08
C ARG B 215 -13.21 18.15 6.19
N ASP B 216 -13.69 18.66 5.06
CA ASP B 216 -14.95 19.40 5.00
C ASP B 216 -15.99 18.50 4.37
N HIS B 217 -15.66 17.21 4.31
CA HIS B 217 -16.54 16.23 3.70
C HIS B 217 -16.76 14.99 4.56
N TYR B 218 -17.91 14.35 4.36
CA TYR B 218 -18.24 13.13 5.07
C TYR B 218 -19.08 12.28 4.11
N ALA B 219 -19.29 11.01 4.46
CA ALA B 219 -20.09 10.15 3.61
C ALA B 219 -21.34 9.72 4.33
N VAL B 220 -22.39 9.43 3.57
CA VAL B 220 -23.64 8.98 4.17
C VAL B 220 -24.08 7.69 3.50
N PHE B 221 -24.73 6.84 4.27
CA PHE B 221 -25.25 5.58 3.77
C PHE B 221 -26.64 5.45 4.40
N GLY B 222 -27.67 5.69 3.60
CA GLY B 222 -29.02 5.62 4.14
C GLY B 222 -29.98 4.86 3.26
N VAL B 223 -31.18 4.61 3.81
CA VAL B 223 -32.22 3.89 3.09
C VAL B 223 -33.54 4.66 3.29
N ASN B 224 -34.41 4.61 2.29
CA ASN B 224 -35.68 5.33 2.33
C ASN B 224 -36.77 4.72 3.21
N THR B 225 -36.39 4.27 4.41
CA THR B 225 -37.34 3.68 5.34
C THR B 225 -36.70 3.67 6.73
N ARG B 226 -37.53 3.63 7.78
CA ARG B 226 -36.99 3.61 9.13
C ARG B 226 -36.53 2.17 9.38
N ALA B 227 -35.22 1.99 9.48
CA ALA B 227 -34.64 0.66 9.68
C ALA B 227 -34.94 0.10 11.06
N ASP B 228 -35.05 -1.22 11.13
CA ASP B 228 -35.32 -1.90 12.38
C ASP B 228 -34.08 -1.80 13.27
N GLY B 229 -32.92 -1.90 12.64
CA GLY B 229 -31.67 -1.83 13.37
C GLY B 229 -30.54 -1.36 12.48
N PHE B 230 -29.33 -1.29 13.05
CA PHE B 230 -28.15 -0.83 12.31
C PHE B 230 -26.87 -1.42 12.88
N ASP B 231 -25.74 -1.11 12.22
CA ASP B 231 -24.42 -1.54 12.66
C ASP B 231 -23.39 -0.69 11.95
N THR B 232 -22.40 -0.20 12.71
CA THR B 232 -21.35 0.63 12.15
C THR B 232 -19.95 0.07 12.43
N ASP B 233 -19.88 -0.95 13.28
CA ASP B 233 -18.60 -1.57 13.61
C ASP B 233 -18.49 -2.92 12.88
N ARG B 234 -17.53 -3.03 11.98
CA ARG B 234 -17.37 -4.26 11.21
C ARG B 234 -17.20 -5.53 12.04
N ASP B 235 -16.29 -5.49 13.01
CA ASP B 235 -16.04 -6.67 13.84
C ASP B 235 -17.32 -7.19 14.51
N THR B 236 -18.18 -6.29 14.96
CA THR B 236 -19.42 -6.72 15.59
C THR B 236 -20.37 -7.31 14.55
N PHE B 237 -20.48 -6.67 13.40
CA PHE B 237 -21.36 -7.16 12.34
C PHE B 237 -20.92 -8.52 11.80
N VAL B 238 -19.62 -8.66 11.55
CA VAL B 238 -19.06 -9.89 11.00
C VAL B 238 -18.78 -10.99 12.02
N GLY B 239 -18.32 -10.59 13.20
CA GLY B 239 -18.02 -11.56 14.24
C GLY B 239 -16.56 -11.97 14.17
N ALA B 240 -15.97 -12.26 15.32
CA ALA B 240 -14.56 -12.67 15.37
C ALA B 240 -14.36 -13.97 14.60
N TYR B 241 -13.19 -14.11 13.98
CA TYR B 241 -12.83 -15.31 13.23
C TYR B 241 -13.68 -15.57 11.99
N ASN B 242 -14.58 -14.65 11.64
CA ASN B 242 -15.44 -14.83 10.47
C ASN B 242 -15.08 -14.02 9.24
N SER B 243 -15.44 -14.55 8.08
CA SER B 243 -15.22 -13.84 6.83
C SER B 243 -16.57 -13.20 6.55
N LEU B 244 -16.64 -12.38 5.51
CA LEU B 244 -17.91 -11.73 5.16
C LEU B 244 -18.99 -12.74 4.86
N GLY B 245 -18.57 -13.92 4.41
CA GLY B 245 -19.53 -14.96 4.08
C GLY B 245 -20.17 -15.64 5.28
N GLU B 246 -19.61 -15.40 6.47
CA GLU B 246 -20.10 -16.00 7.71
C GLU B 246 -20.55 -14.91 8.69
N ALA B 247 -20.84 -13.72 8.19
CA ALA B 247 -21.23 -12.61 9.05
C ALA B 247 -22.22 -13.03 10.13
N SER B 248 -21.88 -12.73 11.39
CA SER B 248 -22.71 -13.11 12.52
C SER B 248 -24.09 -12.46 12.58
N VAL B 249 -24.14 -11.14 12.45
CA VAL B 249 -25.40 -10.41 12.53
C VAL B 249 -26.50 -10.98 11.62
N PRO B 250 -26.24 -11.11 10.32
CA PRO B 250 -27.29 -11.66 9.47
C PRO B 250 -27.73 -13.04 9.92
N ARG B 251 -26.77 -13.90 10.27
CA ARG B 251 -27.07 -15.25 10.74
C ARG B 251 -27.95 -15.23 11.98
N ALA B 252 -27.67 -14.28 12.87
CA ALA B 252 -28.44 -14.15 14.11
C ALA B 252 -29.83 -13.62 13.80
N GLY B 253 -29.95 -12.87 12.71
CA GLY B 253 -31.24 -12.32 12.31
C GLY B 253 -31.63 -11.04 13.00
N LYS B 254 -30.68 -10.35 13.60
CA LYS B 254 -30.95 -9.10 14.30
C LYS B 254 -29.70 -8.23 14.37
N SER B 255 -29.84 -6.94 14.07
CA SER B 255 -28.71 -6.01 14.12
C SER B 255 -28.25 -5.86 15.56
N ALA B 256 -26.98 -5.52 15.73
CA ALA B 256 -26.40 -5.34 17.06
C ALA B 256 -26.37 -3.86 17.44
N ASP B 257 -26.79 -3.01 16.52
CA ASP B 257 -26.81 -1.56 16.74
C ASP B 257 -25.47 -1.05 17.28
N SER B 258 -24.38 -1.56 16.72
CA SER B 258 -23.05 -1.18 17.14
C SER B 258 -22.68 0.24 16.71
N VAL B 259 -22.02 0.98 17.61
CA VAL B 259 -21.57 2.34 17.34
C VAL B 259 -20.06 2.28 17.33
N ALA B 260 -19.46 2.43 16.15
CA ALA B 260 -18.02 2.36 16.00
C ALA B 260 -17.24 3.43 16.75
N SER B 261 -16.02 3.06 17.12
CA SER B 261 -15.08 3.93 17.81
C SER B 261 -13.75 3.39 17.34
N GLY B 262 -13.22 3.97 16.26
CA GLY B 262 -11.97 3.49 15.73
C GLY B 262 -12.19 2.18 15.03
N TRP B 263 -11.10 1.44 14.80
CA TRP B 263 -11.16 0.17 14.11
C TRP B 263 -11.79 0.30 12.70
N TYR B 264 -12.75 -0.55 12.37
CA TYR B 264 -13.32 -0.53 11.02
C TYR B 264 -14.80 -0.14 10.88
N PRO B 265 -15.07 1.12 10.53
CA PRO B 265 -16.45 1.63 10.35
C PRO B 265 -17.16 1.03 9.15
N ILE B 266 -18.45 0.75 9.29
CA ILE B 266 -19.25 0.20 8.19
C ILE B 266 -20.63 0.83 8.18
N GLY B 267 -21.38 0.56 7.13
CA GLY B 267 -22.73 1.07 7.02
C GLY B 267 -23.62 -0.16 6.85
N SER B 268 -24.62 -0.31 7.72
CA SER B 268 -25.53 -1.43 7.64
C SER B 268 -26.87 -1.14 8.30
N HIS B 269 -27.94 -1.54 7.62
CA HIS B 269 -29.29 -1.36 8.12
C HIS B 269 -30.04 -2.67 7.98
N SER B 270 -30.88 -2.97 8.96
CA SER B 270 -31.69 -4.17 8.90
C SER B 270 -33.11 -3.70 8.60
N VAL B 271 -33.76 -4.37 7.64
CA VAL B 271 -35.13 -4.03 7.27
C VAL B 271 -36.00 -5.28 7.20
N ALA B 272 -37.07 -5.30 7.98
CA ALA B 272 -37.98 -6.43 7.98
C ALA B 272 -38.99 -6.25 6.84
N VAL B 273 -39.15 -7.27 6.01
CA VAL B 273 -40.10 -7.19 4.90
C VAL B 273 -41.11 -8.32 4.95
N THR B 274 -42.34 -8.02 4.52
CA THR B 274 -43.40 -9.01 4.50
C THR B 274 -44.00 -8.92 3.11
N LEU B 275 -44.23 -10.07 2.49
CA LEU B 275 -44.76 -10.08 1.14
C LEU B 275 -45.79 -11.16 0.88
N GLN B 276 -46.89 -10.77 0.26
CA GLN B 276 -47.95 -11.69 -0.10
C GLN B 276 -47.45 -12.37 -1.36
N PRO B 277 -48.06 -13.50 -1.74
CA PRO B 277 -47.63 -14.22 -2.94
C PRO B 277 -47.58 -13.30 -4.17
N GLY B 278 -46.47 -13.34 -4.91
CA GLY B 278 -46.34 -12.51 -6.09
C GLY B 278 -46.10 -11.04 -5.83
N GLU B 279 -46.11 -10.64 -4.57
CA GLU B 279 -45.91 -9.24 -4.20
C GLU B 279 -44.44 -8.85 -4.07
N SER B 280 -44.12 -7.61 -4.43
CA SER B 280 -42.77 -7.11 -4.32
C SER B 280 -42.74 -5.78 -3.58
N ARG B 281 -41.55 -5.39 -3.14
CA ARG B 281 -41.35 -4.12 -2.43
C ARG B 281 -40.00 -3.54 -2.85
N ASP B 282 -39.96 -2.22 -2.97
CA ASP B 282 -38.75 -1.51 -3.35
C ASP B 282 -38.12 -0.82 -2.15
N LEU B 283 -36.79 -0.84 -2.11
CA LEU B 283 -36.02 -0.18 -1.07
C LEU B 283 -34.96 0.63 -1.83
N VAL B 284 -34.76 1.87 -1.44
CA VAL B 284 -33.76 2.69 -2.11
C VAL B 284 -32.65 3.06 -1.14
N TYR B 285 -31.43 2.63 -1.44
CA TYR B 285 -30.27 2.91 -0.60
C TYR B 285 -29.40 3.94 -1.30
N VAL B 286 -28.71 4.76 -0.51
CA VAL B 286 -27.84 5.78 -1.07
C VAL B 286 -26.50 5.92 -0.33
N LEU B 287 -25.42 5.88 -1.10
CA LEU B 287 -24.07 6.08 -0.57
C LEU B 287 -23.70 7.45 -1.13
N GLY B 288 -23.66 8.47 -0.28
CA GLY B 288 -23.35 9.80 -0.77
C GLY B 288 -22.12 10.48 -0.23
N TYR B 289 -21.58 11.39 -1.05
CA TYR B 289 -20.41 12.19 -0.70
C TYR B 289 -20.92 13.61 -0.49
N LEU B 290 -20.75 14.14 0.73
CA LEU B 290 -21.21 15.50 1.04
C LEU B 290 -20.10 16.40 1.55
N GLU B 291 -20.27 17.70 1.29
CA GLU B 291 -19.31 18.71 1.75
C GLU B 291 -20.12 19.86 2.37
N ASN B 292 -19.50 20.55 3.32
CA ASN B 292 -20.15 21.70 3.96
C ASN B 292 -19.15 22.84 3.96
N PRO B 293 -19.62 24.08 3.80
CA PRO B 293 -18.68 25.19 3.82
C PRO B 293 -18.12 25.15 5.24
N ASP B 294 -16.85 25.51 5.42
CA ASP B 294 -16.22 25.46 6.73
C ASP B 294 -17.07 26.11 7.83
N GLU B 295 -17.76 27.18 7.48
CA GLU B 295 -18.58 27.93 8.43
C GLU B 295 -19.99 27.39 8.63
N GLU B 296 -20.21 26.14 8.18
CA GLU B 296 -21.50 25.50 8.33
C GLU B 296 -21.28 23.99 8.48
N LYS B 297 -20.10 23.61 8.96
CA LYS B 297 -19.76 22.20 9.14
C LYS B 297 -20.51 21.52 10.27
N TRP B 298 -20.75 22.25 11.36
CA TRP B 298 -21.41 21.68 12.53
C TRP B 298 -22.84 22.13 12.81
N ALA B 299 -23.60 21.26 13.45
CA ALA B 299 -24.98 21.55 13.80
C ALA B 299 -25.06 22.10 15.22
N ASP B 300 -23.99 21.89 15.98
CA ASP B 300 -23.93 22.34 17.37
C ASP B 300 -22.80 23.34 17.58
N ASP B 301 -22.87 24.09 18.67
CA ASP B 301 -21.83 25.07 18.98
C ASP B 301 -20.57 24.33 19.42
N ALA B 302 -20.77 23.14 20.01
CA ALA B 302 -19.68 22.32 20.50
C ALA B 302 -18.86 21.69 19.37
N HIS B 303 -19.36 21.79 18.14
CA HIS B 303 -18.68 21.21 16.98
C HIS B 303 -18.45 19.71 17.16
N GLN B 304 -19.49 18.98 17.51
CA GLN B 304 -19.38 17.53 17.70
C GLN B 304 -20.36 16.82 16.79
N VAL B 305 -21.33 17.56 16.26
CA VAL B 305 -22.35 17.00 15.38
C VAL B 305 -22.25 17.58 13.98
N VAL B 306 -22.07 16.70 12.99
CA VAL B 306 -21.95 17.15 11.61
C VAL B 306 -23.26 17.72 11.08
N ASN B 307 -23.16 18.79 10.29
CA ASN B 307 -24.32 19.41 9.69
C ASN B 307 -24.80 18.49 8.57
N LYS B 308 -25.98 17.90 8.76
CA LYS B 308 -26.55 16.95 7.81
C LYS B 308 -27.44 17.52 6.70
N ALA B 309 -27.53 18.85 6.62
CA ALA B 309 -28.36 19.50 5.61
C ALA B 309 -28.18 18.92 4.20
N PRO B 310 -26.95 18.87 3.68
CA PRO B 310 -26.76 18.33 2.34
C PRO B 310 -27.11 16.84 2.22
N ALA B 311 -26.91 16.10 3.31
CA ALA B 311 -27.23 14.67 3.31
C ALA B 311 -28.74 14.47 3.22
N HIS B 312 -29.47 15.22 4.02
CA HIS B 312 -30.94 15.15 4.01
C HIS B 312 -31.49 15.49 2.63
N ALA B 313 -30.98 16.55 2.03
CA ALA B 313 -31.43 16.96 0.70
C ALA B 313 -31.22 15.80 -0.26
N LEU B 314 -30.02 15.23 -0.26
CA LEU B 314 -29.69 14.11 -1.13
C LEU B 314 -30.63 12.92 -0.92
N LEU B 315 -30.81 12.53 0.33
CA LEU B 315 -31.69 11.40 0.63
C LEU B 315 -33.11 11.73 0.20
N GLY B 316 -33.46 13.01 0.29
CA GLY B 316 -34.78 13.45 -0.12
C GLY B 316 -34.95 13.36 -1.63
N ARG B 317 -33.84 13.47 -2.36
CA ARG B 317 -33.89 13.38 -3.82
C ARG B 317 -33.97 11.94 -4.32
N PHE B 318 -33.88 10.98 -3.41
CA PHE B 318 -33.99 9.59 -3.80
C PHE B 318 -34.78 8.80 -2.77
N ALA B 319 -35.83 9.44 -2.26
CA ALA B 319 -36.70 8.83 -1.26
C ALA B 319 -37.73 7.90 -1.89
N THR B 320 -37.97 8.03 -3.18
CA THR B 320 -38.96 7.17 -3.84
C THR B 320 -38.45 6.48 -5.10
N SER B 321 -39.11 5.39 -5.47
CA SER B 321 -38.76 4.64 -6.67
C SER B 321 -39.01 5.48 -7.91
N GLU B 322 -39.98 6.39 -7.83
CA GLU B 322 -40.29 7.26 -8.96
C GLU B 322 -39.10 8.17 -9.28
N GLN B 323 -38.43 8.67 -8.24
CA GLN B 323 -37.28 9.55 -8.40
C GLN B 323 -36.13 8.76 -9.01
N VAL B 324 -35.98 7.51 -8.57
CA VAL B 324 -34.93 6.66 -9.08
C VAL B 324 -35.14 6.35 -10.55
N ASP B 325 -36.37 6.00 -10.91
CA ASP B 325 -36.67 5.70 -12.30
C ASP B 325 -36.47 6.93 -13.19
N ALA B 326 -36.88 8.09 -12.68
CA ALA B 326 -36.74 9.32 -13.44
C ALA B 326 -35.25 9.60 -13.71
N ALA B 327 -34.41 9.38 -12.70
CA ALA B 327 -32.99 9.60 -12.86
C ALA B 327 -32.37 8.58 -13.82
N LEU B 328 -32.83 7.34 -13.75
CA LEU B 328 -32.31 6.30 -14.63
C LEU B 328 -32.69 6.61 -16.08
N GLU B 329 -33.87 7.20 -16.27
CA GLU B 329 -34.33 7.54 -17.60
C GLU B 329 -33.48 8.67 -18.18
N ALA B 330 -33.13 9.64 -17.33
CA ALA B 330 -32.30 10.75 -17.76
C ALA B 330 -30.92 10.23 -18.17
N LEU B 331 -30.41 9.25 -17.44
CA LEU B 331 -29.11 8.68 -17.76
C LEU B 331 -29.18 7.97 -19.11
N ASN B 332 -30.32 7.33 -19.39
CA ASN B 332 -30.51 6.64 -20.67
C ASN B 332 -30.54 7.67 -21.82
N SER B 333 -31.25 8.78 -21.60
CA SER B 333 -31.35 9.82 -22.61
C SER B 333 -29.97 10.43 -22.84
N TYR B 334 -29.24 10.60 -21.75
CA TYR B 334 -27.89 11.14 -21.78
C TYR B 334 -27.01 10.30 -22.71
N TRP B 335 -27.05 8.99 -22.53
CA TRP B 335 -26.26 8.11 -23.37
C TRP B 335 -26.73 8.04 -24.81
N THR B 336 -28.04 8.13 -25.02
CA THR B 336 -28.57 8.11 -26.38
C THR B 336 -28.03 9.32 -27.14
N ASN B 337 -28.01 10.47 -26.46
CA ASN B 337 -27.52 11.70 -27.08
C ASN B 337 -26.00 11.62 -27.35
N LEU B 338 -25.24 11.08 -26.40
CA LEU B 338 -23.80 10.96 -26.59
C LEU B 338 -23.45 10.04 -27.75
N LEU B 339 -24.19 8.94 -27.88
CA LEU B 339 -23.94 7.97 -28.93
C LEU B 339 -24.54 8.32 -30.29
N SER B 340 -25.18 9.48 -30.40
CA SER B 340 -25.80 9.89 -31.65
C SER B 340 -24.87 10.58 -32.62
N THR B 341 -23.64 10.87 -32.18
CA THR B 341 -22.69 11.56 -33.04
C THR B 341 -22.06 10.65 -34.10
N TYR B 342 -21.80 9.41 -33.74
CA TYR B 342 -21.23 8.45 -34.70
C TYR B 342 -21.86 7.07 -34.51
N SER B 343 -22.44 6.53 -35.58
CA SER B 343 -23.04 5.21 -35.53
C SER B 343 -22.99 4.57 -36.91
N VAL B 344 -23.08 3.25 -36.93
CA VAL B 344 -23.03 2.52 -38.18
C VAL B 344 -24.01 1.36 -38.22
N SER B 345 -24.46 1.05 -39.42
CA SER B 345 -25.37 -0.05 -39.64
C SER B 345 -24.77 -0.83 -40.80
N SER B 346 -24.33 -2.05 -40.52
CA SER B 346 -23.70 -2.89 -41.54
C SER B 346 -24.19 -4.33 -41.46
N THR B 347 -23.47 -5.20 -42.15
CA THR B 347 -23.78 -6.62 -42.18
C THR B 347 -23.11 -7.38 -41.04
N ASP B 348 -22.27 -6.68 -40.27
CA ASP B 348 -21.55 -7.29 -39.15
C ASP B 348 -22.04 -6.71 -37.82
N GLU B 349 -22.82 -7.49 -37.08
CA GLU B 349 -23.37 -7.04 -35.81
C GLU B 349 -22.33 -6.94 -34.68
N LYS B 350 -21.23 -7.66 -34.81
CA LYS B 350 -20.17 -7.58 -33.79
C LYS B 350 -19.50 -6.23 -33.97
N LEU B 351 -19.26 -5.86 -35.22
CA LEU B 351 -18.65 -4.59 -35.56
C LEU B 351 -19.56 -3.44 -35.11
N ASP B 352 -20.84 -3.52 -35.47
CA ASP B 352 -21.81 -2.47 -35.12
C ASP B 352 -21.89 -2.27 -33.61
N ARG B 353 -21.97 -3.39 -32.91
CA ARG B 353 -22.04 -3.44 -31.45
C ARG B 353 -20.85 -2.68 -30.84
N MET B 354 -19.64 -2.95 -31.35
CA MET B 354 -18.45 -2.29 -30.84
C MET B 354 -18.47 -0.79 -31.12
N VAL B 355 -18.70 -0.45 -32.39
CA VAL B 355 -18.71 0.94 -32.84
C VAL B 355 -19.80 1.82 -32.24
N ASN B 356 -21.05 1.32 -32.22
CA ASN B 356 -22.16 2.10 -31.71
C ASN B 356 -22.30 2.16 -30.20
N ILE B 357 -21.78 1.17 -29.49
CA ILE B 357 -21.95 1.15 -28.05
C ILE B 357 -20.69 1.05 -27.20
N TRP B 358 -20.17 -0.16 -27.09
CA TRP B 358 -19.02 -0.45 -26.24
C TRP B 358 -17.70 0.29 -26.40
N ASN B 359 -17.20 0.46 -27.61
CA ASN B 359 -15.93 1.18 -27.75
C ASN B 359 -16.10 2.63 -27.29
N GLN B 360 -17.21 3.26 -27.66
CA GLN B 360 -17.44 4.65 -27.25
C GLN B 360 -17.68 4.75 -25.75
N TYR B 361 -18.35 3.74 -25.18
CA TYR B 361 -18.61 3.72 -23.74
C TYR B 361 -17.27 3.68 -23.02
N GLN B 362 -16.39 2.79 -23.49
CA GLN B 362 -15.07 2.65 -22.87
C GLN B 362 -14.24 3.91 -23.03
N CYS B 363 -14.44 4.65 -24.12
CA CYS B 363 -13.68 5.87 -24.33
C CYS B 363 -14.09 6.94 -23.30
N MET B 364 -15.35 6.88 -22.87
CA MET B 364 -15.81 7.82 -21.86
C MET B 364 -15.11 7.46 -20.55
N VAL B 365 -15.03 6.17 -20.25
CA VAL B 365 -14.37 5.72 -19.03
C VAL B 365 -12.89 6.07 -19.00
N THR B 366 -12.16 5.77 -20.07
CA THR B 366 -10.73 6.09 -20.07
C THR B 366 -10.50 7.60 -19.97
N PHE B 367 -11.37 8.40 -20.60
CA PHE B 367 -11.26 9.86 -20.53
C PHE B 367 -11.34 10.31 -19.07
N ASN B 368 -12.32 9.76 -18.34
CA ASN B 368 -12.51 10.11 -16.93
C ASN B 368 -11.49 9.48 -15.98
N MET B 369 -11.13 8.23 -16.22
CA MET B 369 -10.23 7.49 -15.33
C MET B 369 -8.74 7.48 -15.69
N SER B 370 -8.42 7.71 -16.97
CA SER B 370 -7.04 7.65 -17.42
C SER B 370 -6.59 6.21 -17.13
N ARG B 371 -5.55 6.04 -16.30
CA ARG B 371 -5.07 4.70 -15.97
C ARG B 371 -4.97 4.56 -14.46
N SER B 372 -5.81 5.29 -13.73
CA SER B 372 -5.76 5.27 -12.27
C SER B 372 -6.36 4.10 -11.50
N ALA B 373 -7.64 3.84 -11.69
CA ALA B 373 -8.30 2.79 -10.92
C ALA B 373 -9.16 1.78 -11.66
N SER B 374 -8.79 0.52 -11.54
CA SER B 374 -9.51 -0.60 -12.15
C SER B 374 -9.32 -1.77 -11.18
N PHE B 375 -9.50 -2.99 -11.65
CA PHE B 375 -9.28 -4.14 -10.79
C PHE B 375 -7.83 -4.60 -10.94
N PHE B 376 -7.05 -3.79 -11.64
CA PHE B 376 -5.64 -4.03 -11.86
C PHE B 376 -4.82 -2.81 -11.43
N GLU B 377 -5.24 -1.62 -11.82
CA GLU B 377 -4.55 -0.38 -11.42
C GLU B 377 -5.18 -0.09 -10.06
N THR B 378 -4.35 0.05 -9.03
CA THR B 378 -4.86 0.24 -7.66
C THR B 378 -5.36 1.61 -7.20
N GLY B 379 -5.41 2.57 -8.11
CA GLY B 379 -5.91 3.90 -7.75
C GLY B 379 -5.12 4.58 -6.64
N ILE B 380 -3.82 4.34 -6.62
CA ILE B 380 -2.95 4.96 -5.63
C ILE B 380 -1.89 5.86 -6.30
N GLY B 381 -0.89 5.24 -6.92
CA GLY B 381 0.17 6.00 -7.55
C GLY B 381 -0.06 6.69 -8.88
N ARG B 382 -1.00 6.18 -9.68
CA ARG B 382 -1.26 6.77 -10.99
C ARG B 382 -2.45 7.71 -11.05
N GLY B 383 -2.23 8.90 -11.60
CA GLY B 383 -3.29 9.88 -11.74
C GLY B 383 -3.66 10.02 -13.21
N MET B 384 -3.52 11.22 -13.75
CA MET B 384 -3.84 11.46 -15.16
C MET B 384 -2.53 11.62 -15.93
N GLY B 385 -2.16 10.60 -16.69
CA GLY B 385 -0.92 10.65 -17.46
C GLY B 385 -1.02 11.65 -18.59
N PHE B 386 0.08 12.36 -18.85
CA PHE B 386 0.14 13.35 -19.93
C PHE B 386 -0.10 12.68 -21.27
N ARG B 387 0.69 11.65 -21.53
CA ARG B 387 0.62 10.87 -22.76
C ARG B 387 -0.73 10.16 -22.87
N ASP B 388 -1.18 9.55 -21.78
CA ASP B 388 -2.43 8.81 -21.75
C ASP B 388 -3.68 9.67 -22.03
N SER B 389 -3.79 10.79 -21.32
CA SER B 389 -4.95 11.67 -21.49
C SER B 389 -4.99 12.39 -22.83
N ASN B 390 -3.83 12.67 -23.41
CA ASN B 390 -3.81 13.32 -24.72
C ASN B 390 -4.36 12.33 -25.73
N GLN B 391 -3.89 11.08 -25.64
CA GLN B 391 -4.32 10.05 -26.56
C GLN B 391 -5.79 9.68 -26.35
N ASP B 392 -6.25 9.66 -25.10
CA ASP B 392 -7.65 9.34 -24.84
C ASP B 392 -8.56 10.35 -25.55
N LEU B 393 -8.05 11.56 -25.74
CA LEU B 393 -8.81 12.61 -26.41
C LEU B 393 -9.16 12.25 -27.86
N LEU B 394 -8.27 11.50 -28.50
CA LEU B 394 -8.46 11.11 -29.90
C LEU B 394 -9.77 10.35 -30.11
N GLY B 395 -10.17 9.58 -29.11
CA GLY B 395 -11.40 8.82 -29.24
C GLY B 395 -12.54 9.39 -28.41
N PHE B 396 -12.33 10.57 -27.84
CA PHE B 396 -13.34 11.20 -27.01
C PHE B 396 -13.85 12.55 -27.52
N VAL B 397 -13.07 13.23 -28.35
CA VAL B 397 -13.46 14.55 -28.85
C VAL B 397 -14.85 14.64 -29.50
N HIS B 398 -15.32 13.55 -30.10
CA HIS B 398 -16.64 13.56 -30.75
C HIS B 398 -17.79 13.40 -29.76
N LEU B 399 -17.51 12.86 -28.57
CA LEU B 399 -18.55 12.67 -27.57
C LEU B 399 -18.95 13.99 -26.90
N ILE B 400 -18.02 14.59 -26.15
CA ILE B 400 -18.29 15.87 -25.48
C ILE B 400 -17.11 16.82 -25.70
N PRO B 401 -17.05 17.45 -26.88
CA PRO B 401 -15.95 18.39 -27.18
C PRO B 401 -15.61 19.43 -26.10
N GLU B 402 -16.63 19.98 -25.42
CA GLU B 402 -16.36 20.98 -24.40
C GLU B 402 -15.48 20.43 -23.28
N ARG B 403 -15.75 19.20 -22.86
CA ARG B 403 -14.96 18.59 -21.80
C ARG B 403 -13.55 18.26 -22.31
N ALA B 404 -13.45 17.96 -23.60
CA ALA B 404 -12.16 17.67 -24.22
C ALA B 404 -11.34 18.96 -24.22
N ARG B 405 -11.99 20.07 -24.55
CA ARG B 405 -11.34 21.37 -24.59
C ARG B 405 -10.75 21.72 -23.23
N GLU B 406 -11.55 21.53 -22.18
CA GLU B 406 -11.08 21.83 -20.82
C GLU B 406 -9.95 20.90 -20.41
N ARG B 407 -10.01 19.65 -20.87
CA ARG B 407 -8.99 18.68 -20.54
C ARG B 407 -7.68 19.14 -21.17
N ILE B 408 -7.74 19.60 -22.41
CA ILE B 408 -6.54 20.07 -23.10
C ILE B 408 -5.90 21.19 -22.29
N ILE B 409 -6.73 22.11 -21.80
CA ILE B 409 -6.24 23.24 -21.00
C ILE B 409 -5.58 22.75 -19.71
N ASP B 410 -6.21 21.80 -19.02
CA ASP B 410 -5.66 21.25 -17.77
C ASP B 410 -4.34 20.53 -18.04
N ILE B 411 -4.30 19.74 -19.11
CA ILE B 411 -3.10 19.00 -19.47
C ILE B 411 -1.93 19.94 -19.79
N ALA B 412 -2.18 20.91 -20.66
CA ALA B 412 -1.15 21.87 -21.07
C ALA B 412 -0.65 22.75 -19.93
N SER B 413 -1.47 22.91 -18.88
CA SER B 413 -1.09 23.72 -17.73
C SER B 413 -0.01 23.06 -16.88
N THR B 414 0.22 21.77 -17.12
CA THR B 414 1.24 21.03 -16.37
C THR B 414 2.50 20.87 -17.22
N GLN B 415 2.61 21.70 -18.25
CA GLN B 415 3.77 21.66 -19.15
C GLN B 415 4.81 22.65 -18.69
N PHE B 416 6.07 22.40 -19.02
CA PHE B 416 7.16 23.30 -18.64
C PHE B 416 7.48 24.24 -19.78
N ALA B 417 8.02 25.40 -19.45
CA ALA B 417 8.37 26.41 -20.44
C ALA B 417 9.29 25.91 -21.54
N ASP B 418 10.09 24.89 -21.25
CA ASP B 418 11.01 24.37 -22.26
C ASP B 418 10.40 23.29 -23.15
N GLY B 419 9.09 23.05 -23.01
CA GLY B 419 8.44 22.04 -23.85
C GLY B 419 8.13 20.72 -23.16
N SER B 420 9.05 20.23 -22.33
CA SER B 420 8.80 18.98 -21.64
C SER B 420 7.66 19.20 -20.65
N ALA B 421 7.22 18.15 -19.98
CA ALA B 421 6.13 18.28 -19.02
C ALA B 421 6.10 17.17 -18.00
N TYR B 422 5.27 17.35 -16.98
CA TYR B 422 5.10 16.34 -15.96
C TYR B 422 4.48 15.14 -16.67
N HIS B 423 4.86 13.94 -16.26
CA HIS B 423 4.34 12.73 -16.90
C HIS B 423 2.89 12.47 -16.50
N GLN B 424 2.44 13.08 -15.40
CA GLN B 424 1.06 12.92 -14.94
C GLN B 424 0.73 13.97 -13.90
N TYR B 425 -0.55 14.13 -13.58
CA TYR B 425 -0.95 15.09 -12.56
C TYR B 425 -2.00 14.48 -11.64
N GLN B 426 -2.04 14.95 -10.39
CA GLN B 426 -2.99 14.44 -9.41
C GLN B 426 -4.42 14.91 -9.73
N PRO B 427 -5.33 13.95 -9.97
CA PRO B 427 -6.74 14.25 -10.29
C PRO B 427 -7.37 15.36 -9.43
N LEU B 428 -7.32 15.19 -8.12
CA LEU B 428 -7.91 16.16 -7.21
C LEU B 428 -7.39 17.60 -7.36
N THR B 429 -6.08 17.75 -7.53
CA THR B 429 -5.47 19.07 -7.65
C THR B 429 -5.13 19.54 -9.07
N LYS B 430 -5.07 18.62 -10.01
CA LYS B 430 -4.74 18.98 -11.39
C LYS B 430 -3.32 19.54 -11.46
N ARG B 431 -2.46 19.01 -10.61
CA ARG B 431 -1.06 19.44 -10.55
C ARG B 431 -0.12 18.27 -10.89
N GLY B 432 0.87 18.53 -11.73
CA GLY B 432 1.79 17.49 -12.13
C GLY B 432 2.69 16.96 -11.02
N ASN B 433 3.25 15.77 -11.23
CA ASN B 433 4.15 15.14 -10.26
C ASN B 433 5.02 14.10 -10.97
N ASN B 434 6.12 13.70 -10.30
CA ASN B 434 7.05 12.73 -10.88
C ASN B 434 6.91 11.32 -10.31
N ASP B 435 5.84 11.08 -9.55
CA ASP B 435 5.61 9.79 -8.91
C ASP B 435 5.89 8.55 -9.77
N ILE B 436 5.71 8.66 -11.07
CA ILE B 436 5.98 7.50 -11.93
C ILE B 436 7.00 7.79 -13.02
N GLY B 437 7.93 8.69 -12.72
CA GLY B 437 8.96 9.03 -13.68
C GLY B 437 8.83 10.41 -14.29
N SER B 438 9.85 10.82 -15.04
CA SER B 438 9.86 12.12 -15.70
C SER B 438 10.79 12.10 -16.91
N GLY B 439 10.73 13.16 -17.71
CA GLY B 439 11.59 13.25 -18.88
C GLY B 439 11.38 12.23 -19.99
N PHE B 440 10.13 11.91 -20.30
CA PHE B 440 9.80 10.98 -21.38
C PHE B 440 9.69 11.86 -22.63
N ASN B 441 10.65 11.72 -23.54
CA ASN B 441 10.69 12.57 -24.73
C ASN B 441 9.57 12.48 -25.76
N ASP B 442 8.64 11.54 -25.59
CA ASP B 442 7.54 11.44 -26.54
C ASP B 442 6.35 12.26 -26.04
N ASP B 443 6.32 12.55 -24.74
CA ASP B 443 5.23 13.31 -24.13
C ASP B 443 4.86 14.63 -24.80
N PRO B 444 5.84 15.52 -25.03
CA PRO B 444 5.56 16.81 -25.66
C PRO B 444 4.67 16.77 -26.92
N LEU B 445 5.06 15.93 -27.88
CA LEU B 445 4.32 15.84 -29.13
C LEU B 445 2.87 15.35 -29.00
N TRP B 446 2.57 14.61 -27.94
CA TRP B 446 1.20 14.14 -27.77
C TRP B 446 0.23 15.30 -27.56
N LEU B 447 0.74 16.43 -27.07
CA LEU B 447 -0.11 17.58 -26.85
C LEU B 447 -0.59 18.09 -28.20
N ILE B 448 0.31 18.06 -29.19
CA ILE B 448 -0.03 18.50 -30.53
C ILE B 448 -1.07 17.56 -31.13
N ALA B 449 -0.93 16.27 -30.83
CA ALA B 449 -1.86 15.27 -31.34
C ALA B 449 -3.28 15.52 -30.83
N GLY B 450 -3.38 15.79 -29.54
CA GLY B 450 -4.69 16.02 -28.94
C GLY B 450 -5.36 17.30 -29.40
N VAL B 451 -4.57 18.35 -29.60
CA VAL B 451 -5.13 19.62 -30.03
C VAL B 451 -5.60 19.52 -31.48
N ALA B 452 -4.79 18.90 -32.32
CA ALA B 452 -5.14 18.74 -33.74
C ALA B 452 -6.42 17.93 -33.89
N ALA B 453 -6.56 16.86 -33.13
CA ALA B 453 -7.75 16.03 -33.20
C ALA B 453 -8.96 16.86 -32.79
N TYR B 454 -8.78 17.70 -31.78
CA TYR B 454 -9.85 18.55 -31.27
C TYR B 454 -10.27 19.64 -32.28
N ILE B 455 -9.30 20.27 -32.93
CA ILE B 455 -9.62 21.32 -33.88
C ILE B 455 -10.33 20.72 -35.08
N LYS B 456 -9.85 19.57 -35.55
CA LYS B 456 -10.46 18.92 -36.69
C LYS B 456 -11.92 18.56 -36.39
N GLU B 457 -12.19 18.14 -35.16
CA GLU B 457 -13.53 17.75 -34.75
C GLU B 457 -14.50 18.92 -34.57
N SER B 458 -14.11 19.89 -33.76
CA SER B 458 -14.97 21.02 -33.45
C SER B 458 -14.80 22.26 -34.33
N GLY B 459 -13.59 22.46 -34.83
CA GLY B 459 -13.34 23.64 -35.65
C GLY B 459 -13.16 24.86 -34.76
N ASP B 460 -12.91 24.61 -33.48
CA ASP B 460 -12.71 25.70 -32.50
C ASP B 460 -11.27 26.18 -32.50
N TRP B 461 -10.90 26.94 -33.53
CA TRP B 461 -9.55 27.47 -33.65
C TRP B 461 -9.22 28.44 -32.53
N GLY B 462 -10.25 28.98 -31.89
CA GLY B 462 -10.04 29.93 -30.80
C GLY B 462 -9.32 29.37 -29.61
N ILE B 463 -9.34 28.04 -29.46
CA ILE B 463 -8.66 27.39 -28.35
C ILE B 463 -7.17 27.72 -28.38
N LEU B 464 -6.63 27.87 -29.58
CA LEU B 464 -5.20 28.19 -29.75
C LEU B 464 -4.84 29.54 -29.12
N ASP B 465 -5.85 30.38 -28.92
CA ASP B 465 -5.62 31.69 -28.32
C ASP B 465 -5.80 31.67 -26.82
N GLU B 466 -6.25 30.54 -26.28
CA GLU B 466 -6.47 30.43 -24.84
C GLU B 466 -5.17 30.58 -24.04
N PRO B 467 -5.18 31.46 -23.03
CA PRO B 467 -3.99 31.68 -22.19
C PRO B 467 -3.77 30.48 -21.29
N VAL B 468 -2.59 29.89 -21.35
CA VAL B 468 -2.27 28.72 -20.54
C VAL B 468 -0.93 28.91 -19.82
N PRO B 469 -0.92 28.65 -18.51
CA PRO B 469 0.32 28.81 -17.75
C PRO B 469 1.23 27.60 -17.90
N PHE B 470 2.44 27.72 -17.39
CA PHE B 470 3.41 26.63 -17.41
C PHE B 470 3.50 26.16 -15.96
N ASP B 471 3.26 24.88 -15.74
CA ASP B 471 3.29 24.31 -14.40
C ASP B 471 2.38 25.10 -13.44
N ASN B 472 1.17 25.39 -13.89
CA ASN B 472 0.18 26.12 -13.09
C ASN B 472 0.75 27.35 -12.40
N GLU B 473 1.66 28.06 -13.06
CA GLU B 473 2.29 29.24 -12.47
C GLU B 473 1.60 30.57 -12.77
N PRO B 474 1.17 31.28 -11.71
CA PRO B 474 0.51 32.57 -11.89
C PRO B 474 1.46 33.54 -12.59
N GLY B 475 1.01 34.12 -13.70
CA GLY B 475 1.84 35.07 -14.45
C GLY B 475 2.63 34.49 -15.61
N SER B 476 2.57 33.17 -15.80
CA SER B 476 3.32 32.52 -16.88
C SER B 476 2.49 32.22 -18.12
N GLU B 477 1.27 32.75 -18.19
CA GLU B 477 0.39 32.47 -19.33
C GLU B 477 0.84 32.95 -20.70
N VAL B 478 0.60 32.10 -21.70
CA VAL B 478 0.91 32.38 -23.10
C VAL B 478 -0.19 31.66 -23.88
N PRO B 479 -0.40 32.04 -25.15
CA PRO B 479 -1.45 31.34 -25.91
C PRO B 479 -1.15 29.85 -26.08
N LEU B 480 -2.19 29.03 -26.06
CA LEU B 480 -2.01 27.58 -26.21
C LEU B 480 -1.12 27.22 -27.39
N PHE B 481 -1.25 27.95 -28.50
CA PHE B 481 -0.42 27.65 -29.65
C PHE B 481 1.06 27.75 -29.31
N GLU B 482 1.41 28.68 -28.43
CA GLU B 482 2.81 28.84 -28.03
C GLU B 482 3.27 27.56 -27.34
N HIS B 483 2.39 26.95 -26.56
CA HIS B 483 2.71 25.71 -25.87
C HIS B 483 3.09 24.66 -26.90
N LEU B 484 2.35 24.65 -28.01
CA LEU B 484 2.61 23.69 -29.09
C LEU B 484 3.95 23.93 -29.74
N THR B 485 4.36 25.19 -29.86
CA THR B 485 5.65 25.50 -30.47
C THR B 485 6.75 24.98 -29.55
N ARG B 486 6.54 25.13 -28.25
CA ARG B 486 7.52 24.63 -27.28
C ARG B 486 7.67 23.12 -27.45
N SER B 487 6.55 22.42 -27.59
CA SER B 487 6.57 20.96 -27.77
C SER B 487 7.30 20.62 -29.07
N PHE B 488 6.97 21.33 -30.14
CA PHE B 488 7.59 21.09 -31.44
C PHE B 488 9.09 21.39 -31.39
N GLN B 489 9.45 22.49 -30.75
CA GLN B 489 10.84 22.89 -30.65
C GLN B 489 11.67 21.98 -29.75
N PHE B 490 11.03 21.36 -28.76
CA PHE B 490 11.75 20.46 -27.86
C PHE B 490 12.36 19.29 -28.62
N THR B 491 11.62 18.77 -29.61
CA THR B 491 12.11 17.66 -30.40
C THR B 491 13.20 18.11 -31.38
N VAL B 492 12.93 19.19 -32.11
CA VAL B 492 13.90 19.69 -33.07
C VAL B 492 15.26 19.97 -32.42
N GLN B 493 15.23 20.44 -31.18
CA GLN B 493 16.46 20.77 -30.46
C GLN B 493 17.01 19.65 -29.60
N ASN B 494 16.43 18.46 -29.71
CA ASN B 494 16.90 17.31 -28.95
C ASN B 494 17.01 16.08 -29.82
N ARG B 495 17.77 16.20 -30.90
CA ARG B 495 18.01 15.11 -31.82
C ARG B 495 19.45 14.63 -31.64
N GLY B 496 19.70 13.35 -31.91
CA GLY B 496 21.03 12.81 -31.74
C GLY B 496 21.90 12.81 -32.99
N PRO B 497 22.96 11.97 -33.01
CA PRO B 497 23.88 11.88 -34.15
C PRO B 497 23.30 11.46 -35.49
N HIS B 498 22.21 10.69 -35.49
CA HIS B 498 21.62 10.26 -36.76
C HIS B 498 20.51 11.20 -37.21
N GLY B 499 20.24 12.23 -36.41
CA GLY B 499 19.17 13.14 -36.76
C GLY B 499 17.82 12.68 -36.24
N LEU B 500 17.85 11.70 -35.34
CA LEU B 500 16.63 11.17 -34.74
C LEU B 500 16.50 11.76 -33.35
N PRO B 501 15.25 11.96 -32.88
CA PRO B 501 15.12 12.54 -31.54
C PRO B 501 15.66 11.66 -30.41
N LEU B 502 16.35 12.29 -29.47
CA LEU B 502 16.89 11.58 -28.32
C LEU B 502 15.71 11.01 -27.56
N ILE B 503 15.86 9.81 -27.01
CA ILE B 503 14.77 9.15 -26.31
C ILE B 503 14.56 9.57 -24.86
N GLY B 504 15.64 9.90 -24.15
CA GLY B 504 15.50 10.28 -22.75
C GLY B 504 15.09 9.09 -21.89
N ARG B 505 14.35 9.35 -20.82
CA ARG B 505 13.89 8.30 -19.92
C ARG B 505 13.29 7.13 -20.71
N ALA B 506 12.46 7.46 -21.69
CA ALA B 506 11.82 6.45 -22.54
C ALA B 506 10.89 7.16 -23.51
N ASP B 507 10.37 6.41 -24.48
CA ASP B 507 9.41 6.96 -25.43
C ASP B 507 8.07 6.33 -25.09
N TRP B 508 7.15 6.20 -26.05
CA TRP B 508 5.84 5.60 -25.77
C TRP B 508 5.97 4.34 -24.92
N ASN B 509 6.98 3.53 -25.24
CA ASN B 509 7.24 2.30 -24.51
C ASN B 509 7.98 2.66 -23.22
N ASP B 510 7.28 2.59 -22.09
CA ASP B 510 7.85 2.92 -20.79
C ASP B 510 8.98 1.98 -20.34
N CYS B 511 9.11 0.83 -21.00
CA CYS B 511 10.12 -0.15 -20.62
C CYS B 511 11.40 -0.10 -21.43
N LEU B 512 11.48 0.83 -22.37
CA LEU B 512 12.68 0.99 -23.18
C LEU B 512 13.42 2.15 -22.53
N ASN B 513 14.26 1.82 -21.55
CA ASN B 513 15.03 2.80 -20.81
C ASN B 513 16.51 2.61 -21.18
N LEU B 514 16.95 3.40 -22.15
CA LEU B 514 18.31 3.32 -22.66
C LEU B 514 19.35 4.12 -21.88
N ASN B 515 18.90 4.91 -20.92
CA ASN B 515 19.80 5.73 -20.10
C ASN B 515 19.65 5.32 -18.65
N CYS B 516 19.37 4.04 -18.42
CA CYS B 516 19.15 3.54 -17.06
C CYS B 516 20.32 2.74 -16.48
N PHE B 517 20.64 1.61 -17.08
CA PHE B 517 21.72 0.75 -16.62
C PHE B 517 21.61 0.47 -15.12
N SER B 518 20.49 -0.09 -14.70
CA SER B 518 20.27 -0.38 -13.30
C SER B 518 20.67 -1.80 -12.90
N THR B 519 21.40 -1.92 -11.80
CA THR B 519 21.82 -3.20 -11.29
C THR B 519 21.27 -3.36 -9.87
N THR B 520 20.61 -2.31 -9.38
CA THR B 520 20.04 -2.29 -8.04
C THR B 520 18.57 -2.68 -8.06
N PRO B 521 18.25 -3.85 -7.48
CA PRO B 521 16.88 -4.35 -7.43
C PRO B 521 15.91 -3.46 -6.63
N GLY B 522 14.62 -3.67 -6.89
CA GLY B 522 13.61 -2.91 -6.18
C GLY B 522 13.31 -1.52 -6.73
N GLU B 523 14.35 -0.78 -7.10
CA GLU B 523 14.14 0.57 -7.62
C GLU B 523 13.51 0.55 -9.01
N SER B 524 12.34 1.18 -9.12
CA SER B 524 11.61 1.26 -10.38
C SER B 524 12.44 1.86 -11.51
N PHE B 525 12.45 1.18 -12.65
CA PHE B 525 13.18 1.65 -13.83
C PHE B 525 12.54 2.97 -14.26
N GLN B 526 11.32 3.16 -13.79
CA GLN B 526 10.53 4.35 -14.13
C GLN B 526 11.01 5.61 -13.40
N THR B 527 11.53 5.47 -12.18
CA THR B 527 11.98 6.63 -11.44
C THR B 527 13.42 6.60 -10.99
N THR B 528 14.18 5.62 -11.47
CA THR B 528 15.60 5.54 -11.12
C THR B 528 16.30 6.56 -12.03
N GLU B 529 17.10 7.46 -11.44
CA GLU B 529 17.84 8.48 -12.21
C GLU B 529 18.62 7.93 -13.39
N ASN B 530 18.39 8.52 -14.55
CA ASN B 530 19.06 8.12 -15.77
C ASN B 530 20.51 8.60 -15.79
N GLN B 531 21.31 8.09 -16.73
CA GLN B 531 22.71 8.47 -16.87
C GLN B 531 22.86 9.62 -17.84
N ALA B 532 23.76 10.54 -17.51
CA ALA B 532 24.01 11.68 -18.34
C ALA B 532 24.88 11.20 -19.49
N GLY B 533 24.84 11.90 -20.61
CA GLY B 533 25.64 11.51 -21.76
C GLY B 533 24.95 10.44 -22.59
N GLY B 534 25.69 9.90 -23.55
CA GLY B 534 25.12 8.89 -24.42
C GLY B 534 24.44 9.53 -25.61
N VAL B 535 24.08 8.70 -26.59
CA VAL B 535 23.42 9.20 -27.79
C VAL B 535 22.18 8.37 -28.13
N ALA B 536 21.43 7.95 -27.11
CA ALA B 536 20.24 7.15 -27.30
C ALA B 536 19.16 7.89 -28.08
N GLU B 537 18.78 7.33 -29.22
CA GLU B 537 17.76 7.93 -30.10
C GLU B 537 16.56 7.01 -30.30
N SER B 538 15.40 7.60 -30.54
CA SER B 538 14.19 6.83 -30.77
C SER B 538 13.63 6.96 -32.17
N VAL B 539 13.41 5.83 -32.83
CA VAL B 539 12.85 5.84 -34.17
C VAL B 539 11.35 6.12 -34.04
N PHE B 540 10.77 5.72 -32.91
CA PHE B 540 9.34 5.96 -32.71
C PHE B 540 9.05 7.46 -32.63
N ILE B 541 9.83 8.17 -31.83
CA ILE B 541 9.60 9.62 -31.69
C ILE B 541 9.81 10.30 -33.04
N ALA B 542 10.66 9.69 -33.88
CA ALA B 542 10.94 10.24 -35.21
C ALA B 542 9.66 10.22 -36.05
N ALA B 543 9.01 9.07 -36.09
CA ALA B 543 7.76 8.94 -36.85
C ALA B 543 6.69 9.83 -36.21
N GLN B 544 6.67 9.87 -34.87
CA GLN B 544 5.71 10.68 -34.14
C GLN B 544 5.90 12.16 -34.50
N PHE B 545 7.16 12.57 -34.65
CA PHE B 545 7.48 13.95 -34.99
C PHE B 545 7.07 14.24 -36.43
N VAL B 546 7.35 13.30 -37.33
CA VAL B 546 6.99 13.48 -38.73
C VAL B 546 5.47 13.60 -38.88
N LEU B 547 4.73 12.83 -38.09
CA LEU B 547 3.27 12.84 -38.15
C LEU B 547 2.65 14.12 -37.58
N TYR B 548 2.86 14.34 -36.29
CA TYR B 548 2.31 15.52 -35.61
C TYR B 548 3.01 16.83 -35.89
N GLY B 549 4.25 16.76 -36.36
CA GLY B 549 4.97 17.99 -36.68
C GLY B 549 4.29 18.60 -37.88
N ALA B 550 3.82 17.74 -38.77
CA ALA B 550 3.12 18.18 -39.97
C ALA B 550 1.82 18.88 -39.57
N GLU B 551 1.17 18.38 -38.53
CA GLU B 551 -0.08 18.99 -38.05
C GLU B 551 0.24 20.35 -37.41
N TYR B 552 1.37 20.41 -36.71
CA TYR B 552 1.79 21.67 -36.10
C TYR B 552 1.97 22.71 -37.21
N ALA B 553 2.63 22.28 -38.28
CA ALA B 553 2.87 23.15 -39.42
C ALA B 553 1.56 23.70 -39.97
N THR B 554 0.56 22.83 -40.09
CA THR B 554 -0.75 23.24 -40.60
C THR B 554 -1.40 24.23 -39.65
N LEU B 555 -1.27 24.02 -38.35
CA LEU B 555 -1.86 24.92 -37.38
C LEU B 555 -1.19 26.30 -37.46
N ALA B 556 0.11 26.30 -37.75
CA ALA B 556 0.86 27.56 -37.86
C ALA B 556 0.49 28.31 -39.14
N GLU B 557 0.30 27.57 -40.23
CA GLU B 557 -0.05 28.19 -41.50
C GLU B 557 -1.40 28.88 -41.37
N ARG B 558 -2.35 28.21 -40.72
CA ARG B 558 -3.68 28.79 -40.54
C ARG B 558 -3.62 30.07 -39.71
N ARG B 559 -2.66 30.16 -38.81
CA ARG B 559 -2.52 31.35 -37.97
C ARG B 559 -1.72 32.45 -38.68
N GLY B 560 -1.31 32.18 -39.92
CA GLY B 560 -0.57 33.16 -40.69
C GLY B 560 0.92 33.23 -40.41
N LEU B 561 1.50 32.14 -39.92
CA LEU B 561 2.93 32.08 -39.60
C LEU B 561 3.70 31.34 -40.69
N ALA B 562 3.82 31.96 -41.86
CA ALA B 562 4.53 31.36 -42.99
C ALA B 562 5.98 31.06 -42.64
N ASP B 563 6.56 31.91 -41.79
CA ASP B 563 7.93 31.77 -41.33
C ASP B 563 8.07 30.50 -40.49
N VAL B 564 7.30 30.45 -39.41
CA VAL B 564 7.29 29.30 -38.51
C VAL B 564 6.90 28.03 -39.27
N ALA B 565 5.83 28.13 -40.05
CA ALA B 565 5.32 27.01 -40.82
C ALA B 565 6.37 26.43 -41.76
N THR B 566 6.95 27.30 -42.59
CA THR B 566 7.95 26.88 -43.56
C THR B 566 9.12 26.13 -42.90
N GLU B 567 9.65 26.69 -41.81
CA GLU B 567 10.75 26.06 -41.11
C GLU B 567 10.32 24.69 -40.55
N ALA B 568 9.14 24.65 -39.95
CA ALA B 568 8.61 23.42 -39.38
C ALA B 568 8.61 22.26 -40.37
N ARG B 569 8.07 22.49 -41.57
CA ARG B 569 8.02 21.41 -42.55
C ARG B 569 9.41 21.00 -43.02
N LYS B 570 10.39 21.88 -42.84
CA LYS B 570 11.75 21.55 -43.23
C LYS B 570 12.28 20.52 -42.23
N TYR B 571 12.07 20.79 -40.95
CA TYR B 571 12.49 19.87 -39.89
C TYR B 571 11.81 18.52 -40.06
N VAL B 572 10.52 18.54 -40.41
CA VAL B 572 9.78 17.30 -40.62
C VAL B 572 10.44 16.52 -41.74
N ASP B 573 10.87 17.24 -42.78
CA ASP B 573 11.54 16.62 -43.92
C ASP B 573 12.89 16.05 -43.49
N GLU B 574 13.61 16.78 -42.64
CA GLU B 574 14.92 16.30 -42.18
C GLU B 574 14.76 14.99 -41.39
N VAL B 575 13.85 14.98 -40.42
CA VAL B 575 13.64 13.78 -39.61
C VAL B 575 13.12 12.61 -40.46
N ARG B 576 12.27 12.91 -41.45
CA ARG B 576 11.74 11.88 -42.32
C ARG B 576 12.91 11.24 -43.10
N ALA B 577 13.82 12.10 -43.57
CA ALA B 577 15.00 11.64 -44.31
C ALA B 577 15.87 10.80 -43.38
N ALA B 578 16.03 11.27 -42.14
CA ALA B 578 16.84 10.54 -41.16
C ALA B 578 16.30 9.12 -40.95
N VAL B 579 14.98 8.99 -40.84
CA VAL B 579 14.36 7.68 -40.63
C VAL B 579 14.66 6.70 -41.76
N LEU B 580 14.62 7.18 -43.01
CA LEU B 580 14.90 6.31 -44.15
C LEU B 580 16.40 6.03 -44.31
N GLU B 581 17.23 7.01 -43.98
CA GLU B 581 18.67 6.85 -44.10
C GLU B 581 19.30 6.10 -42.92
N HIS B 582 18.86 6.41 -41.71
CA HIS B 582 19.42 5.80 -40.50
C HIS B 582 18.49 4.91 -39.67
N GLY B 583 17.21 4.87 -40.01
CA GLY B 583 16.28 4.06 -39.23
C GLY B 583 15.70 2.88 -39.97
N TRP B 584 16.37 2.45 -41.03
CA TRP B 584 15.89 1.32 -41.82
C TRP B 584 16.84 0.14 -41.70
N ASP B 585 16.32 -1.01 -41.32
CA ASP B 585 17.14 -2.21 -41.13
C ASP B 585 17.21 -3.14 -42.34
N GLY B 586 16.38 -2.91 -43.35
CA GLY B 586 16.40 -3.76 -44.51
C GLY B 586 15.02 -4.31 -44.87
N GLN B 587 14.32 -4.87 -43.88
CA GLN B 587 12.99 -5.41 -44.09
C GLN B 587 11.97 -4.77 -43.14
N TRP B 588 12.45 -3.91 -42.25
CA TRP B 588 11.58 -3.22 -41.30
C TRP B 588 12.33 -2.06 -40.68
N PHE B 589 11.60 -1.17 -40.03
CA PHE B 589 12.22 -0.02 -39.39
C PHE B 589 12.95 -0.39 -38.09
N LEU B 590 14.04 0.32 -37.82
CA LEU B 590 14.84 0.12 -36.63
C LEU B 590 14.01 0.66 -35.47
N ARG B 591 14.30 0.20 -34.25
CA ARG B 591 13.54 0.67 -33.09
C ARG B 591 14.20 1.87 -32.43
N ALA B 592 15.52 1.82 -32.31
CA ALA B 592 16.26 2.90 -31.69
C ALA B 592 17.76 2.61 -31.75
N TYR B 593 18.53 3.50 -31.13
CA TYR B 593 19.96 3.39 -31.01
C TYR B 593 20.17 3.58 -29.52
N ASP B 594 20.94 2.68 -28.89
CA ASP B 594 21.17 2.76 -27.46
C ASP B 594 22.17 3.83 -27.03
N TYR B 595 22.50 3.84 -25.75
CA TYR B 595 23.43 4.80 -25.17
C TYR B 595 24.75 4.89 -25.94
N TYR B 596 25.20 3.75 -26.47
CA TYR B 596 26.46 3.69 -27.21
C TYR B 596 26.30 3.77 -28.72
N GLY B 597 25.11 4.12 -29.18
CA GLY B 597 24.88 4.23 -30.61
C GLY B 597 24.68 2.90 -31.31
N ASN B 598 24.42 1.84 -30.55
CA ASN B 598 24.19 0.52 -31.12
C ASN B 598 22.73 0.40 -31.52
N PRO B 599 22.45 -0.16 -32.71
CA PRO B 599 21.07 -0.31 -33.16
C PRO B 599 20.25 -1.27 -32.31
N VAL B 600 18.98 -0.92 -32.09
CA VAL B 600 18.06 -1.75 -31.32
C VAL B 600 16.93 -2.11 -32.28
N GLY B 601 16.57 -3.38 -32.34
CA GLY B 601 15.50 -3.80 -33.24
C GLY B 601 16.05 -4.05 -34.63
N THR B 602 17.18 -4.74 -34.68
CA THR B 602 17.84 -5.06 -35.94
C THR B 602 17.94 -6.58 -36.08
N ASP B 603 17.89 -7.05 -37.32
CA ASP B 603 17.99 -8.49 -37.58
C ASP B 603 19.37 -9.02 -37.18
N ALA B 604 20.31 -8.11 -36.96
CA ALA B 604 21.66 -8.48 -36.59
C ALA B 604 21.73 -9.06 -35.18
N LYS B 605 20.75 -8.71 -34.35
CA LYS B 605 20.72 -9.21 -32.98
C LYS B 605 19.93 -10.52 -32.91
N PRO B 606 20.19 -11.35 -31.90
CA PRO B 606 19.49 -12.64 -31.74
C PRO B 606 18.06 -12.54 -31.23
N GLU B 607 17.80 -11.57 -30.37
CA GLU B 607 16.48 -11.38 -29.79
C GLU B 607 16.03 -9.93 -29.94
N GLY B 608 14.72 -9.71 -30.03
CA GLY B 608 14.23 -8.35 -30.21
C GLY B 608 14.63 -7.83 -31.58
N LYS B 609 14.55 -8.70 -32.58
CA LYS B 609 14.91 -8.36 -33.96
C LYS B 609 14.02 -7.27 -34.56
N ILE B 610 12.71 -7.38 -34.33
CA ILE B 610 11.77 -6.41 -34.84
C ILE B 610 10.78 -5.96 -33.76
N TRP B 611 10.60 -4.66 -33.64
CA TRP B 611 9.69 -4.08 -32.66
C TRP B 611 8.56 -3.44 -33.44
N ILE B 612 7.33 -3.65 -32.97
CA ILE B 612 6.14 -3.15 -33.67
C ILE B 612 5.87 -1.65 -33.72
N GLU B 613 6.21 -0.91 -32.66
CA GLU B 613 5.88 0.52 -32.62
C GLU B 613 6.29 1.36 -33.82
N PRO B 614 7.57 1.29 -34.22
CA PRO B 614 8.00 2.09 -35.37
C PRO B 614 7.33 1.67 -36.69
N GLN B 615 7.09 0.37 -36.86
CA GLN B 615 6.47 -0.10 -38.09
C GLN B 615 5.10 0.56 -38.30
N GLY B 616 4.27 0.55 -37.27
CA GLY B 616 2.95 1.14 -37.40
C GLY B 616 2.98 2.65 -37.50
N PHE B 617 3.71 3.30 -36.61
CA PHE B 617 3.76 4.75 -36.60
C PHE B 617 4.48 5.40 -37.77
N ALA B 618 5.54 4.76 -38.27
CA ALA B 618 6.27 5.33 -39.40
C ALA B 618 5.37 5.34 -40.64
N VAL B 619 4.66 4.24 -40.89
CA VAL B 619 3.79 4.16 -42.05
C VAL B 619 2.59 5.10 -41.89
N MET B 620 2.13 5.29 -40.66
CA MET B 620 1.01 6.20 -40.39
C MET B 620 1.46 7.60 -40.78
N ALA B 621 2.75 7.87 -40.63
CA ALA B 621 3.34 9.17 -40.97
C ALA B 621 3.69 9.20 -42.44
N GLY B 622 3.30 8.16 -43.17
CA GLY B 622 3.57 8.08 -44.60
C GLY B 622 5.00 7.76 -44.99
N ILE B 623 5.84 7.43 -44.02
CA ILE B 623 7.23 7.10 -44.30
C ILE B 623 7.37 5.75 -45.00
N GLY B 624 8.07 5.74 -46.13
CA GLY B 624 8.27 4.50 -46.86
C GLY B 624 7.10 3.99 -47.70
N VAL B 625 6.04 4.79 -47.80
CA VAL B 625 4.88 4.39 -48.59
C VAL B 625 5.19 4.50 -50.09
N GLY B 626 4.96 3.41 -50.82
CA GLY B 626 5.25 3.40 -52.24
C GLY B 626 4.12 3.86 -53.15
N GLU B 627 3.94 3.12 -54.25
CA GLU B 627 2.90 3.45 -55.23
C GLU B 627 1.64 2.63 -55.08
N GLY B 628 1.68 1.61 -54.23
CA GLY B 628 0.52 0.79 -54.01
C GLY B 628 0.78 -0.35 -53.04
N PRO B 629 -0.26 -1.09 -52.64
CA PRO B 629 -0.14 -2.22 -51.71
C PRO B 629 0.67 -3.37 -52.29
N ASP B 630 0.75 -3.42 -53.62
CA ASP B 630 1.49 -4.48 -54.30
C ASP B 630 2.91 -4.05 -54.67
N ASP B 631 3.29 -2.85 -54.24
CA ASP B 631 4.63 -2.34 -54.50
C ASP B 631 5.55 -2.97 -53.46
N ALA B 632 5.86 -4.25 -53.64
CA ALA B 632 6.71 -4.99 -52.73
C ALA B 632 8.11 -4.42 -52.62
N ASP B 633 8.30 -3.23 -53.17
CA ASP B 633 9.59 -2.56 -53.14
C ASP B 633 9.63 -1.48 -52.06
N ALA B 634 8.46 -0.95 -51.72
CA ALA B 634 8.36 0.09 -50.71
C ALA B 634 8.67 -0.43 -49.30
N PRO B 635 9.49 0.30 -48.55
CA PRO B 635 9.84 -0.13 -47.19
C PRO B 635 8.61 -0.26 -46.28
N ALA B 636 7.60 0.58 -46.49
CA ALA B 636 6.38 0.51 -45.69
C ALA B 636 5.70 -0.85 -45.91
N VAL B 637 5.74 -1.33 -47.14
CA VAL B 637 5.14 -2.63 -47.44
C VAL B 637 6.00 -3.75 -46.85
N LYS B 638 7.32 -3.61 -46.95
CA LYS B 638 8.23 -4.61 -46.40
C LYS B 638 8.09 -4.68 -44.89
N ALA B 639 7.99 -3.52 -44.26
CA ALA B 639 7.84 -3.44 -42.82
C ALA B 639 6.57 -4.16 -42.37
N LEU B 640 5.45 -3.82 -42.98
CA LEU B 640 4.18 -4.43 -42.62
C LEU B 640 4.17 -5.94 -42.88
N ASP B 641 4.82 -6.37 -43.95
CA ASP B 641 4.89 -7.80 -44.26
C ASP B 641 5.67 -8.50 -43.14
N SER B 642 6.75 -7.86 -42.70
CA SER B 642 7.57 -8.42 -41.63
C SER B 642 6.75 -8.52 -40.34
N VAL B 643 5.96 -7.49 -40.07
CA VAL B 643 5.11 -7.47 -38.87
C VAL B 643 4.16 -8.66 -38.87
N ASN B 644 3.48 -8.84 -39.98
CA ASN B 644 2.53 -9.94 -40.14
C ASN B 644 3.17 -11.29 -39.90
N GLU B 645 4.33 -11.52 -40.51
CA GLU B 645 5.02 -12.79 -40.40
C GLU B 645 5.71 -13.09 -39.07
N MET B 646 6.38 -12.08 -38.50
CA MET B 646 7.12 -12.28 -37.27
C MET B 646 6.39 -11.93 -35.96
N LEU B 647 5.40 -11.04 -36.03
CA LEU B 647 4.68 -10.63 -34.82
C LEU B 647 3.24 -11.12 -34.74
N GLY B 648 2.72 -11.61 -35.85
CA GLY B 648 1.34 -12.08 -35.87
C GLY B 648 1.02 -13.35 -35.11
N THR B 649 -0.14 -13.34 -34.45
CA THR B 649 -0.65 -14.50 -33.71
C THR B 649 -2.17 -14.40 -33.79
N PRO B 650 -2.88 -15.48 -33.45
CA PRO B 650 -4.35 -15.50 -33.49
C PRO B 650 -5.00 -14.49 -32.53
N HIS B 651 -4.24 -14.04 -31.53
CA HIS B 651 -4.78 -13.11 -30.53
C HIS B 651 -4.33 -11.67 -30.72
N GLY B 652 -3.57 -11.41 -31.79
CA GLY B 652 -3.07 -10.07 -32.02
C GLY B 652 -1.58 -10.08 -32.31
N LEU B 653 -0.99 -8.91 -32.46
CA LEU B 653 0.43 -8.76 -32.76
C LEU B 653 1.29 -8.49 -31.53
N VAL B 654 2.32 -9.31 -31.32
CA VAL B 654 3.21 -9.12 -30.17
C VAL B 654 4.09 -7.89 -30.38
N LEU B 655 4.56 -7.30 -29.29
CA LEU B 655 5.37 -6.09 -29.36
C LEU B 655 6.69 -6.27 -30.12
N GLN B 656 7.46 -7.31 -29.81
CA GLN B 656 8.70 -7.56 -30.53
C GLN B 656 8.97 -9.06 -30.62
N TYR B 657 9.91 -9.42 -31.50
CA TYR B 657 10.26 -10.81 -31.71
C TYR B 657 11.73 -10.95 -32.11
N PRO B 658 12.45 -11.91 -31.50
CA PRO B 658 11.95 -12.80 -30.46
C PRO B 658 11.96 -12.03 -29.14
N ALA B 659 11.31 -12.56 -28.11
CA ALA B 659 11.33 -11.88 -26.82
C ALA B 659 12.69 -12.10 -26.19
N TYR B 660 13.09 -11.22 -25.28
CA TYR B 660 14.39 -11.35 -24.61
C TYR B 660 14.34 -12.43 -23.53
N THR B 661 15.34 -13.30 -23.50
CA THR B 661 15.39 -14.40 -22.54
C THR B 661 16.34 -14.19 -21.36
N THR B 662 17.14 -13.14 -21.42
CA THR B 662 18.06 -12.80 -20.33
C THR B 662 18.04 -11.30 -20.18
N TYR B 663 18.36 -10.81 -18.99
CA TYR B 663 18.36 -9.38 -18.70
C TYR B 663 19.36 -8.60 -19.55
N GLN B 664 18.85 -7.66 -20.34
CA GLN B 664 19.67 -6.80 -21.18
C GLN B 664 19.77 -5.47 -20.42
N ILE B 665 20.84 -5.34 -19.63
CA ILE B 665 21.06 -4.18 -18.80
C ILE B 665 20.94 -2.82 -19.51
N GLU B 666 21.31 -2.76 -20.78
CA GLU B 666 21.25 -1.51 -21.52
C GLU B 666 19.85 -1.13 -22.06
N LEU B 667 18.88 -2.05 -21.96
CA LEU B 667 17.54 -1.76 -22.47
C LEU B 667 16.49 -1.41 -21.40
N GLY B 668 16.87 -1.51 -20.13
CA GLY B 668 15.94 -1.17 -19.07
C GLY B 668 14.99 -2.25 -18.59
N GLU B 669 13.73 -1.87 -18.36
CA GLU B 669 12.73 -2.78 -17.85
C GLU B 669 12.24 -3.87 -18.81
N VAL B 670 12.23 -3.59 -20.11
CA VAL B 670 11.72 -4.56 -21.08
C VAL B 670 12.08 -6.04 -20.89
N SER B 671 13.36 -6.38 -20.80
CA SER B 671 13.75 -7.77 -20.63
C SER B 671 13.54 -8.35 -19.24
N THR B 672 12.97 -7.58 -18.32
CA THR B 672 12.75 -8.09 -16.97
C THR B 672 11.45 -8.92 -16.91
N TYR B 673 10.62 -8.81 -17.94
CA TYR B 673 9.37 -9.59 -17.99
C TYR B 673 9.64 -10.95 -18.62
N PRO B 674 9.06 -12.02 -18.08
CA PRO B 674 9.30 -13.33 -18.71
C PRO B 674 8.70 -13.24 -20.12
N PRO B 675 9.29 -13.94 -21.09
CA PRO B 675 8.79 -13.90 -22.47
C PRO B 675 7.29 -14.12 -22.69
N GLY B 676 6.70 -13.21 -23.47
CA GLY B 676 5.29 -13.30 -23.80
C GLY B 676 4.36 -12.40 -23.00
N TYR B 677 4.88 -11.74 -21.97
CA TYR B 677 4.03 -10.88 -21.15
C TYR B 677 4.43 -9.41 -21.22
N LYS B 678 3.43 -8.55 -21.18
CA LYS B 678 3.62 -7.11 -21.22
C LYS B 678 4.57 -6.69 -22.36
N GLU B 679 5.45 -5.75 -22.08
CA GLU B 679 6.37 -5.23 -23.10
C GLU B 679 7.39 -6.20 -23.68
N ASN B 680 7.54 -7.39 -23.08
CA ASN B 680 8.49 -8.36 -23.59
C ASN B 680 7.80 -9.52 -24.28
N GLY B 681 7.31 -9.31 -25.50
CA GLY B 681 6.67 -10.38 -26.22
C GLY B 681 5.17 -10.49 -26.02
N GLY B 682 4.61 -9.60 -25.21
CA GLY B 682 3.18 -9.65 -25.00
C GLY B 682 2.47 -8.88 -26.10
N ILE B 683 1.17 -9.12 -26.24
CA ILE B 683 0.40 -8.39 -27.23
C ILE B 683 -0.05 -7.12 -26.50
N PHE B 684 0.62 -6.01 -26.79
CA PHE B 684 0.26 -4.73 -26.16
C PHE B 684 -0.74 -4.10 -27.12
N CYS B 685 -2.00 -4.45 -26.93
CA CYS B 685 -3.11 -4.02 -27.79
C CYS B 685 -3.07 -2.56 -28.27
N HIS B 686 -2.59 -1.67 -27.41
CA HIS B 686 -2.52 -0.23 -27.74
C HIS B 686 -1.84 0.03 -29.09
N ASN B 687 -0.71 -0.63 -29.36
CA ASN B 687 0.01 -0.39 -30.61
C ASN B 687 -0.47 -1.19 -31.81
N ASN B 688 -1.46 -2.08 -31.61
CA ASN B 688 -1.98 -2.85 -32.74
C ASN B 688 -2.77 -1.95 -33.69
N PRO B 689 -3.56 -1.00 -33.15
CA PRO B 689 -4.33 -0.13 -34.05
C PRO B 689 -3.41 0.70 -34.95
N TRP B 690 -2.16 0.89 -34.54
CA TRP B 690 -1.23 1.66 -35.37
C TRP B 690 -0.92 0.87 -36.64
N VAL B 691 -0.82 -0.45 -36.51
CA VAL B 691 -0.56 -1.29 -37.67
C VAL B 691 -1.84 -1.36 -38.51
N ILE B 692 -2.98 -1.38 -37.84
CA ILE B 692 -4.27 -1.43 -38.54
C ILE B 692 -4.36 -0.21 -39.46
N ILE B 693 -4.14 0.96 -38.88
CA ILE B 693 -4.18 2.21 -39.63
C ILE B 693 -3.12 2.21 -40.72
N ALA B 694 -1.93 1.74 -40.39
CA ALA B 694 -0.84 1.69 -41.38
C ALA B 694 -1.27 0.87 -42.59
N GLU B 695 -1.94 -0.25 -42.34
CA GLU B 695 -2.40 -1.11 -43.42
C GLU B 695 -3.45 -0.42 -44.29
N THR B 696 -4.25 0.46 -43.70
CA THR B 696 -5.25 1.16 -44.51
C THR B 696 -4.56 2.23 -45.35
N VAL B 697 -3.50 2.82 -44.81
CA VAL B 697 -2.76 3.84 -45.54
C VAL B 697 -2.16 3.23 -46.80
N VAL B 698 -1.53 2.06 -46.63
CA VAL B 698 -0.90 1.37 -47.74
C VAL B 698 -1.94 0.77 -48.71
N GLY B 699 -3.18 0.71 -48.25
CA GLY B 699 -4.23 0.17 -49.10
C GLY B 699 -4.54 -1.31 -48.96
N ARG B 700 -4.29 -1.87 -47.78
CA ARG B 700 -4.56 -3.29 -47.57
C ARG B 700 -5.66 -3.44 -46.52
N GLY B 701 -6.86 -2.98 -46.88
CA GLY B 701 -8.01 -3.01 -46.00
C GLY B 701 -8.38 -4.37 -45.42
N ALA B 702 -8.23 -5.43 -46.21
CA ALA B 702 -8.57 -6.76 -45.72
C ALA B 702 -7.70 -7.15 -44.53
N GLN B 703 -6.39 -6.90 -44.63
CA GLN B 703 -5.49 -7.26 -43.55
C GLN B 703 -5.72 -6.37 -42.34
N ALA B 704 -6.01 -5.10 -42.57
CA ALA B 704 -6.26 -4.17 -41.47
C ALA B 704 -7.49 -4.65 -40.67
N PHE B 705 -8.58 -4.95 -41.37
CA PHE B 705 -9.79 -5.41 -40.71
C PHE B 705 -9.54 -6.71 -39.94
N ASP B 706 -8.66 -7.56 -40.48
CA ASP B 706 -8.32 -8.83 -39.84
C ASP B 706 -7.71 -8.57 -38.46
N TYR B 707 -6.70 -7.70 -38.41
CA TYR B 707 -6.02 -7.35 -37.18
C TYR B 707 -6.99 -6.75 -36.16
N TYR B 708 -7.93 -5.95 -36.65
CA TYR B 708 -8.94 -5.32 -35.80
C TYR B 708 -9.72 -6.38 -35.04
N LYS B 709 -10.20 -7.40 -35.77
CA LYS B 709 -10.98 -8.47 -35.19
C LYS B 709 -10.22 -9.37 -34.23
N ARG B 710 -8.92 -9.50 -34.41
CA ARG B 710 -8.14 -10.36 -33.53
C ARG B 710 -8.15 -9.90 -32.08
N ILE B 711 -8.23 -8.58 -31.86
CA ILE B 711 -8.20 -8.04 -30.50
C ILE B 711 -9.47 -7.36 -30.02
N THR B 712 -10.50 -7.32 -30.85
CA THR B 712 -11.74 -6.65 -30.46
C THR B 712 -12.68 -7.55 -29.66
N PRO B 713 -13.17 -7.04 -28.51
CA PRO B 713 -14.07 -7.72 -27.58
C PRO B 713 -15.16 -8.58 -28.21
N ALA B 714 -16.04 -7.97 -28.99
CA ALA B 714 -17.14 -8.68 -29.64
C ALA B 714 -16.71 -9.92 -30.42
N TYR B 715 -15.52 -9.87 -31.03
CA TYR B 715 -15.03 -11.00 -31.82
C TYR B 715 -14.33 -12.05 -30.95
N ARG B 716 -13.93 -11.66 -29.75
CA ARG B 716 -13.26 -12.58 -28.83
C ARG B 716 -14.20 -13.13 -27.77
N GLU B 717 -15.46 -12.72 -27.79
CA GLU B 717 -16.42 -13.21 -26.79
C GLU B 717 -16.57 -14.72 -26.82
N ASP B 718 -16.46 -15.32 -28.00
CA ASP B 718 -16.61 -16.77 -28.12
C ASP B 718 -15.50 -17.58 -27.45
N ILE B 719 -14.41 -16.92 -27.06
CA ILE B 719 -13.33 -17.60 -26.36
C ILE B 719 -13.09 -16.95 -25.00
N SER B 720 -14.19 -16.62 -24.32
CA SER B 720 -14.14 -15.99 -23.00
C SER B 720 -13.30 -16.73 -21.97
N ASP B 721 -13.31 -18.06 -22.04
CA ASP B 721 -12.54 -18.87 -21.10
C ASP B 721 -11.04 -18.78 -21.38
N THR B 722 -10.67 -18.13 -22.49
CA THR B 722 -9.26 -17.96 -22.82
C THR B 722 -8.84 -16.52 -22.53
N HIS B 723 -9.63 -15.56 -23.02
CA HIS B 723 -9.36 -14.13 -22.77
C HIS B 723 -9.46 -13.87 -21.27
N LYS B 724 -10.40 -14.56 -20.62
CA LYS B 724 -10.68 -14.50 -19.19
C LYS B 724 -11.29 -13.21 -18.63
N LEU B 725 -10.84 -12.06 -19.12
CA LEU B 725 -11.36 -10.79 -18.64
C LEU B 725 -12.66 -10.38 -19.32
N GLU B 726 -13.16 -9.18 -19.01
CA GLU B 726 -14.42 -8.70 -19.59
C GLU B 726 -14.48 -8.86 -21.10
N PRO B 727 -15.55 -9.48 -21.61
CA PRO B 727 -15.72 -9.69 -23.05
C PRO B 727 -16.28 -8.48 -23.80
N TYR B 728 -16.53 -7.39 -23.08
CA TYR B 728 -17.09 -6.19 -23.71
C TYR B 728 -16.20 -4.94 -23.76
N VAL B 729 -14.95 -5.07 -23.31
CA VAL B 729 -14.02 -3.93 -23.35
C VAL B 729 -12.61 -4.39 -23.64
N TYR B 730 -11.81 -3.51 -24.23
CA TYR B 730 -10.41 -3.83 -24.54
C TYR B 730 -9.58 -3.86 -23.26
N ALA B 731 -8.48 -4.61 -23.31
CA ALA B 731 -7.57 -4.72 -22.18
C ALA B 731 -6.22 -4.23 -22.68
N GLN B 732 -5.30 -4.00 -21.74
CA GLN B 732 -3.98 -3.51 -22.11
C GLN B 732 -3.09 -4.55 -22.78
N MET B 733 -3.14 -5.78 -22.29
CA MET B 733 -2.29 -6.80 -22.88
C MET B 733 -2.84 -8.20 -22.87
N ILE B 734 -2.54 -8.91 -23.94
CA ILE B 734 -2.95 -10.30 -24.09
C ILE B 734 -1.65 -11.09 -24.19
N ALA B 735 -1.52 -12.15 -23.40
CA ALA B 735 -0.30 -12.96 -23.41
C ALA B 735 0.01 -13.35 -24.87
N GLY B 736 1.25 -13.10 -25.29
CA GLY B 736 1.61 -13.43 -26.66
C GLY B 736 2.12 -14.84 -26.80
N LYS B 737 2.50 -15.22 -28.03
CA LYS B 737 3.04 -16.56 -28.23
C LYS B 737 4.33 -16.43 -27.43
N GLU B 738 4.85 -17.55 -26.95
CA GLU B 738 6.08 -17.60 -26.14
C GLU B 738 5.70 -17.65 -24.67
N ALA B 739 4.44 -17.36 -24.36
CA ALA B 739 3.96 -17.41 -22.98
C ALA B 739 3.04 -18.63 -22.84
N VAL B 740 3.20 -19.38 -21.75
CA VAL B 740 2.37 -20.55 -21.52
C VAL B 740 0.90 -20.14 -21.42
N ARG B 741 0.65 -18.87 -21.10
CA ARG B 741 -0.71 -18.35 -20.97
C ARG B 741 -1.25 -17.63 -22.21
N ALA B 742 -0.64 -17.87 -23.37
CA ALA B 742 -1.03 -17.22 -24.62
C ALA B 742 -2.55 -17.06 -24.81
N GLY B 743 -3.00 -15.84 -25.08
CA GLY B 743 -4.43 -15.60 -25.27
C GLY B 743 -5.11 -15.03 -24.04
N GLU B 744 -4.44 -15.13 -22.89
CA GLU B 744 -4.99 -14.63 -21.63
C GLU B 744 -4.63 -13.16 -21.41
N ALA B 745 -5.65 -12.36 -21.12
CA ALA B 745 -5.46 -10.92 -20.93
C ALA B 745 -5.31 -10.48 -19.47
N LYS B 746 -4.75 -9.29 -19.30
CA LYS B 746 -4.56 -8.67 -18.00
C LYS B 746 -4.79 -7.17 -18.19
N ASN B 747 -5.10 -6.46 -17.10
CA ASN B 747 -5.30 -5.02 -17.16
C ASN B 747 -6.39 -4.54 -18.13
N SER B 748 -7.61 -5.03 -17.91
CA SER B 748 -8.75 -4.68 -18.74
C SER B 748 -9.25 -3.26 -18.44
N TRP B 749 -10.07 -2.72 -19.34
CA TRP B 749 -10.67 -1.40 -19.21
C TRP B 749 -9.80 -0.15 -19.40
N LEU B 750 -8.85 0.06 -18.50
CA LEU B 750 -8.02 1.25 -18.58
C LEU B 750 -6.83 1.09 -19.50
N THR B 751 -7.02 1.46 -20.76
CA THR B 751 -5.98 1.35 -21.75
C THR B 751 -6.24 2.23 -22.97
N GLY B 752 -5.17 2.81 -23.51
CA GLY B 752 -5.30 3.66 -24.67
C GLY B 752 -5.72 2.88 -25.91
N THR B 753 -5.80 1.56 -25.83
CA THR B 753 -6.21 0.82 -27.01
C THR B 753 -7.68 1.08 -27.30
N ALA B 754 -8.42 1.59 -26.31
CA ALA B 754 -9.84 1.89 -26.53
C ALA B 754 -9.94 3.09 -27.48
N ALA B 755 -9.24 4.16 -27.15
CA ALA B 755 -9.26 5.37 -27.98
C ALA B 755 -8.64 5.10 -29.34
N TRP B 756 -7.51 4.40 -29.39
CA TRP B 756 -6.87 4.13 -30.66
C TRP B 756 -7.64 3.17 -31.57
N ASN B 757 -8.39 2.25 -30.97
CA ASN B 757 -9.17 1.33 -31.78
C ASN B 757 -10.41 2.04 -32.30
N PHE B 758 -10.96 2.98 -31.54
CA PHE B 758 -12.13 3.69 -32.05
C PHE B 758 -11.68 4.55 -33.21
N VAL B 759 -10.48 5.12 -33.08
CA VAL B 759 -9.92 5.94 -34.13
C VAL B 759 -9.78 5.07 -35.39
N ALA B 760 -9.12 3.93 -35.23
CA ALA B 760 -8.90 3.01 -36.34
C ALA B 760 -10.17 2.58 -37.08
N VAL B 761 -11.14 2.04 -36.34
CA VAL B 761 -12.35 1.56 -36.98
C VAL B 761 -13.27 2.64 -37.52
N SER B 762 -13.48 3.70 -36.75
CA SER B 762 -14.37 4.78 -37.16
C SER B 762 -13.81 5.69 -38.25
N GLN B 763 -12.52 5.99 -38.16
CA GLN B 763 -11.91 6.92 -39.11
C GLN B 763 -11.13 6.31 -40.27
N TYR B 764 -10.59 5.11 -40.09
CA TYR B 764 -9.79 4.50 -41.16
C TYR B 764 -10.36 3.24 -41.80
N LEU B 765 -11.01 2.39 -41.01
CA LEU B 765 -11.61 1.18 -41.55
C LEU B 765 -12.94 1.62 -42.19
N LEU B 766 -13.87 2.12 -41.36
CA LEU B 766 -15.14 2.60 -41.89
C LEU B 766 -14.83 3.83 -42.75
N GLY B 767 -13.74 4.53 -42.42
CA GLY B 767 -13.29 5.66 -43.22
C GLY B 767 -13.82 7.05 -43.04
N VAL B 768 -14.60 7.30 -41.99
CA VAL B 768 -15.14 8.63 -41.80
C VAL B 768 -14.33 9.40 -40.76
N ARG B 769 -13.56 10.38 -41.22
CA ARG B 769 -12.73 11.16 -40.32
C ARG B 769 -12.73 12.65 -40.61
N PRO B 770 -12.91 13.46 -39.56
CA PRO B 770 -12.95 14.93 -39.66
C PRO B 770 -11.60 15.53 -40.03
N ASP B 771 -11.61 16.49 -40.94
CA ASP B 771 -10.37 17.17 -41.28
C ASP B 771 -10.62 18.63 -40.94
N TYR B 772 -9.63 19.50 -41.16
CA TYR B 772 -9.79 20.90 -40.82
C TYR B 772 -10.92 21.62 -41.55
N ASP B 773 -11.05 21.38 -42.85
CA ASP B 773 -12.07 22.06 -43.64
C ASP B 773 -13.17 21.15 -44.19
N GLY B 774 -13.07 19.86 -43.98
CA GLY B 774 -14.09 18.96 -44.48
C GLY B 774 -14.07 17.59 -43.84
N LEU B 775 -15.02 16.76 -44.25
CA LEU B 775 -15.14 15.40 -43.72
C LEU B 775 -14.65 14.44 -44.80
N VAL B 776 -13.56 13.72 -44.51
CA VAL B 776 -13.05 12.78 -45.51
C VAL B 776 -13.73 11.44 -45.34
N VAL B 777 -14.13 10.86 -46.46
CA VAL B 777 -14.79 9.56 -46.47
C VAL B 777 -13.89 8.68 -47.31
N ASP B 778 -13.04 7.93 -46.62
CA ASP B 778 -12.05 7.09 -47.27
C ASP B 778 -12.06 5.66 -46.72
N PRO B 779 -13.13 4.89 -47.01
CA PRO B 779 -13.23 3.51 -46.54
C PRO B 779 -12.03 2.67 -46.96
N GLN B 780 -11.70 1.68 -46.13
CA GLN B 780 -10.58 0.78 -46.40
C GLN B 780 -10.71 -0.32 -45.35
N ILE B 781 -11.70 -1.18 -45.55
CA ILE B 781 -11.99 -2.26 -44.61
C ILE B 781 -11.98 -3.65 -45.24
N GLY B 782 -11.79 -3.71 -46.55
CA GLY B 782 -11.76 -5.01 -47.20
C GLY B 782 -13.13 -5.52 -47.59
N PRO B 783 -13.20 -6.74 -48.16
CA PRO B 783 -14.44 -7.38 -48.61
C PRO B 783 -15.42 -7.95 -47.57
N ASP B 784 -14.99 -8.09 -46.33
CA ASP B 784 -15.89 -8.66 -45.31
C ASP B 784 -17.06 -7.77 -44.90
N VAL B 785 -17.05 -6.51 -45.32
CA VAL B 785 -18.14 -5.58 -45.01
C VAL B 785 -18.50 -4.88 -46.32
N PRO B 786 -19.24 -5.57 -47.20
CA PRO B 786 -19.69 -5.10 -48.52
C PRO B 786 -20.55 -3.85 -48.55
N SER B 787 -21.32 -3.62 -47.50
CA SER B 787 -22.16 -2.43 -47.46
C SER B 787 -22.48 -1.99 -46.04
N TYR B 788 -22.49 -0.68 -45.85
CA TYR B 788 -22.81 -0.13 -44.54
C TYR B 788 -23.16 1.34 -44.69
N THR B 789 -23.79 1.87 -43.65
CA THR B 789 -24.17 3.25 -43.64
C THR B 789 -23.70 3.85 -42.33
N VAL B 790 -22.99 4.96 -42.42
CA VAL B 790 -22.52 5.64 -41.23
C VAL B 790 -23.28 6.94 -41.11
N THR B 791 -23.73 7.24 -39.90
CA THR B 791 -24.44 8.46 -39.62
C THR B 791 -23.47 9.26 -38.77
N ARG B 792 -23.00 10.39 -39.29
CA ARG B 792 -22.05 11.21 -38.58
C ARG B 792 -22.45 12.67 -38.44
N VAL B 793 -22.53 13.13 -37.19
CA VAL B 793 -22.84 14.53 -36.93
C VAL B 793 -21.49 15.21 -36.84
N ALA B 794 -21.29 16.26 -37.63
CA ALA B 794 -20.02 16.98 -37.62
C ALA B 794 -20.25 18.43 -37.97
N ARG B 795 -19.72 19.32 -37.13
CA ARG B 795 -19.86 20.76 -37.31
C ARG B 795 -21.34 21.15 -37.39
N GLY B 796 -22.17 20.50 -36.59
CA GLY B 796 -23.59 20.82 -36.57
C GLY B 796 -24.46 20.25 -37.66
N ALA B 797 -23.85 19.60 -38.65
CA ALA B 797 -24.61 19.01 -39.74
C ALA B 797 -24.59 17.49 -39.64
N THR B 798 -25.60 16.85 -40.20
CA THR B 798 -25.67 15.40 -40.16
C THR B 798 -25.33 14.82 -41.53
N TYR B 799 -24.37 13.91 -41.54
CA TYR B 799 -23.92 13.27 -42.76
C TYR B 799 -24.38 11.82 -42.79
N GLU B 800 -25.15 11.46 -43.81
CA GLU B 800 -25.63 10.09 -43.99
C GLU B 800 -24.76 9.49 -45.07
N ILE B 801 -23.77 8.70 -44.66
CA ILE B 801 -22.81 8.10 -45.56
C ILE B 801 -23.16 6.65 -45.92
N THR B 802 -23.61 6.45 -47.15
CA THR B 802 -24.00 5.13 -47.64
C THR B 802 -22.88 4.53 -48.49
N VAL B 803 -22.29 3.45 -47.98
CA VAL B 803 -21.17 2.82 -48.67
C VAL B 803 -21.44 1.47 -49.30
N THR B 804 -21.00 1.34 -50.56
CA THR B 804 -21.09 0.10 -51.32
C THR B 804 -19.61 -0.24 -51.47
N ASN B 805 -19.16 -1.25 -50.74
CA ASN B 805 -17.75 -1.62 -50.72
C ASN B 805 -17.34 -2.93 -51.38
N SER B 806 -16.62 -2.81 -52.50
CA SER B 806 -16.14 -3.98 -53.23
C SER B 806 -15.05 -4.71 -52.45
N GLY B 807 -14.31 -3.96 -51.64
CA GLY B 807 -13.24 -4.55 -50.85
C GLY B 807 -12.00 -4.82 -51.70
N ALA B 808 -12.08 -4.51 -52.98
CA ALA B 808 -10.98 -4.71 -53.90
C ALA B 808 -9.67 -4.23 -53.27
N PRO B 809 -8.61 -5.05 -53.33
CA PRO B 809 -7.32 -4.68 -52.76
C PRO B 809 -6.74 -3.39 -53.32
N GLY B 810 -6.63 -2.38 -52.47
CA GLY B 810 -6.07 -1.10 -52.89
C GLY B 810 -7.07 -0.11 -53.45
N ALA B 811 -8.31 -0.55 -53.67
CA ALA B 811 -9.33 0.34 -54.22
C ALA B 811 -9.80 1.36 -53.19
N ARG B 812 -9.82 2.63 -53.59
CA ARG B 812 -10.26 3.69 -52.70
C ARG B 812 -11.52 4.34 -53.28
N ALA B 813 -12.29 4.99 -52.42
CA ALA B 813 -13.57 5.59 -52.80
C ALA B 813 -13.65 6.83 -53.69
N SER B 814 -14.82 6.98 -54.31
CA SER B 814 -15.17 8.13 -55.14
C SER B 814 -16.55 8.51 -54.61
N LEU B 815 -16.78 9.80 -54.41
CA LEU B 815 -18.04 10.24 -53.83
C LEU B 815 -18.97 11.07 -54.71
N THR B 816 -20.24 11.04 -54.35
CA THR B 816 -21.29 11.82 -54.99
C THR B 816 -22.02 12.41 -53.80
N VAL B 817 -22.22 13.72 -53.80
CA VAL B 817 -22.88 14.38 -52.69
C VAL B 817 -24.18 15.05 -53.10
N ASP B 818 -25.27 14.64 -52.45
CA ASP B 818 -26.59 15.20 -52.72
C ASP B 818 -26.93 15.19 -54.20
N GLY B 819 -26.79 14.03 -54.83
CA GLY B 819 -27.10 13.89 -56.24
C GLY B 819 -26.07 14.41 -57.23
N ALA B 820 -24.85 14.68 -56.77
CA ALA B 820 -23.83 15.19 -57.66
C ALA B 820 -22.42 14.73 -57.27
N PRO B 821 -21.71 14.07 -58.21
CA PRO B 821 -20.36 13.58 -57.93
C PRO B 821 -19.40 14.72 -57.58
N VAL B 822 -18.44 14.40 -56.73
CA VAL B 822 -17.45 15.38 -56.31
C VAL B 822 -16.06 14.75 -56.50
N ASP B 823 -15.03 15.59 -56.50
CA ASP B 823 -13.67 15.10 -56.67
C ASP B 823 -13.02 14.86 -55.32
N GLY B 824 -12.24 13.78 -55.23
CA GLY B 824 -11.58 13.48 -53.97
C GLY B 824 -12.51 12.80 -52.99
N ARG B 825 -12.05 12.65 -51.75
CA ARG B 825 -12.86 12.00 -50.72
C ARG B 825 -13.12 12.92 -49.55
N THR B 826 -13.00 14.22 -49.77
CA THR B 826 -13.25 15.19 -48.71
C THR B 826 -14.47 16.05 -49.02
N VAL B 827 -15.51 15.91 -48.20
CA VAL B 827 -16.73 16.66 -48.37
C VAL B 827 -16.66 17.93 -47.54
N PRO B 828 -16.60 19.09 -48.20
CA PRO B 828 -16.53 20.34 -47.45
C PRO B 828 -17.66 20.37 -46.42
N TYR B 829 -17.37 20.90 -45.24
CA TYR B 829 -18.38 20.93 -44.19
C TYR B 829 -19.60 21.71 -44.61
N ALA B 830 -20.77 21.10 -44.46
CA ALA B 830 -22.03 21.76 -44.81
C ALA B 830 -22.47 22.62 -43.62
N PRO B 831 -23.34 23.61 -43.86
CA PRO B 831 -23.80 24.46 -42.76
C PRO B 831 -24.56 23.70 -41.68
N ALA B 832 -24.54 24.23 -40.46
CA ALA B 832 -25.20 23.61 -39.33
C ALA B 832 -26.68 23.40 -39.62
N GLY B 833 -27.27 22.39 -39.00
CA GLY B 833 -28.68 22.08 -39.19
C GLY B 833 -28.95 21.35 -40.48
N SER B 834 -27.94 21.30 -41.34
CA SER B 834 -28.03 20.65 -42.63
C SER B 834 -27.97 19.11 -42.52
N THR B 835 -28.39 18.44 -43.57
CA THR B 835 -28.36 16.97 -43.63
C THR B 835 -27.85 16.61 -45.02
N VAL B 836 -26.59 16.21 -45.13
CA VAL B 836 -26.06 15.87 -46.44
C VAL B 836 -26.01 14.35 -46.64
N ARG B 837 -26.32 13.93 -47.85
CA ARG B 837 -26.33 12.52 -48.18
C ARG B 837 -25.21 12.24 -49.17
N VAL B 838 -24.22 11.49 -48.71
CA VAL B 838 -23.09 11.15 -49.55
C VAL B 838 -23.15 9.68 -49.92
N GLU B 839 -23.00 9.41 -51.22
CA GLU B 839 -23.02 8.06 -51.74
C GLU B 839 -21.57 7.68 -52.01
N VAL B 840 -21.12 6.61 -51.38
CA VAL B 840 -19.74 6.16 -51.51
C VAL B 840 -19.61 4.87 -52.29
N THR B 841 -18.67 4.84 -53.22
CA THR B 841 -18.42 3.66 -54.04
C THR B 841 -16.94 3.30 -53.92
N VAL B 842 -16.67 2.13 -53.34
CA VAL B 842 -15.29 1.68 -53.18
C VAL B 842 -15.14 0.35 -53.89
C2 BGC C . 1.49 9.01 15.32
C3 BGC C . 2.75 8.85 16.18
C4 BGC C . 3.84 8.14 15.37
C5 BGC C . 4.08 8.83 14.03
C6 BGC C . 5.04 8.04 13.15
C1 BGC C . 1.85 9.72 14.01
O1 BGC C . 0.72 9.81 13.21
O2 BGC C . 0.51 9.76 16.02
O3 BGC C . 2.44 8.10 17.34
O4 BGC C . 5.05 8.13 16.13
O5 BGC C . 2.84 8.95 13.30
O6 BGC C . 5.17 8.61 11.86
P PO4 D . 6.73 4.55 21.01
O1 PO4 D . 8.00 3.83 20.77
O2 PO4 D . 5.81 3.67 21.78
O3 PO4 D . 6.10 4.89 19.71
O4 PO4 D . 7.00 5.80 21.78
C1 GOL E . 7.26 9.13 19.26
O1 GOL E . 8.39 9.40 20.07
C2 GOL E . 6.05 8.63 20.04
O2 GOL E . 5.23 7.75 19.28
C3 GOL E . 5.20 9.80 20.54
O3 GOL E . 4.72 10.55 19.42
C2 BGC F . 4.85 -1.32 -17.17
C3 BGC F . 4.28 -0.28 -18.15
C4 BGC F . 3.58 0.86 -17.41
C5 BGC F . 4.47 1.44 -16.30
C6 BGC F . 3.69 2.42 -15.42
C1 BGC F . 5.73 -0.60 -16.12
O1 BGC F . 6.20 -1.51 -15.20
O2 BGC F . 5.64 -2.26 -17.88
O3 BGC F . 3.33 -0.92 -19.02
O4 BGC F . 3.26 1.90 -18.33
O5 BGC F . 4.95 0.38 -15.42
O6 BGC F . 4.46 2.83 -14.30
P PO4 G . -1.74 1.54 -22.34
O1 PO4 G . -0.83 1.85 -23.48
O2 PO4 G . -0.93 1.36 -21.11
O3 PO4 G . -2.50 0.30 -22.62
O4 PO4 G . -2.67 2.68 -22.15
C1 GOL H . 2.22 3.35 -22.25
O1 GOL H . 2.53 3.98 -23.48
C2 GOL H . 2.65 1.89 -22.18
O2 GOL H . 1.81 1.12 -21.33
C3 GOL H . 4.08 1.79 -21.67
O3 GOL H . 4.81 0.99 -22.58
#